data_3DYR
# 
_entry.id   3DYR 
# 
_audit_conform.dict_name       mmcif_pdbx.dic 
_audit_conform.dict_version    5.397 
_audit_conform.dict_location   http://mmcif.pdb.org/dictionaries/ascii/mmcif_pdbx.dic 
# 
loop_
_database_2.database_id 
_database_2.database_code 
_database_2.pdbx_database_accession 
_database_2.pdbx_DOI 
PDB   3DYR         pdb_00003dyr 10.2210/pdb3dyr/pdb 
RCSB  RCSB048657   ?            ?                   
WWPDB D_1000048657 ?            ?                   
# 
loop_
_pdbx_audit_revision_history.ordinal 
_pdbx_audit_revision_history.data_content_type 
_pdbx_audit_revision_history.major_revision 
_pdbx_audit_revision_history.minor_revision 
_pdbx_audit_revision_history.revision_date 
1 'Structure model' 1 0 2009-01-27 
2 'Structure model' 1 1 2011-07-13 
3 'Structure model' 1 2 2017-10-25 
4 'Structure model' 1 3 2019-07-24 
5 'Structure model' 1 4 2021-10-20 
6 'Structure model' 1 5 2024-10-09 
# 
_pdbx_audit_revision_details.ordinal             1 
_pdbx_audit_revision_details.revision_ordinal    1 
_pdbx_audit_revision_details.data_content_type   'Structure model' 
_pdbx_audit_revision_details.provider            repository 
_pdbx_audit_revision_details.type                'Initial release' 
_pdbx_audit_revision_details.description         ? 
_pdbx_audit_revision_details.details             ? 
# 
loop_
_pdbx_audit_revision_group.ordinal 
_pdbx_audit_revision_group.revision_ordinal 
_pdbx_audit_revision_group.data_content_type 
_pdbx_audit_revision_group.group 
1 2 'Structure model' 'Version format compliance' 
2 3 'Structure model' Advisory                    
3 3 'Structure model' 'Refinement description'    
4 4 'Structure model' 'Data collection'           
5 4 'Structure model' 'Refinement description'    
6 5 'Structure model' Advisory                    
7 5 'Structure model' 'Database references'       
8 6 'Structure model' 'Data collection'           
9 6 'Structure model' 'Structure summary'         
# 
loop_
_pdbx_audit_revision_category.ordinal 
_pdbx_audit_revision_category.revision_ordinal 
_pdbx_audit_revision_category.data_content_type 
_pdbx_audit_revision_category.category 
1  3 'Structure model' pdbx_unobs_or_zero_occ_atoms 
2  3 'Structure model' software                     
3  4 'Structure model' software                     
4  5 'Structure model' database_2                   
5  5 'Structure model' pdbx_unobs_or_zero_occ_atoms 
6  5 'Structure model' struct_ref_seq_dif           
7  6 'Structure model' chem_comp_atom               
8  6 'Structure model' chem_comp_bond               
9  6 'Structure model' pdbx_entry_details           
10 6 'Structure model' pdbx_modification_feature    
# 
loop_
_pdbx_audit_revision_item.ordinal 
_pdbx_audit_revision_item.revision_ordinal 
_pdbx_audit_revision_item.data_content_type 
_pdbx_audit_revision_item.item 
1 4 'Structure model' '_software.classification'            
2 4 'Structure model' '_software.contact_author'            
3 4 'Structure model' '_software.contact_author_email'      
4 4 'Structure model' '_software.language'                  
5 4 'Structure model' '_software.location'                  
6 4 'Structure model' '_software.name'                      
7 5 'Structure model' '_database_2.pdbx_DOI'                
8 5 'Structure model' '_database_2.pdbx_database_accession' 
9 5 'Structure model' '_struct_ref_seq_dif.details'         
# 
_pdbx_database_status.entry_id                        3DYR 
_pdbx_database_status.deposit_site                    RCSB 
_pdbx_database_status.process_site                    RCSB 
_pdbx_database_status.recvd_initial_deposition_date   2008-07-28 
_pdbx_database_status.status_code                     REL 
_pdbx_database_status.status_code_sf                  REL 
_pdbx_database_status.status_code_mr                  ? 
_pdbx_database_status.SG_entry                        ? 
_pdbx_database_status.status_code_cs                  ? 
_pdbx_database_status.pdb_format_compatible           Y 
_pdbx_database_status.methods_development_category    ? 
_pdbx_database_status.status_code_nmr_data            ? 
# 
loop_
_audit_author.name 
_audit_author.pdbx_ordinal 
'Ren, G.'          1 
'Bardwell, J.C.A.' 2 
'Xu, Z.'           3 
# 
_citation.id                        primary 
_citation.title                     'Properties of the thioredoxin fold superfamily are modulated by a single amino acid residue.' 
_citation.journal_abbrev            J.Biol.Chem. 
_citation.journal_volume            284 
_citation.page_first                10150 
_citation.page_last                 10159 
_citation.year                      2009 
_citation.journal_id_ASTM           JBCHA3 
_citation.country                   US 
_citation.journal_id_ISSN           0021-9258 
_citation.journal_id_CSD            0071 
_citation.book_publisher            ? 
_citation.pdbx_database_id_PubMed   19181668 
_citation.pdbx_database_id_DOI      10.1074/jbc.M809509200 
# 
loop_
_citation_author.citation_id 
_citation_author.name 
_citation_author.ordinal 
_citation_author.identifier_ORCID 
primary 'Ren, G.'         1  ? 
primary 'Stephan, D.'     2  ? 
primary 'Xu, Z.'          3  ? 
primary 'Zheng, Y.'       4  ? 
primary 'Tang, D.'        5  ? 
primary 'Harrison, R.S.'  6  ? 
primary 'Kurz, M.'        7  ? 
primary 'Jarrott, R.'     8  ? 
primary 'Shouldice, S.R.' 9  ? 
primary 'Hiniker, A.'     10 ? 
primary 'Martin, J.L.'    11 ? 
primary 'Heras, B.'       12 ? 
primary 'Bardwell, J.C.'  13 ? 
# 
loop_
_entity.id 
_entity.type 
_entity.src_method 
_entity.pdbx_description 
_entity.formula_weight 
_entity.pdbx_number_of_molecules 
_entity.pdbx_ec 
_entity.pdbx_mutation 
_entity.pdbx_fragment 
_entity.details 
1 polymer man Thioredoxin-1 11874.540 2   ? I76T ? ? 
2 water   nat water         18.015    135 ? ?    ? ? 
# 
_entity_name_com.entity_id   1 
_entity_name_com.name        Trx-1 
# 
_entity_poly.entity_id                      1 
_entity_poly.type                           'polypeptide(L)' 
_entity_poly.nstd_linkage                   no 
_entity_poly.nstd_monomer                   no 
_entity_poly.pdbx_seq_one_letter_code       
;GSDKIIHLTDDSFDTDVLKADGAILVDFWAEWCGPCKMIAPILDEIADEYQGKLTVAKLNIDQNPGTAPKYGIRGTPTLL
LFKNGEVAATKVGALSKGQLKEFLDANLAAA
;
_entity_poly.pdbx_seq_one_letter_code_can   
;GSDKIIHLTDDSFDTDVLKADGAILVDFWAEWCGPCKMIAPILDEIADEYQGKLTVAKLNIDQNPGTAPKYGIRGTPTLL
LFKNGEVAATKVGALSKGQLKEFLDANLAAA
;
_entity_poly.pdbx_strand_id                 A,B 
_entity_poly.pdbx_target_identifier         ? 
# 
_pdbx_entity_nonpoly.entity_id   2 
_pdbx_entity_nonpoly.name        water 
_pdbx_entity_nonpoly.comp_id     HOH 
# 
loop_
_entity_poly_seq.entity_id 
_entity_poly_seq.num 
_entity_poly_seq.mon_id 
_entity_poly_seq.hetero 
1 1   GLY n 
1 2   SER n 
1 3   ASP n 
1 4   LYS n 
1 5   ILE n 
1 6   ILE n 
1 7   HIS n 
1 8   LEU n 
1 9   THR n 
1 10  ASP n 
1 11  ASP n 
1 12  SER n 
1 13  PHE n 
1 14  ASP n 
1 15  THR n 
1 16  ASP n 
1 17  VAL n 
1 18  LEU n 
1 19  LYS n 
1 20  ALA n 
1 21  ASP n 
1 22  GLY n 
1 23  ALA n 
1 24  ILE n 
1 25  LEU n 
1 26  VAL n 
1 27  ASP n 
1 28  PHE n 
1 29  TRP n 
1 30  ALA n 
1 31  GLU n 
1 32  TRP n 
1 33  CYS n 
1 34  GLY n 
1 35  PRO n 
1 36  CYS n 
1 37  LYS n 
1 38  MET n 
1 39  ILE n 
1 40  ALA n 
1 41  PRO n 
1 42  ILE n 
1 43  LEU n 
1 44  ASP n 
1 45  GLU n 
1 46  ILE n 
1 47  ALA n 
1 48  ASP n 
1 49  GLU n 
1 50  TYR n 
1 51  GLN n 
1 52  GLY n 
1 53  LYS n 
1 54  LEU n 
1 55  THR n 
1 56  VAL n 
1 57  ALA n 
1 58  LYS n 
1 59  LEU n 
1 60  ASN n 
1 61  ILE n 
1 62  ASP n 
1 63  GLN n 
1 64  ASN n 
1 65  PRO n 
1 66  GLY n 
1 67  THR n 
1 68  ALA n 
1 69  PRO n 
1 70  LYS n 
1 71  TYR n 
1 72  GLY n 
1 73  ILE n 
1 74  ARG n 
1 75  GLY n 
1 76  THR n 
1 77  PRO n 
1 78  THR n 
1 79  LEU n 
1 80  LEU n 
1 81  LEU n 
1 82  PHE n 
1 83  LYS n 
1 84  ASN n 
1 85  GLY n 
1 86  GLU n 
1 87  VAL n 
1 88  ALA n 
1 89  ALA n 
1 90  THR n 
1 91  LYS n 
1 92  VAL n 
1 93  GLY n 
1 94  ALA n 
1 95  LEU n 
1 96  SER n 
1 97  LYS n 
1 98  GLY n 
1 99  GLN n 
1 100 LEU n 
1 101 LYS n 
1 102 GLU n 
1 103 PHE n 
1 104 LEU n 
1 105 ASP n 
1 106 ALA n 
1 107 ASN n 
1 108 LEU n 
1 109 ALA n 
1 110 ALA n 
1 111 ALA n 
# 
_entity_src_gen.entity_id                          1 
_entity_src_gen.pdbx_src_id                        1 
_entity_src_gen.pdbx_alt_source_flag               sample 
_entity_src_gen.pdbx_seq_type                      ? 
_entity_src_gen.pdbx_beg_seq_num                   ? 
_entity_src_gen.pdbx_end_seq_num                   ? 
_entity_src_gen.gene_src_common_name               ? 
_entity_src_gen.gene_src_genus                     ? 
_entity_src_gen.pdbx_gene_src_gene                 'trxA, fipA, tsnC, b3781, JW5856' 
_entity_src_gen.gene_src_species                   ? 
_entity_src_gen.gene_src_strain                    K12 
_entity_src_gen.gene_src_tissue                    ? 
_entity_src_gen.gene_src_tissue_fraction           ? 
_entity_src_gen.gene_src_details                   ? 
_entity_src_gen.pdbx_gene_src_fragment             ? 
_entity_src_gen.pdbx_gene_src_scientific_name      'Escherichia coli' 
_entity_src_gen.pdbx_gene_src_ncbi_taxonomy_id     83333 
_entity_src_gen.pdbx_gene_src_variant              ? 
_entity_src_gen.pdbx_gene_src_cell_line            ? 
_entity_src_gen.pdbx_gene_src_atcc                 ? 
_entity_src_gen.pdbx_gene_src_organ                ? 
_entity_src_gen.pdbx_gene_src_organelle            ? 
_entity_src_gen.pdbx_gene_src_cell                 ? 
_entity_src_gen.pdbx_gene_src_cellular_location    ? 
_entity_src_gen.host_org_common_name               ? 
_entity_src_gen.pdbx_host_org_scientific_name      'Escherichia coli' 
_entity_src_gen.pdbx_host_org_ncbi_taxonomy_id     562 
_entity_src_gen.host_org_genus                     ? 
_entity_src_gen.pdbx_host_org_gene                 ? 
_entity_src_gen.pdbx_host_org_organ                ? 
_entity_src_gen.host_org_species                   ? 
_entity_src_gen.pdbx_host_org_tissue               ? 
_entity_src_gen.pdbx_host_org_tissue_fraction      ? 
_entity_src_gen.pdbx_host_org_strain               ? 
_entity_src_gen.pdbx_host_org_variant              ? 
_entity_src_gen.pdbx_host_org_cell_line            ? 
_entity_src_gen.pdbx_host_org_atcc                 ? 
_entity_src_gen.pdbx_host_org_culture_collection   ? 
_entity_src_gen.pdbx_host_org_cell                 ? 
_entity_src_gen.pdbx_host_org_organelle            ? 
_entity_src_gen.pdbx_host_org_cellular_location    ? 
_entity_src_gen.pdbx_host_org_vector_type          ? 
_entity_src_gen.pdbx_host_org_vector               ? 
_entity_src_gen.host_org_details                   ? 
_entity_src_gen.expression_system_id               ? 
_entity_src_gen.plasmid_name                       ? 
_entity_src_gen.plasmid_details                    ? 
_entity_src_gen.pdbx_description                   ? 
# 
loop_
_chem_comp.id 
_chem_comp.type 
_chem_comp.mon_nstd_flag 
_chem_comp.name 
_chem_comp.pdbx_synonyms 
_chem_comp.formula 
_chem_comp.formula_weight 
ALA 'L-peptide linking' y ALANINE         ? 'C3 H7 N O2'     89.093  
ARG 'L-peptide linking' y ARGININE        ? 'C6 H15 N4 O2 1' 175.209 
ASN 'L-peptide linking' y ASPARAGINE      ? 'C4 H8 N2 O3'    132.118 
ASP 'L-peptide linking' y 'ASPARTIC ACID' ? 'C4 H7 N O4'     133.103 
CYS 'L-peptide linking' y CYSTEINE        ? 'C3 H7 N O2 S'   121.158 
GLN 'L-peptide linking' y GLUTAMINE       ? 'C5 H10 N2 O3'   146.144 
GLU 'L-peptide linking' y 'GLUTAMIC ACID' ? 'C5 H9 N O4'     147.129 
GLY 'peptide linking'   y GLYCINE         ? 'C2 H5 N O2'     75.067  
HIS 'L-peptide linking' y HISTIDINE       ? 'C6 H10 N3 O2 1' 156.162 
HOH non-polymer         . WATER           ? 'H2 O'           18.015  
ILE 'L-peptide linking' y ISOLEUCINE      ? 'C6 H13 N O2'    131.173 
LEU 'L-peptide linking' y LEUCINE         ? 'C6 H13 N O2'    131.173 
LYS 'L-peptide linking' y LYSINE          ? 'C6 H15 N2 O2 1' 147.195 
MET 'L-peptide linking' y METHIONINE      ? 'C5 H11 N O2 S'  149.211 
PHE 'L-peptide linking' y PHENYLALANINE   ? 'C9 H11 N O2'    165.189 
PRO 'L-peptide linking' y PROLINE         ? 'C5 H9 N O2'     115.130 
SER 'L-peptide linking' y SERINE          ? 'C3 H7 N O3'     105.093 
THR 'L-peptide linking' y THREONINE       ? 'C4 H9 N O3'     119.119 
TRP 'L-peptide linking' y TRYPTOPHAN      ? 'C11 H12 N2 O2'  204.225 
TYR 'L-peptide linking' y TYROSINE        ? 'C9 H11 N O3'    181.189 
VAL 'L-peptide linking' y VALINE          ? 'C5 H11 N O2'    117.146 
# 
loop_
_pdbx_poly_seq_scheme.asym_id 
_pdbx_poly_seq_scheme.entity_id 
_pdbx_poly_seq_scheme.seq_id 
_pdbx_poly_seq_scheme.mon_id 
_pdbx_poly_seq_scheme.ndb_seq_num 
_pdbx_poly_seq_scheme.pdb_seq_num 
_pdbx_poly_seq_scheme.auth_seq_num 
_pdbx_poly_seq_scheme.pdb_mon_id 
_pdbx_poly_seq_scheme.auth_mon_id 
_pdbx_poly_seq_scheme.pdb_strand_id 
_pdbx_poly_seq_scheme.pdb_ins_code 
_pdbx_poly_seq_scheme.hetero 
A 1 1   GLY 1   1   1   GLY GLY A . n 
A 1 2   SER 2   2   2   SER SER A . n 
A 1 3   ASP 3   3   3   ASP ASP A . n 
A 1 4   LYS 4   4   4   LYS LYS A . n 
A 1 5   ILE 5   5   5   ILE ILE A . n 
A 1 6   ILE 6   6   6   ILE ILE A . n 
A 1 7   HIS 7   7   7   HIS HIS A . n 
A 1 8   LEU 8   8   8   LEU LEU A . n 
A 1 9   THR 9   9   9   THR THR A . n 
A 1 10  ASP 10  10  10  ASP ASP A . n 
A 1 11  ASP 11  11  11  ASP ASP A . n 
A 1 12  SER 12  12  12  SER SER A . n 
A 1 13  PHE 13  13  13  PHE PHE A . n 
A 1 14  ASP 14  14  14  ASP ASP A . n 
A 1 15  THR 15  15  15  THR THR A . n 
A 1 16  ASP 16  16  16  ASP ASP A . n 
A 1 17  VAL 17  17  17  VAL VAL A . n 
A 1 18  LEU 18  18  18  LEU LEU A . n 
A 1 19  LYS 19  19  19  LYS LYS A . n 
A 1 20  ALA 20  20  20  ALA ALA A . n 
A 1 21  ASP 21  21  21  ASP ALA A . n 
A 1 22  GLY 22  22  22  GLY GLY A . n 
A 1 23  ALA 23  23  23  ALA ALA A . n 
A 1 24  ILE 24  24  24  ILE ILE A . n 
A 1 25  LEU 25  25  25  LEU LEU A . n 
A 1 26  VAL 26  26  26  VAL VAL A . n 
A 1 27  ASP 27  27  27  ASP ASP A . n 
A 1 28  PHE 28  28  28  PHE PHE A . n 
A 1 29  TRP 29  29  29  TRP TRP A . n 
A 1 30  ALA 30  30  30  ALA ALA A . n 
A 1 31  GLU 31  31  31  GLU GLU A . n 
A 1 32  TRP 32  32  32  TRP TRP A . n 
A 1 33  CYS 33  33  33  CYS CYS A . n 
A 1 34  GLY 34  34  34  GLY GLY A . n 
A 1 35  PRO 35  35  35  PRO PRO A . n 
A 1 36  CYS 36  36  36  CYS CYS A . n 
A 1 37  LYS 37  37  37  LYS LYS A . n 
A 1 38  MET 38  38  38  MET MET A . n 
A 1 39  ILE 39  39  39  ILE ILE A . n 
A 1 40  ALA 40  40  40  ALA ALA A . n 
A 1 41  PRO 41  41  41  PRO PRO A . n 
A 1 42  ILE 42  42  42  ILE ILE A . n 
A 1 43  LEU 43  43  43  LEU LEU A . n 
A 1 44  ASP 44  44  44  ASP ASP A . n 
A 1 45  GLU 45  45  45  GLU GLU A . n 
A 1 46  ILE 46  46  46  ILE ILE A . n 
A 1 47  ALA 47  47  47  ALA ALA A . n 
A 1 48  ASP 48  48  48  ASP ASP A . n 
A 1 49  GLU 49  49  49  GLU GLU A . n 
A 1 50  TYR 50  50  50  TYR TYR A . n 
A 1 51  GLN 51  51  51  GLN GLN A . n 
A 1 52  GLY 52  52  52  GLY GLY A . n 
A 1 53  LYS 53  53  53  LYS ALA A . n 
A 1 54  LEU 54  54  54  LEU LEU A . n 
A 1 55  THR 55  55  55  THR THR A . n 
A 1 56  VAL 56  56  56  VAL VAL A . n 
A 1 57  ALA 57  57  57  ALA ALA A . n 
A 1 58  LYS 58  58  58  LYS LYS A . n 
A 1 59  LEU 59  59  59  LEU LEU A . n 
A 1 60  ASN 60  60  60  ASN ASN A . n 
A 1 61  ILE 61  61  61  ILE ILE A . n 
A 1 62  ASP 62  62  62  ASP ASP A . n 
A 1 63  GLN 63  63  63  GLN GLN A . n 
A 1 64  ASN 64  64  64  ASN ASN A . n 
A 1 65  PRO 65  65  65  PRO PRO A . n 
A 1 66  GLY 66  66  66  GLY GLY A . n 
A 1 67  THR 67  67  67  THR THR A . n 
A 1 68  ALA 68  68  68  ALA ALA A . n 
A 1 69  PRO 69  69  69  PRO PRO A . n 
A 1 70  LYS 70  70  70  LYS LYS A . n 
A 1 71  TYR 71  71  71  TYR TYR A . n 
A 1 72  GLY 72  72  72  GLY GLY A . n 
A 1 73  ILE 73  73  73  ILE ILE A . n 
A 1 74  ARG 74  74  74  ARG ARG A . n 
A 1 75  GLY 75  75  75  GLY GLY A . n 
A 1 76  THR 76  76  76  THR THR A . n 
A 1 77  PRO 77  77  77  PRO PRO A . n 
A 1 78  THR 78  78  78  THR THR A . n 
A 1 79  LEU 79  79  79  LEU LEU A . n 
A 1 80  LEU 80  80  80  LEU LEU A . n 
A 1 81  LEU 81  81  81  LEU LEU A . n 
A 1 82  PHE 82  82  82  PHE PHE A . n 
A 1 83  LYS 83  83  83  LYS LYS A . n 
A 1 84  ASN 84  84  84  ASN ASN A . n 
A 1 85  GLY 85  85  85  GLY GLY A . n 
A 1 86  GLU 86  86  86  GLU GLU A . n 
A 1 87  VAL 87  87  87  VAL VAL A . n 
A 1 88  ALA 88  88  88  ALA ALA A . n 
A 1 89  ALA 89  89  89  ALA ALA A . n 
A 1 90  THR 90  90  90  THR THR A . n 
A 1 91  LYS 91  91  91  LYS LYS A . n 
A 1 92  VAL 92  92  92  VAL VAL A . n 
A 1 93  GLY 93  93  93  GLY GLY A . n 
A 1 94  ALA 94  94  94  ALA ALA A . n 
A 1 95  LEU 95  95  95  LEU LEU A . n 
A 1 96  SER 96  96  96  SER SER A . n 
A 1 97  LYS 97  97  97  LYS SER A . n 
A 1 98  GLY 98  98  98  GLY GLY A . n 
A 1 99  GLN 99  99  99  GLN GLN A . n 
A 1 100 LEU 100 100 100 LEU LEU A . n 
A 1 101 LYS 101 101 101 LYS SER A . n 
A 1 102 GLU 102 102 102 GLU ALA A . n 
A 1 103 PHE 103 103 103 PHE PHE A . n 
A 1 104 LEU 104 104 104 LEU LEU A . n 
A 1 105 ASP 105 105 105 ASP ASP A . n 
A 1 106 ALA 106 106 106 ALA ALA A . n 
A 1 107 ASN 107 107 107 ASN ASN A . n 
A 1 108 LEU 108 108 108 LEU LEU A . n 
A 1 109 ALA 109 109 109 ALA ALA A . n 
A 1 110 ALA 110 110 110 ALA ALA A . n 
A 1 111 ALA 111 111 111 ALA ALA A . n 
B 1 1   GLY 1   1   ?   ?   ?   B . n 
B 1 2   SER 2   2   ?   ?   ?   B . n 
B 1 3   ASP 3   3   3   ASP ALA B . n 
B 1 4   LYS 4   4   4   LYS LYS B . n 
B 1 5   ILE 5   5   5   ILE ILE B . n 
B 1 6   ILE 6   6   6   ILE ILE B . n 
B 1 7   HIS 7   7   7   HIS SER B . n 
B 1 8   LEU 8   8   8   LEU LEU B . n 
B 1 9   THR 9   9   9   THR THR B . n 
B 1 10  ASP 10  10  10  ASP ASP B . n 
B 1 11  ASP 11  11  11  ASP ASP B . n 
B 1 12  SER 12  12  12  SER SER B . n 
B 1 13  PHE 13  13  13  PHE PHE B . n 
B 1 14  ASP 14  14  14  ASP ASP B . n 
B 1 15  THR 15  15  15  THR THR B . n 
B 1 16  ASP 16  16  16  ASP ASP B . n 
B 1 17  VAL 17  17  17  VAL VAL B . n 
B 1 18  LEU 18  18  18  LEU LEU B . n 
B 1 19  LYS 19  19  19  LYS ALA B . n 
B 1 20  ALA 20  20  20  ALA ALA B . n 
B 1 21  ASP 21  21  21  ASP ALA B . n 
B 1 22  GLY 22  22  22  GLY GLY B . n 
B 1 23  ALA 23  23  23  ALA ALA B . n 
B 1 24  ILE 24  24  24  ILE ILE B . n 
B 1 25  LEU 25  25  25  LEU LEU B . n 
B 1 26  VAL 26  26  26  VAL VAL B . n 
B 1 27  ASP 27  27  27  ASP ASP B . n 
B 1 28  PHE 28  28  28  PHE PHE B . n 
B 1 29  TRP 29  29  29  TRP TRP B . n 
B 1 30  ALA 30  30  30  ALA ALA B . n 
B 1 31  GLU 31  31  31  GLU GLU B . n 
B 1 32  TRP 32  32  32  TRP TRP B . n 
B 1 33  CYS 33  33  33  CYS CYS B . n 
B 1 34  GLY 34  34  34  GLY GLY B . n 
B 1 35  PRO 35  35  35  PRO PRO B . n 
B 1 36  CYS 36  36  36  CYS CYS B . n 
B 1 37  LYS 37  37  37  LYS LYS B . n 
B 1 38  MET 38  38  38  MET MET B . n 
B 1 39  ILE 39  39  39  ILE ILE B . n 
B 1 40  ALA 40  40  40  ALA ALA B . n 
B 1 41  PRO 41  41  41  PRO PRO B . n 
B 1 42  ILE 42  42  42  ILE ILE B . n 
B 1 43  LEU 43  43  43  LEU LEU B . n 
B 1 44  ASP 44  44  44  ASP ASP B . n 
B 1 45  GLU 45  45  45  GLU GLU B . n 
B 1 46  ILE 46  46  46  ILE ILE B . n 
B 1 47  ALA 47  47  47  ALA ALA B . n 
B 1 48  ASP 48  48  48  ASP ASP B . n 
B 1 49  GLU 49  49  49  GLU GLU B . n 
B 1 50  TYR 50  50  50  TYR TYR B . n 
B 1 51  GLN 51  51  51  GLN ALA B . n 
B 1 52  GLY 52  52  52  GLY GLY B . n 
B 1 53  LYS 53  53  53  LYS ALA B . n 
B 1 54  LEU 54  54  54  LEU LEU B . n 
B 1 55  THR 55  55  55  THR THR B . n 
B 1 56  VAL 56  56  56  VAL VAL B . n 
B 1 57  ALA 57  57  57  ALA ALA B . n 
B 1 58  LYS 58  58  58  LYS LYS B . n 
B 1 59  LEU 59  59  59  LEU LEU B . n 
B 1 60  ASN 60  60  60  ASN ASN B . n 
B 1 61  ILE 61  61  61  ILE ILE B . n 
B 1 62  ASP 62  62  62  ASP ASP B . n 
B 1 63  GLN 63  63  63  GLN GLN B . n 
B 1 64  ASN 64  64  64  ASN ASN B . n 
B 1 65  PRO 65  65  65  PRO PRO B . n 
B 1 66  GLY 66  66  66  GLY GLY B . n 
B 1 67  THR 67  67  67  THR THR B . n 
B 1 68  ALA 68  68  68  ALA ALA B . n 
B 1 69  PRO 69  69  69  PRO PRO B . n 
B 1 70  LYS 70  70  70  LYS ALA B . n 
B 1 71  TYR 71  71  71  TYR TYR B . n 
B 1 72  GLY 72  72  72  GLY GLY B . n 
B 1 73  ILE 73  73  73  ILE ILE B . n 
B 1 74  ARG 74  74  74  ARG ARG B . n 
B 1 75  GLY 75  75  75  GLY GLY B . n 
B 1 76  THR 76  76  76  THR THR B . n 
B 1 77  PRO 77  77  77  PRO PRO B . n 
B 1 78  THR 78  78  78  THR THR B . n 
B 1 79  LEU 79  79  79  LEU LEU B . n 
B 1 80  LEU 80  80  80  LEU LEU B . n 
B 1 81  LEU 81  81  81  LEU LEU B . n 
B 1 82  PHE 82  82  82  PHE PHE B . n 
B 1 83  LYS 83  83  83  LYS ALA B . n 
B 1 84  ASN 84  84  84  ASN ASN B . n 
B 1 85  GLY 85  85  85  GLY GLY B . n 
B 1 86  GLU 86  86  86  GLU GLU B . n 
B 1 87  VAL 87  87  87  VAL VAL B . n 
B 1 88  ALA 88  88  88  ALA ALA B . n 
B 1 89  ALA 89  89  89  ALA ALA B . n 
B 1 90  THR 90  90  90  THR THR B . n 
B 1 91  LYS 91  91  91  LYS LYS B . n 
B 1 92  VAL 92  92  92  VAL VAL B . n 
B 1 93  GLY 93  93  93  GLY GLY B . n 
B 1 94  ALA 94  94  94  ALA ALA B . n 
B 1 95  LEU 95  95  95  LEU LEU B . n 
B 1 96  SER 96  96  96  SER SER B . n 
B 1 97  LYS 97  97  97  LYS LYS B . n 
B 1 98  GLY 98  98  98  GLY GLY B . n 
B 1 99  GLN 99  99  99  GLN GLN B . n 
B 1 100 LEU 100 100 100 LEU LEU B . n 
B 1 101 LYS 101 101 101 LYS LYS B . n 
B 1 102 GLU 102 102 102 GLU GLU B . n 
B 1 103 PHE 103 103 103 PHE PHE B . n 
B 1 104 LEU 104 104 104 LEU LEU B . n 
B 1 105 ASP 105 105 105 ASP ASP B . n 
B 1 106 ALA 106 106 106 ALA ALA B . n 
B 1 107 ASN 107 107 107 ASN ASN B . n 
B 1 108 LEU 108 108 108 LEU LEU B . n 
B 1 109 ALA 109 109 109 ALA ALA B . n 
B 1 110 ALA 110 110 ?   ?   ?   B . n 
B 1 111 ALA 111 111 ?   ?   ?   B . n 
# 
loop_
_pdbx_nonpoly_scheme.asym_id 
_pdbx_nonpoly_scheme.entity_id 
_pdbx_nonpoly_scheme.mon_id 
_pdbx_nonpoly_scheme.ndb_seq_num 
_pdbx_nonpoly_scheme.pdb_seq_num 
_pdbx_nonpoly_scheme.auth_seq_num 
_pdbx_nonpoly_scheme.pdb_mon_id 
_pdbx_nonpoly_scheme.auth_mon_id 
_pdbx_nonpoly_scheme.pdb_strand_id 
_pdbx_nonpoly_scheme.pdb_ins_code 
C 2 HOH 1  112 2   HOH HOH A . 
C 2 HOH 2  113 3   HOH HOH A . 
C 2 HOH 3  114 4   HOH HOH A . 
C 2 HOH 4  115 5   HOH HOH A . 
C 2 HOH 5  116 9   HOH HOH A . 
C 2 HOH 6  117 10  HOH HOH A . 
C 2 HOH 7  118 11  HOH HOH A . 
C 2 HOH 8  119 12  HOH HOH A . 
C 2 HOH 9  120 13  HOH HOH A . 
C 2 HOH 10 121 14  HOH HOH A . 
C 2 HOH 11 122 16  HOH HOH A . 
C 2 HOH 12 123 19  HOH HOH A . 
C 2 HOH 13 124 20  HOH HOH A . 
C 2 HOH 14 125 21  HOH HOH A . 
C 2 HOH 15 126 22  HOH HOH A . 
C 2 HOH 16 127 23  HOH HOH A . 
C 2 HOH 17 128 24  HOH HOH A . 
C 2 HOH 18 129 26  HOH HOH A . 
C 2 HOH 19 130 28  HOH HOH A . 
C 2 HOH 20 131 30  HOH HOH A . 
C 2 HOH 21 133 34  HOH HOH A . 
C 2 HOH 22 134 35  HOH HOH A . 
C 2 HOH 23 135 36  HOH HOH A . 
C 2 HOH 24 136 39  HOH HOH A . 
C 2 HOH 25 137 40  HOH HOH A . 
C 2 HOH 26 138 42  HOH HOH A . 
C 2 HOH 27 139 45  HOH HOH A . 
C 2 HOH 28 140 47  HOH HOH A . 
C 2 HOH 29 141 48  HOH HOH A . 
C 2 HOH 30 142 49  HOH HOH A . 
C 2 HOH 31 143 50  HOH HOH A . 
C 2 HOH 32 144 52  HOH HOH A . 
C 2 HOH 33 145 53  HOH HOH A . 
C 2 HOH 34 146 54  HOH HOH A . 
C 2 HOH 35 147 55  HOH HOH A . 
C 2 HOH 36 148 57  HOH HOH A . 
C 2 HOH 37 149 58  HOH HOH A . 
C 2 HOH 38 150 62  HOH HOH A . 
C 2 HOH 39 151 68  HOH HOH A . 
C 2 HOH 40 152 69  HOH HOH A . 
C 2 HOH 41 153 70  HOH HOH A . 
C 2 HOH 42 154 71  HOH HOH A . 
C 2 HOH 43 155 74  HOH HOH A . 
C 2 HOH 44 156 75  HOH HOH A . 
C 2 HOH 45 157 78  HOH HOH A . 
C 2 HOH 46 158 79  HOH HOH A . 
C 2 HOH 47 159 80  HOH HOH A . 
C 2 HOH 48 160 82  HOH HOH A . 
C 2 HOH 49 161 84  HOH HOH A . 
C 2 HOH 50 162 85  HOH HOH A . 
C 2 HOH 51 163 86  HOH HOH A . 
C 2 HOH 52 164 87  HOH HOH A . 
C 2 HOH 53 165 90  HOH HOH A . 
C 2 HOH 54 166 91  HOH HOH A . 
C 2 HOH 55 167 93  HOH HOH A . 
C 2 HOH 56 168 95  HOH HOH A . 
C 2 HOH 57 169 96  HOH HOH A . 
C 2 HOH 58 170 97  HOH HOH A . 
C 2 HOH 59 171 99  HOH HOH A . 
C 2 HOH 60 172 100 HOH HOH A . 
C 2 HOH 61 173 101 HOH HOH A . 
C 2 HOH 62 174 103 HOH HOH A . 
C 2 HOH 63 175 105 HOH HOH A . 
C 2 HOH 64 176 107 HOH HOH A . 
C 2 HOH 65 177 108 HOH HOH A . 
C 2 HOH 66 178 111 HOH HOH A . 
C 2 HOH 67 179 112 HOH HOH A . 
C 2 HOH 68 180 114 HOH HOH A . 
C 2 HOH 69 181 115 HOH HOH A . 
C 2 HOH 70 182 116 HOH HOH A . 
C 2 HOH 71 183 117 HOH HOH A . 
C 2 HOH 72 184 118 HOH HOH A . 
C 2 HOH 73 185 119 HOH HOH A . 
C 2 HOH 74 186 120 HOH HOH A . 
C 2 HOH 75 187 122 HOH HOH A . 
C 2 HOH 76 188 124 HOH HOH A . 
C 2 HOH 77 189 126 HOH HOH A . 
C 2 HOH 78 190 129 HOH HOH A . 
C 2 HOH 79 191 130 HOH HOH A . 
C 2 HOH 80 192 132 HOH HOH A . 
C 2 HOH 81 193 135 HOH HOH A . 
D 2 HOH 1  132 31  HOH HOH B . 
D 2 HOH 2  133 1   HOH HOH B . 
D 2 HOH 3  134 6   HOH HOH B . 
D 2 HOH 4  135 7   HOH HOH B . 
D 2 HOH 5  136 8   HOH HOH B . 
D 2 HOH 6  137 15  HOH HOH B . 
D 2 HOH 7  138 17  HOH HOH B . 
D 2 HOH 8  139 18  HOH HOH B . 
D 2 HOH 9  140 25  HOH HOH B . 
D 2 HOH 10 141 27  HOH HOH B . 
D 2 HOH 11 142 29  HOH HOH B . 
D 2 HOH 12 143 32  HOH HOH B . 
D 2 HOH 13 144 33  HOH HOH B . 
D 2 HOH 14 145 37  HOH HOH B . 
D 2 HOH 15 146 38  HOH HOH B . 
D 2 HOH 16 147 41  HOH HOH B . 
D 2 HOH 17 148 43  HOH HOH B . 
D 2 HOH 18 149 44  HOH HOH B . 
D 2 HOH 19 150 46  HOH HOH B . 
D 2 HOH 20 151 51  HOH HOH B . 
D 2 HOH 21 152 56  HOH HOH B . 
D 2 HOH 22 153 59  HOH HOH B . 
D 2 HOH 23 154 60  HOH HOH B . 
D 2 HOH 24 155 61  HOH HOH B . 
D 2 HOH 25 156 63  HOH HOH B . 
D 2 HOH 26 157 64  HOH HOH B . 
D 2 HOH 27 158 65  HOH HOH B . 
D 2 HOH 28 159 66  HOH HOH B . 
D 2 HOH 29 160 67  HOH HOH B . 
D 2 HOH 30 161 72  HOH HOH B . 
D 2 HOH 31 162 73  HOH HOH B . 
D 2 HOH 32 163 76  HOH HOH B . 
D 2 HOH 33 164 77  HOH HOH B . 
D 2 HOH 34 165 81  HOH HOH B . 
D 2 HOH 35 166 83  HOH HOH B . 
D 2 HOH 36 167 88  HOH HOH B . 
D 2 HOH 37 168 89  HOH HOH B . 
D 2 HOH 38 169 92  HOH HOH B . 
D 2 HOH 39 170 94  HOH HOH B . 
D 2 HOH 40 171 98  HOH HOH B . 
D 2 HOH 41 172 102 HOH HOH B . 
D 2 HOH 42 173 104 HOH HOH B . 
D 2 HOH 43 174 106 HOH HOH B . 
D 2 HOH 44 175 109 HOH HOH B . 
D 2 HOH 45 176 110 HOH HOH B . 
D 2 HOH 46 177 113 HOH HOH B . 
D 2 HOH 47 178 121 HOH HOH B . 
D 2 HOH 48 179 123 HOH HOH B . 
D 2 HOH 49 180 125 HOH HOH B . 
D 2 HOH 50 181 127 HOH HOH B . 
D 2 HOH 51 182 128 HOH HOH B . 
D 2 HOH 52 183 131 HOH HOH B . 
D 2 HOH 53 184 133 HOH HOH B . 
D 2 HOH 54 185 134 HOH HOH B . 
# 
loop_
_pdbx_unobs_or_zero_occ_atoms.id 
_pdbx_unobs_or_zero_occ_atoms.PDB_model_num 
_pdbx_unobs_or_zero_occ_atoms.polymer_flag 
_pdbx_unobs_or_zero_occ_atoms.occupancy_flag 
_pdbx_unobs_or_zero_occ_atoms.auth_asym_id 
_pdbx_unobs_or_zero_occ_atoms.auth_comp_id 
_pdbx_unobs_or_zero_occ_atoms.auth_seq_id 
_pdbx_unobs_or_zero_occ_atoms.PDB_ins_code 
_pdbx_unobs_or_zero_occ_atoms.auth_atom_id 
_pdbx_unobs_or_zero_occ_atoms.label_alt_id 
_pdbx_unobs_or_zero_occ_atoms.label_asym_id 
_pdbx_unobs_or_zero_occ_atoms.label_comp_id 
_pdbx_unobs_or_zero_occ_atoms.label_seq_id 
_pdbx_unobs_or_zero_occ_atoms.label_atom_id 
1  1 Y 1 A ASP 21  ? CG  ? A ASP 21  CG  
2  1 Y 1 A ASP 21  ? OD1 ? A ASP 21  OD1 
3  1 Y 1 A ASP 21  ? OD2 ? A ASP 21  OD2 
4  1 Y 1 A LYS 53  ? CG  ? A LYS 53  CG  
5  1 Y 1 A LYS 53  ? CD  ? A LYS 53  CD  
6  1 Y 1 A LYS 53  ? CE  ? A LYS 53  CE  
7  1 Y 1 A LYS 53  ? NZ  ? A LYS 53  NZ  
8  1 Y 0 A ILE 73  ? CD1 ? A ILE 73  CD1 
9  1 Y 1 A LYS 97  ? CG  ? A LYS 97  CG  
10 1 Y 1 A LYS 97  ? CD  ? A LYS 97  CD  
11 1 Y 1 A LYS 97  ? CE  ? A LYS 97  CE  
12 1 Y 1 A LYS 97  ? NZ  ? A LYS 97  NZ  
13 1 Y 1 A LYS 101 ? CG  ? A LYS 101 CG  
14 1 Y 1 A LYS 101 ? CD  ? A LYS 101 CD  
15 1 Y 1 A LYS 101 ? CE  ? A LYS 101 CE  
16 1 Y 1 A LYS 101 ? NZ  ? A LYS 101 NZ  
17 1 Y 1 A GLU 102 ? CG  ? A GLU 102 CG  
18 1 Y 1 A GLU 102 ? CD  ? A GLU 102 CD  
19 1 Y 1 A GLU 102 ? OE1 ? A GLU 102 OE1 
20 1 Y 1 A GLU 102 ? OE2 ? A GLU 102 OE2 
21 1 Y 1 B ASP 3   ? CG  ? B ASP 3   CG  
22 1 Y 1 B ASP 3   ? OD1 ? B ASP 3   OD1 
23 1 Y 1 B ASP 3   ? OD2 ? B ASP 3   OD2 
24 1 Y 1 B HIS 7   ? CG  ? B HIS 7   CG  
25 1 Y 1 B HIS 7   ? ND1 ? B HIS 7   ND1 
26 1 Y 1 B HIS 7   ? CD2 ? B HIS 7   CD2 
27 1 Y 1 B HIS 7   ? CE1 ? B HIS 7   CE1 
28 1 Y 1 B HIS 7   ? NE2 ? B HIS 7   NE2 
29 1 Y 1 B LYS 19  ? CG  ? B LYS 19  CG  
30 1 Y 1 B LYS 19  ? CD  ? B LYS 19  CD  
31 1 Y 1 B LYS 19  ? CE  ? B LYS 19  CE  
32 1 Y 1 B LYS 19  ? NZ  ? B LYS 19  NZ  
33 1 Y 1 B ASP 21  ? CG  ? B ASP 21  CG  
34 1 Y 1 B ASP 21  ? OD1 ? B ASP 21  OD1 
35 1 Y 1 B ASP 21  ? OD2 ? B ASP 21  OD2 
36 1 Y 1 B GLN 51  ? CG  ? B GLN 51  CG  
37 1 Y 1 B GLN 51  ? CD  ? B GLN 51  CD  
38 1 Y 1 B GLN 51  ? OE1 ? B GLN 51  OE1 
39 1 Y 1 B GLN 51  ? NE2 ? B GLN 51  NE2 
40 1 Y 1 B LYS 53  ? CG  ? B LYS 53  CG  
41 1 Y 1 B LYS 53  ? CD  ? B LYS 53  CD  
42 1 Y 1 B LYS 53  ? CE  ? B LYS 53  CE  
43 1 Y 1 B LYS 53  ? NZ  ? B LYS 53  NZ  
44 1 Y 0 B ILE 61  ? CD1 ? B ILE 61  CD1 
45 1 Y 1 B LYS 70  ? CG  ? B LYS 70  CG  
46 1 Y 1 B LYS 70  ? CD  ? B LYS 70  CD  
47 1 Y 1 B LYS 70  ? CE  ? B LYS 70  CE  
48 1 Y 1 B LYS 70  ? NZ  ? B LYS 70  NZ  
49 1 Y 0 B ILE 73  ? CD1 ? B ILE 73  CD1 
50 1 Y 1 B LYS 83  ? CG  ? B LYS 83  CG  
51 1 Y 1 B LYS 83  ? CD  ? B LYS 83  CD  
52 1 Y 1 B LYS 83  ? CE  ? B LYS 83  CE  
53 1 Y 1 B LYS 83  ? NZ  ? B LYS 83  NZ  
# 
loop_
_software.name 
_software.version 
_software.date 
_software.type 
_software.contact_author 
_software.contact_author_email 
_software.classification 
_software.location 
_software.language 
_software.citation_id 
_software.pdbx_ordinal 
PHENIX      .     ?               package 'Paul D. Adams'      PDAdams@lbl.gov       refinement        
http://www.phenix-online.org/             C++        ? 1 
SCALEPACK   .     ?               package 'Zbyszek Otwinowski' hkl@hkl-xray.com      'data scaling'    http://www.hkl-xray.com/ ? 
? 2 
CNS         .     ?               package 'Axel T. Brunger'    axel.brunger@yale.edu refinement        http://cns-online.org/ 
Fortran_77 ? 3 
DENZO       .     ?               package 'Zbyszek Otwinowski' hkl@hkl-xray.com      'data reduction'  http://www.hkl-xray.com/ ? 
? 4 
PDB_EXTRACT 3.006 'June 11, 2008' package PDB                  help@deposit.rcsb.org 'data extraction' 
http://sw-tools.pdb.org/apps/PDB_EXTRACT/ C++        ? 5 
HKL-2000    .     ?               ?       ?                    ?                     'data reduction'  ? ?          ? 6 
HKL-2000    .     ?               ?       ?                    ?                     'data scaling'    ? ?          ? 7 
CNS         .     ?               ?       ?                    ?                     phasing           ? ?          ? 8 
# 
_cell.length_a           58.790 
_cell.length_b           39.390 
_cell.length_c           90.550 
_cell.angle_alpha        90.000 
_cell.angle_beta         96.630 
_cell.angle_gamma        90.000 
_cell.entry_id           3DYR 
_cell.pdbx_unique_axis   ? 
_cell.Z_PDB              8 
_cell.length_a_esd       ? 
_cell.length_b_esd       ? 
_cell.length_c_esd       ? 
_cell.angle_alpha_esd    ? 
_cell.angle_beta_esd     ? 
_cell.angle_gamma_esd    ? 
# 
_symmetry.space_group_name_H-M             'C 1 2 1' 
_symmetry.entry_id                         3DYR 
_symmetry.Int_Tables_number                5 
_symmetry.pdbx_full_space_group_name_H-M   ? 
_symmetry.cell_setting                     ? 
_symmetry.space_group_name_Hall            ? 
# 
_exptl.entry_id          3DYR 
_exptl.method            'X-RAY DIFFRACTION' 
_exptl.crystals_number   1 
# 
_exptl_crystal.id                    1 
_exptl_crystal.density_meas          ? 
_exptl_crystal.density_Matthews      2.19 
_exptl_crystal.density_percent_sol   43.90 
_exptl_crystal.description           ? 
_exptl_crystal.F_000                 ? 
_exptl_crystal.preparation           ? 
# 
_diffrn.id                     1 
_diffrn.ambient_temp           ? 
_diffrn.ambient_temp_details   ? 
_diffrn.crystal_id             1 
# 
_diffrn_detector.diffrn_id              1 
_diffrn_detector.detector               'IMAGE PLATE' 
_diffrn_detector.type                   'RIGAKU RAXIS IV' 
_diffrn_detector.pdbx_collection_date   2008-04-02 
_diffrn_detector.details                ? 
# 
_diffrn_radiation.diffrn_id                        1 
_diffrn_radiation.wavelength_id                    1 
_diffrn_radiation.pdbx_monochromatic_or_laue_m_l   ? 
_diffrn_radiation.monochromator                    ? 
_diffrn_radiation.pdbx_diffrn_protocol             ? 
_diffrn_radiation.pdbx_scattering_type             x-ray 
# 
_diffrn_radiation_wavelength.id           1 
_diffrn_radiation_wavelength.wavelength   1.5418 
_diffrn_radiation_wavelength.wt           1.0 
# 
_diffrn_source.diffrn_id                   1 
_diffrn_source.source                      'ROTATING ANODE' 
_diffrn_source.type                        'RIGAKU RU300' 
_diffrn_source.pdbx_synchrotron_site       ? 
_diffrn_source.pdbx_synchrotron_beamline   ? 
_diffrn_source.pdbx_wavelength             ? 
_diffrn_source.pdbx_wavelength_list        1.5418 
# 
_reflns.entry_id                     3DYR 
_reflns.observed_criterion_sigma_I   ? 
_reflns.observed_criterion_sigma_F   ? 
_reflns.d_resolution_low             50.000 
_reflns.d_resolution_high            2.000 
_reflns.number_obs                   13739 
_reflns.number_all                   ? 
_reflns.percent_possible_obs         97.000 
_reflns.pdbx_Rmerge_I_obs            0.059 
_reflns.pdbx_Rsym_value              ? 
_reflns.pdbx_netI_over_sigmaI        ? 
_reflns.B_iso_Wilson_estimate        ? 
_reflns.pdbx_redundancy              3.200 
_reflns.R_free_details               ? 
_reflns.limit_h_max                  ? 
_reflns.limit_h_min                  ? 
_reflns.limit_k_max                  ? 
_reflns.limit_k_min                  ? 
_reflns.limit_l_max                  ? 
_reflns.limit_l_min                  ? 
_reflns.observed_criterion_F_max     ? 
_reflns.observed_criterion_F_min     ? 
_reflns.pdbx_chi_squared             ? 
_reflns.pdbx_scaling_rejects         ? 
_reflns.pdbx_diffrn_id               1 
_reflns.pdbx_ordinal                 1 
# 
loop_
_reflns_shell.d_res_high 
_reflns_shell.d_res_low 
_reflns_shell.percent_possible_all 
_reflns_shell.Rmerge_I_obs 
_reflns_shell.pdbx_Rsym_value 
_reflns_shell.meanI_over_sigI_obs 
_reflns_shell.pdbx_redundancy 
_reflns_shell.percent_possible_obs 
_reflns_shell.number_unique_all 
_reflns_shell.number_measured_all 
_reflns_shell.number_measured_obs 
_reflns_shell.number_unique_obs 
_reflns_shell.pdbx_chi_squared 
_reflns_shell.pdbx_diffrn_id 
_reflns_shell.pdbx_ordinal 
2.00 2.07  94.70 0.249 ? ? 3.10 ? ? ? ? ? ? ? 1  
2.07 2.15  95.70 0.196 ? ? 3.20 ? ? ? ? ? ? ? 2  
2.15 2.25  96.50 0.148 ? ? 3.20 ? ? ? ? ? ? ? 3  
2.25 2.37  96.60 0.116 ? ? 3.20 ? ? ? ? ? ? ? 4  
2.37 2.52  97.30 0.094 ? ? 3.20 ? ? ? ? ? ? ? 5  
2.52 2.71  97.20 0.075 ? ? 3.30 ? ? ? ? ? ? ? 6  
2.71 2.99  97.40 0.064 ? ? 3.30 ? ? ? ? ? ? ? 7  
2.99 3.42  98.20 0.051 ? ? 3.30 ? ? ? ? ? ? ? 8  
3.42 4.31  98.10 0.046 ? ? 3.20 ? ? ? ? ? ? ? 9  
4.31 50.00 98.20 0.048 ? ? 3.20 ? ? ? ? ? ? ? 10 
# 
_refine.entry_id                                 3DYR 
_refine.ls_number_reflns_obs                     13345 
_refine.ls_number_reflns_all                     ? 
_refine.pdbx_ls_sigma_I                          ? 
_refine.pdbx_ls_sigma_F                          ? 
_refine.pdbx_data_cutoff_high_absF               ? 
_refine.pdbx_data_cutoff_low_absF                ? 
_refine.pdbx_data_cutoff_high_rms_absF           ? 
_refine.ls_d_res_low                             25.649 
_refine.ls_d_res_high                            2.0 
_refine.ls_percent_reflns_obs                    94.14 
_refine.ls_R_factor_obs                          0.2544 
_refine.ls_R_factor_all                          ? 
_refine.ls_R_factor_R_work                       0.2512 
_refine.ls_R_factor_R_free                       0.2896 
_refine.ls_R_factor_R_free_error                 ? 
_refine.ls_R_factor_R_free_error_details         ? 
_refine.ls_percent_reflns_R_free                 8.03 
_refine.ls_number_reflns_R_free                  1071 
_refine.ls_number_parameters                     ? 
_refine.ls_number_restraints                     ? 
_refine.occupancy_min                            0.00 
_refine.occupancy_max                            1.00 
_refine.correlation_coeff_Fo_to_Fc               ? 
_refine.correlation_coeff_Fo_to_Fc_free          ? 
_refine.B_iso_mean                               26.229 
_refine.aniso_B[1][1]                            -3.378 
_refine.aniso_B[2][2]                            -1.491 
_refine.aniso_B[3][3]                            4.869 
_refine.aniso_B[1][2]                            -0.000 
_refine.aniso_B[1][3]                            2.172 
_refine.aniso_B[2][3]                            -0.000 
_refine.solvent_model_details                    'FLAT BULK SOLVENT MODEL' 
_refine.solvent_model_param_ksol                 0.363 
_refine.solvent_model_param_bsol                 63.456 
_refine.pdbx_solvent_vdw_probe_radii             1.11 
_refine.pdbx_solvent_ion_probe_radii             ? 
_refine.pdbx_solvent_shrinkage_radii             0.90 
_refine.pdbx_ls_cross_valid_method               ? 
_refine.details                                  ? 
_refine.pdbx_starting_model                      ? 
_refine.pdbx_method_to_determine_struct          'MOLECULAR REPLACEMENT' 
_refine.pdbx_isotropic_thermal_model             ? 
_refine.pdbx_stereochemistry_target_values       ML 
_refine.pdbx_stereochem_target_val_spec_case     ? 
_refine.pdbx_R_Free_selection_details            ? 
_refine.pdbx_overall_ESU_R                       ? 
_refine.pdbx_overall_ESU_R_Free                  ? 
_refine.overall_SU_ML                            0.41 
_refine.pdbx_overall_phase_error                 30.60 
_refine.overall_SU_B                             ? 
_refine.ls_redundancy_reflns_obs                 ? 
_refine.B_iso_min                                ? 
_refine.B_iso_max                                ? 
_refine.overall_SU_R_Cruickshank_DPI             ? 
_refine.overall_SU_R_free                        ? 
_refine.ls_wR_factor_R_free                      ? 
_refine.ls_wR_factor_R_work                      ? 
_refine.overall_FOM_free_R_set                   ? 
_refine.overall_FOM_work_R_set                   ? 
_refine.pdbx_refine_id                           'X-RAY DIFFRACTION' 
_refine.pdbx_diffrn_id                           1 
_refine.pdbx_TLS_residual_ADP_flag               ? 
_refine.pdbx_overall_SU_R_free_Cruickshank_DPI   ? 
_refine.pdbx_overall_SU_R_Blow_DPI               ? 
_refine.pdbx_overall_SU_R_free_Blow_DPI          ? 
# 
_refine_hist.pdbx_refine_id                   'X-RAY DIFFRACTION' 
_refine_hist.cycle_id                         LAST 
_refine_hist.pdbx_number_atoms_protein        1598 
_refine_hist.pdbx_number_atoms_nucleic_acid   0 
_refine_hist.pdbx_number_atoms_ligand         0 
_refine_hist.number_atoms_solvent             135 
_refine_hist.number_atoms_total               1733 
_refine_hist.d_res_high                       2.0 
_refine_hist.d_res_low                        25.649 
# 
loop_
_refine_ls_restr.type 
_refine_ls_restr.dev_ideal 
_refine_ls_restr.dev_ideal_target 
_refine_ls_restr.weight 
_refine_ls_restr.number 
_refine_ls_restr.pdbx_refine_id 
_refine_ls_restr.pdbx_restraint_function 
f_bond_d           0.007  ? ? 1632 'X-RAY DIFFRACTION' ? 
f_angle_d          1.038  ? ? 2222 'X-RAY DIFFRACTION' ? 
f_dihedral_angle_d 17.898 ? ? 564  'X-RAY DIFFRACTION' ? 
f_chiral_restr     0.064  ? ? 265  'X-RAY DIFFRACTION' ? 
f_plane_restr      0.005  ? ? 286  'X-RAY DIFFRACTION' ? 
# 
loop_
_refine_ls_shell.pdbx_total_number_of_bins_used 
_refine_ls_shell.d_res_high 
_refine_ls_shell.d_res_low 
_refine_ls_shell.number_reflns_R_work 
_refine_ls_shell.R_factor_R_work 
_refine_ls_shell.percent_reflns_obs 
_refine_ls_shell.R_factor_R_free 
_refine_ls_shell.R_factor_R_free_error 
_refine_ls_shell.percent_reflns_R_free 
_refine_ls_shell.number_reflns_R_free 
_refine_ls_shell.number_reflns_all 
_refine_ls_shell.R_factor_all 
_refine_ls_shell.redundancy_reflns_obs 
_refine_ls_shell.number_reflns_obs 
_refine_ls_shell.pdbx_refine_id 
8 2.0   2.089  1429 0.259 88.000 0.348 . . 129 1558 . . . 'X-RAY DIFFRACTION' 
8 2.089 2.200  1470 0.241 91.000 0.346 . . 125 1595 . . . 'X-RAY DIFFRACTION' 
8 2.200 2.337  1498 0.239 93.000 0.327 . . 128 1626 . . . 'X-RAY DIFFRACTION' 
8 2.337 2.518  1528 0.242 94.000 0.331 . . 138 1666 . . . 'X-RAY DIFFRACTION' 
8 2.518 2.771  1502 0.262 94.000 0.328 . . 136 1638 . . . 'X-RAY DIFFRACTION' 
8 2.771 3.171  1568 0.262 97.000 0.291 . . 141 1709 . . . 'X-RAY DIFFRACTION' 
8 3.171 3.993  1626 0.229 98.000 0.241 . . 122 1748 . . . 'X-RAY DIFFRACTION' 
8 3.993 25.651 1653 0.249 98.000 0.243 . . 152 1805 . . . 'X-RAY DIFFRACTION' 
# 
_struct.entry_id                  3DYR 
_struct.title                     'Crystal structure of E. coli thioredoxin mutant I76T in its oxidized form' 
_struct.pdbx_model_details        ? 
_struct.pdbx_CASP_flag            ? 
_struct.pdbx_model_type_details   ? 
# 
_struct_keywords.entry_id        3DYR 
_struct_keywords.pdbx_keywords   'ELECTRON TRANSPORT' 
_struct_keywords.text            'mutant protein, Electron transport, Host-virus interaction, Redox-active center, Transport' 
# 
loop_
_struct_asym.id 
_struct_asym.pdbx_blank_PDB_chainid_flag 
_struct_asym.pdbx_modified 
_struct_asym.entity_id 
_struct_asym.details 
A N N 1 ? 
B N N 1 ? 
C N N 2 ? 
D N N 2 ? 
# 
_struct_ref.id                         1 
_struct_ref.db_name                    UNP 
_struct_ref.db_code                    THIO_ECOLI 
_struct_ref.pdbx_db_accession          P0AA25 
_struct_ref.entity_id                  1 
_struct_ref.pdbx_seq_one_letter_code   
;SDKIIHLTDDSFDTDVLKADGAILVDFWAEWCGPCKMIAPILDEIADEYQGKLTVAKLNIDQNPGTAPKYGIRGIPTLLL
FKNGEVAATKVGALSKGQLKEFLDANLA
;
_struct_ref.pdbx_align_begin           2 
_struct_ref.pdbx_db_isoform            ? 
# 
loop_
_struct_ref_seq.align_id 
_struct_ref_seq.ref_id 
_struct_ref_seq.pdbx_PDB_id_code 
_struct_ref_seq.pdbx_strand_id 
_struct_ref_seq.seq_align_beg 
_struct_ref_seq.pdbx_seq_align_beg_ins_code 
_struct_ref_seq.seq_align_end 
_struct_ref_seq.pdbx_seq_align_end_ins_code 
_struct_ref_seq.pdbx_db_accession 
_struct_ref_seq.db_align_beg 
_struct_ref_seq.pdbx_db_align_beg_ins_code 
_struct_ref_seq.db_align_end 
_struct_ref_seq.pdbx_db_align_end_ins_code 
_struct_ref_seq.pdbx_auth_seq_align_beg 
_struct_ref_seq.pdbx_auth_seq_align_end 
1 1 3DYR A 2 ? 109 ? P0AA25 2 ? 109 ? 2 109 
2 1 3DYR B 2 ? 109 ? P0AA25 2 ? 109 ? 2 109 
# 
loop_
_struct_ref_seq_dif.align_id 
_struct_ref_seq_dif.pdbx_pdb_id_code 
_struct_ref_seq_dif.mon_id 
_struct_ref_seq_dif.pdbx_pdb_strand_id 
_struct_ref_seq_dif.seq_num 
_struct_ref_seq_dif.pdbx_pdb_ins_code 
_struct_ref_seq_dif.pdbx_seq_db_name 
_struct_ref_seq_dif.pdbx_seq_db_accession_code 
_struct_ref_seq_dif.db_mon_id 
_struct_ref_seq_dif.pdbx_seq_db_seq_num 
_struct_ref_seq_dif.details 
_struct_ref_seq_dif.pdbx_auth_seq_num 
_struct_ref_seq_dif.pdbx_ordinal 
1 3DYR GLY A 1   ? UNP P0AA25 ?   ?  'expression tag'      1   1 
1 3DYR THR A 76  ? UNP P0AA25 ILE 76 'engineered mutation' 76  2 
1 3DYR ALA A 110 ? UNP P0AA25 ?   ?  'expression tag'      110 3 
1 3DYR ALA A 111 ? UNP P0AA25 ?   ?  'expression tag'      111 4 
2 3DYR GLY B 1   ? UNP P0AA25 ?   ?  'expression tag'      1   5 
2 3DYR THR B 76  ? UNP P0AA25 ILE 76 'engineered mutation' 76  6 
2 3DYR ALA B 110 ? UNP P0AA25 ?   ?  'expression tag'      110 7 
2 3DYR ALA B 111 ? UNP P0AA25 ?   ?  'expression tag'      111 8 
# 
loop_
_pdbx_struct_assembly.id 
_pdbx_struct_assembly.details 
_pdbx_struct_assembly.method_details 
_pdbx_struct_assembly.oligomeric_details 
_pdbx_struct_assembly.oligomeric_count 
1 software_defined_assembly PISA monomeric 1 
2 software_defined_assembly PISA monomeric 1 
# 
loop_
_pdbx_struct_assembly_gen.assembly_id 
_pdbx_struct_assembly_gen.oper_expression 
_pdbx_struct_assembly_gen.asym_id_list 
1 1 A,C 
2 1 B,D 
# 
_pdbx_struct_oper_list.id                   1 
_pdbx_struct_oper_list.type                 'identity operation' 
_pdbx_struct_oper_list.name                 1_555 
_pdbx_struct_oper_list.symmetry_operation   x,y,z 
_pdbx_struct_oper_list.matrix[1][1]         1.0000000000 
_pdbx_struct_oper_list.matrix[1][2]         0.0000000000 
_pdbx_struct_oper_list.matrix[1][3]         0.0000000000 
_pdbx_struct_oper_list.vector[1]            0.0000000000 
_pdbx_struct_oper_list.matrix[2][1]         0.0000000000 
_pdbx_struct_oper_list.matrix[2][2]         1.0000000000 
_pdbx_struct_oper_list.matrix[2][3]         0.0000000000 
_pdbx_struct_oper_list.vector[2]            0.0000000000 
_pdbx_struct_oper_list.matrix[3][1]         0.0000000000 
_pdbx_struct_oper_list.matrix[3][2]         0.0000000000 
_pdbx_struct_oper_list.matrix[3][3]         1.0000000000 
_pdbx_struct_oper_list.vector[3]            0.0000000000 
# 
_struct_biol.id        1 
_struct_biol.details   ? 
# 
loop_
_struct_conf.conf_type_id 
_struct_conf.id 
_struct_conf.pdbx_PDB_helix_id 
_struct_conf.beg_label_comp_id 
_struct_conf.beg_label_asym_id 
_struct_conf.beg_label_seq_id 
_struct_conf.pdbx_beg_PDB_ins_code 
_struct_conf.end_label_comp_id 
_struct_conf.end_label_asym_id 
_struct_conf.end_label_seq_id 
_struct_conf.pdbx_end_PDB_ins_code 
_struct_conf.beg_auth_comp_id 
_struct_conf.beg_auth_asym_id 
_struct_conf.beg_auth_seq_id 
_struct_conf.end_auth_comp_id 
_struct_conf.end_auth_asym_id 
_struct_conf.end_auth_seq_id 
_struct_conf.pdbx_PDB_helix_class 
_struct_conf.details 
_struct_conf.pdbx_PDB_helix_length 
HELX_P HELX_P1 1 SER A 12 ? VAL A 17  ? SER A 12 VAL A 17  1 ? 6  
HELX_P HELX_P2 2 CYS A 33 ? TYR A 50  ? CYS A 33 TYR A 50  1 ? 18 
HELX_P HELX_P3 3 GLY A 66 ? TYR A 71  ? GLY A 66 TYR A 71  1 ? 6  
HELX_P HELX_P4 4 SER A 96 ? ALA A 110 ? SER A 96 ALA A 110 1 ? 15 
HELX_P HELX_P5 5 SER B 12 ? VAL B 17  ? SER B 12 VAL B 17  1 ? 6  
HELX_P HELX_P6 6 CYS B 33 ? TYR B 50  ? CYS B 33 TYR B 50  1 ? 18 
HELX_P HELX_P7 7 THR B 67 ? GLY B 72  ? THR B 67 GLY B 72  5 ? 6  
HELX_P HELX_P8 8 SER B 96 ? ALA B 109 ? SER B 96 ALA B 109 1 ? 14 
# 
_struct_conf_type.id          HELX_P 
_struct_conf_type.criteria    ? 
_struct_conf_type.reference   ? 
# 
loop_
_struct_conn.id 
_struct_conn.conn_type_id 
_struct_conn.pdbx_leaving_atom_flag 
_struct_conn.pdbx_PDB_id 
_struct_conn.ptnr1_label_asym_id 
_struct_conn.ptnr1_label_comp_id 
_struct_conn.ptnr1_label_seq_id 
_struct_conn.ptnr1_label_atom_id 
_struct_conn.pdbx_ptnr1_label_alt_id 
_struct_conn.pdbx_ptnr1_PDB_ins_code 
_struct_conn.pdbx_ptnr1_standard_comp_id 
_struct_conn.ptnr1_symmetry 
_struct_conn.ptnr2_label_asym_id 
_struct_conn.ptnr2_label_comp_id 
_struct_conn.ptnr2_label_seq_id 
_struct_conn.ptnr2_label_atom_id 
_struct_conn.pdbx_ptnr2_label_alt_id 
_struct_conn.pdbx_ptnr2_PDB_ins_code 
_struct_conn.ptnr1_auth_asym_id 
_struct_conn.ptnr1_auth_comp_id 
_struct_conn.ptnr1_auth_seq_id 
_struct_conn.ptnr2_auth_asym_id 
_struct_conn.ptnr2_auth_comp_id 
_struct_conn.ptnr2_auth_seq_id 
_struct_conn.ptnr2_symmetry 
_struct_conn.pdbx_ptnr3_label_atom_id 
_struct_conn.pdbx_ptnr3_label_seq_id 
_struct_conn.pdbx_ptnr3_label_comp_id 
_struct_conn.pdbx_ptnr3_label_asym_id 
_struct_conn.pdbx_ptnr3_label_alt_id 
_struct_conn.pdbx_ptnr3_PDB_ins_code 
_struct_conn.details 
_struct_conn.pdbx_dist_value 
_struct_conn.pdbx_value_order 
_struct_conn.pdbx_role 
disulf1 disulf ? ? A CYS 33 SG ? ? ? 1_555 A CYS 36 SG ? ? A CYS 33 A CYS 36 1_555 ? ? ? ? ? ? ? 2.032 ? ? 
disulf2 disulf ? ? B CYS 33 SG ? ? ? 1_555 B CYS 36 SG ? ? B CYS 33 B CYS 36 1_555 ? ? ? ? ? ? ? 2.035 ? ? 
# 
_struct_conn_type.id          disulf 
_struct_conn_type.criteria    ? 
_struct_conn_type.reference   ? 
# 
loop_
_pdbx_modification_feature.ordinal 
_pdbx_modification_feature.label_comp_id 
_pdbx_modification_feature.label_asym_id 
_pdbx_modification_feature.label_seq_id 
_pdbx_modification_feature.label_alt_id 
_pdbx_modification_feature.modified_residue_label_comp_id 
_pdbx_modification_feature.modified_residue_label_asym_id 
_pdbx_modification_feature.modified_residue_label_seq_id 
_pdbx_modification_feature.modified_residue_label_alt_id 
_pdbx_modification_feature.auth_comp_id 
_pdbx_modification_feature.auth_asym_id 
_pdbx_modification_feature.auth_seq_id 
_pdbx_modification_feature.PDB_ins_code 
_pdbx_modification_feature.symmetry 
_pdbx_modification_feature.modified_residue_auth_comp_id 
_pdbx_modification_feature.modified_residue_auth_asym_id 
_pdbx_modification_feature.modified_residue_auth_seq_id 
_pdbx_modification_feature.modified_residue_PDB_ins_code 
_pdbx_modification_feature.modified_residue_symmetry 
_pdbx_modification_feature.comp_id_linking_atom 
_pdbx_modification_feature.modified_residue_id_linking_atom 
_pdbx_modification_feature.modified_residue_id 
_pdbx_modification_feature.ref_pcm_id 
_pdbx_modification_feature.ref_comp_id 
_pdbx_modification_feature.type 
_pdbx_modification_feature.category 
1 CYS A 33 ? CYS A 36 ? CYS A 33 ? 1_555 CYS A 36 ? 1_555 SG SG . . . None 'Disulfide bridge' 
2 CYS B 33 ? CYS B 36 ? CYS B 33 ? 1_555 CYS B 36 ? 1_555 SG SG . . . None 'Disulfide bridge' 
# 
loop_
_struct_mon_prot_cis.pdbx_id 
_struct_mon_prot_cis.label_comp_id 
_struct_mon_prot_cis.label_seq_id 
_struct_mon_prot_cis.label_asym_id 
_struct_mon_prot_cis.label_alt_id 
_struct_mon_prot_cis.pdbx_PDB_ins_code 
_struct_mon_prot_cis.auth_comp_id 
_struct_mon_prot_cis.auth_seq_id 
_struct_mon_prot_cis.auth_asym_id 
_struct_mon_prot_cis.pdbx_label_comp_id_2 
_struct_mon_prot_cis.pdbx_label_seq_id_2 
_struct_mon_prot_cis.pdbx_label_asym_id_2 
_struct_mon_prot_cis.pdbx_PDB_ins_code_2 
_struct_mon_prot_cis.pdbx_auth_comp_id_2 
_struct_mon_prot_cis.pdbx_auth_seq_id_2 
_struct_mon_prot_cis.pdbx_auth_asym_id_2 
_struct_mon_prot_cis.pdbx_PDB_model_num 
_struct_mon_prot_cis.pdbx_omega_angle 
1 THR 76 A . ? THR 76 A PRO 77 A ? PRO 77 A 1 -0.95 
2 THR 76 B . ? THR 76 B PRO 77 B ? PRO 77 B 1 -4.49 
# 
loop_
_struct_sheet.id 
_struct_sheet.type 
_struct_sheet.number_strands 
_struct_sheet.details 
A ? 5 ? 
B ? 5 ? 
# 
loop_
_struct_sheet_order.sheet_id 
_struct_sheet_order.range_id_1 
_struct_sheet_order.range_id_2 
_struct_sheet_order.offset 
_struct_sheet_order.sense 
A 1 2 ? parallel      
A 2 3 ? parallel      
A 3 4 ? anti-parallel 
A 4 5 ? anti-parallel 
B 1 2 ? parallel      
B 2 3 ? parallel      
B 3 4 ? anti-parallel 
B 4 5 ? anti-parallel 
# 
loop_
_struct_sheet_range.sheet_id 
_struct_sheet_range.id 
_struct_sheet_range.beg_label_comp_id 
_struct_sheet_range.beg_label_asym_id 
_struct_sheet_range.beg_label_seq_id 
_struct_sheet_range.pdbx_beg_PDB_ins_code 
_struct_sheet_range.end_label_comp_id 
_struct_sheet_range.end_label_asym_id 
_struct_sheet_range.end_label_seq_id 
_struct_sheet_range.pdbx_end_PDB_ins_code 
_struct_sheet_range.beg_auth_comp_id 
_struct_sheet_range.beg_auth_asym_id 
_struct_sheet_range.beg_auth_seq_id 
_struct_sheet_range.end_auth_comp_id 
_struct_sheet_range.end_auth_asym_id 
_struct_sheet_range.end_auth_seq_id 
A 1 ILE A 6  ? LEU A 8  ? ILE A 6  LEU A 8  
A 2 THR A 55 ? ASN A 60 ? THR A 55 ASN A 60 
A 3 ILE A 24 ? TRP A 29 ? ILE A 24 TRP A 29 
A 4 THR A 78 ? LYS A 83 ? THR A 78 LYS A 83 
A 5 GLU A 86 ? VAL A 92 ? GLU A 86 VAL A 92 
B 1 ILE B 6  ? HIS B 7  ? ILE B 6  HIS B 7  
B 2 LEU B 54 ? ASN B 60 ? LEU B 54 ASN B 60 
B 3 ALA B 23 ? TRP B 29 ? ALA B 23 TRP B 29 
B 4 THR B 78 ? LYS B 83 ? THR B 78 LYS B 83 
B 5 GLU B 86 ? VAL B 92 ? GLU B 86 VAL B 92 
# 
loop_
_pdbx_struct_sheet_hbond.sheet_id 
_pdbx_struct_sheet_hbond.range_id_1 
_pdbx_struct_sheet_hbond.range_id_2 
_pdbx_struct_sheet_hbond.range_1_label_atom_id 
_pdbx_struct_sheet_hbond.range_1_label_comp_id 
_pdbx_struct_sheet_hbond.range_1_label_asym_id 
_pdbx_struct_sheet_hbond.range_1_label_seq_id 
_pdbx_struct_sheet_hbond.range_1_PDB_ins_code 
_pdbx_struct_sheet_hbond.range_1_auth_atom_id 
_pdbx_struct_sheet_hbond.range_1_auth_comp_id 
_pdbx_struct_sheet_hbond.range_1_auth_asym_id 
_pdbx_struct_sheet_hbond.range_1_auth_seq_id 
_pdbx_struct_sheet_hbond.range_2_label_atom_id 
_pdbx_struct_sheet_hbond.range_2_label_comp_id 
_pdbx_struct_sheet_hbond.range_2_label_asym_id 
_pdbx_struct_sheet_hbond.range_2_label_seq_id 
_pdbx_struct_sheet_hbond.range_2_PDB_ins_code 
_pdbx_struct_sheet_hbond.range_2_auth_atom_id 
_pdbx_struct_sheet_hbond.range_2_auth_comp_id 
_pdbx_struct_sheet_hbond.range_2_auth_asym_id 
_pdbx_struct_sheet_hbond.range_2_auth_seq_id 
A 1 2 N ILE A 6  ? N ILE A 6  O LYS A 58 ? O LYS A 58 
A 2 3 O ALA A 57 ? O ALA A 57 N LEU A 25 ? N LEU A 25 
A 3 4 N ILE A 24 ? N ILE A 24 O PHE A 82 ? O PHE A 82 
A 4 5 N LEU A 81 ? N LEU A 81 O ALA A 88 ? O ALA A 88 
B 1 2 N ILE B 6  ? N ILE B 6  O VAL B 56 ? O VAL B 56 
B 2 3 O ALA B 57 ? O ALA B 57 N ASP B 27 ? N ASP B 27 
B 3 4 N PHE B 28 ? N PHE B 28 O THR B 78 ? O THR B 78 
B 4 5 N LYS B 83 ? N LYS B 83 O GLU B 86 ? O GLU B 86 
# 
_pdbx_entry_details.entry_id                   3DYR 
_pdbx_entry_details.compound_details           ? 
_pdbx_entry_details.source_details             ? 
_pdbx_entry_details.nonpolymer_details         ? 
_pdbx_entry_details.sequence_details           ? 
_pdbx_entry_details.has_ligand_of_interest     ? 
_pdbx_entry_details.has_protein_modification   Y 
# 
_pdbx_validate_symm_contact.id                1 
_pdbx_validate_symm_contact.PDB_model_num     1 
_pdbx_validate_symm_contact.auth_atom_id_1    O 
_pdbx_validate_symm_contact.auth_asym_id_1    A 
_pdbx_validate_symm_contact.auth_comp_id_1    HOH 
_pdbx_validate_symm_contact.auth_seq_id_1     174 
_pdbx_validate_symm_contact.PDB_ins_code_1    ? 
_pdbx_validate_symm_contact.label_alt_id_1    ? 
_pdbx_validate_symm_contact.site_symmetry_1   1_555 
_pdbx_validate_symm_contact.auth_atom_id_2    O 
_pdbx_validate_symm_contact.auth_asym_id_2    A 
_pdbx_validate_symm_contact.auth_comp_id_2    HOH 
_pdbx_validate_symm_contact.auth_seq_id_2     183 
_pdbx_validate_symm_contact.PDB_ins_code_2    ? 
_pdbx_validate_symm_contact.label_alt_id_2    ? 
_pdbx_validate_symm_contact.site_symmetry_2   1_565 
_pdbx_validate_symm_contact.dist              2.12 
# 
_pdbx_phasing_MR.entry_id                     3DYR 
_pdbx_phasing_MR.method_rotation              'fast direct' 
_pdbx_phasing_MR.method_translation           &STRIP%trans_method 
_pdbx_phasing_MR.model_details                ? 
_pdbx_phasing_MR.R_factor                     ? 
_pdbx_phasing_MR.R_rigid_body                 ? 
_pdbx_phasing_MR.correlation_coeff_Fo_to_Fc   ? 
_pdbx_phasing_MR.correlation_coeff_Io_to_Ic   ? 
_pdbx_phasing_MR.d_res_high_rotation          ? 
_pdbx_phasing_MR.d_res_low_rotation           ? 
_pdbx_phasing_MR.d_res_high_translation       ? 
_pdbx_phasing_MR.d_res_low_translation        ? 
_pdbx_phasing_MR.packing                      ? 
_pdbx_phasing_MR.reflns_percent_rotation      ? 
_pdbx_phasing_MR.reflns_percent_translation   ? 
_pdbx_phasing_MR.sigma_F_rotation             ? 
_pdbx_phasing_MR.sigma_F_translation          ? 
_pdbx_phasing_MR.sigma_I_rotation             ? 
_pdbx_phasing_MR.sigma_I_translation          ? 
# 
_phasing.method   MR 
# 
loop_
_pdbx_unobs_or_zero_occ_residues.id 
_pdbx_unobs_or_zero_occ_residues.PDB_model_num 
_pdbx_unobs_or_zero_occ_residues.polymer_flag 
_pdbx_unobs_or_zero_occ_residues.occupancy_flag 
_pdbx_unobs_or_zero_occ_residues.auth_asym_id 
_pdbx_unobs_or_zero_occ_residues.auth_comp_id 
_pdbx_unobs_or_zero_occ_residues.auth_seq_id 
_pdbx_unobs_or_zero_occ_residues.PDB_ins_code 
_pdbx_unobs_or_zero_occ_residues.label_asym_id 
_pdbx_unobs_or_zero_occ_residues.label_comp_id 
_pdbx_unobs_or_zero_occ_residues.label_seq_id 
1 1 Y 1 B GLY 1   ? B GLY 1   
2 1 Y 1 B SER 2   ? B SER 2   
3 1 Y 1 B ALA 110 ? B ALA 110 
4 1 Y 1 B ALA 111 ? B ALA 111 
# 
loop_
_chem_comp_atom.comp_id 
_chem_comp_atom.atom_id 
_chem_comp_atom.type_symbol 
_chem_comp_atom.pdbx_aromatic_flag 
_chem_comp_atom.pdbx_stereo_config 
_chem_comp_atom.pdbx_ordinal 
ALA N    N N N 1   
ALA CA   C N S 2   
ALA C    C N N 3   
ALA O    O N N 4   
ALA CB   C N N 5   
ALA OXT  O N N 6   
ALA H    H N N 7   
ALA H2   H N N 8   
ALA HA   H N N 9   
ALA HB1  H N N 10  
ALA HB2  H N N 11  
ALA HB3  H N N 12  
ALA HXT  H N N 13  
ARG N    N N N 14  
ARG CA   C N S 15  
ARG C    C N N 16  
ARG O    O N N 17  
ARG CB   C N N 18  
ARG CG   C N N 19  
ARG CD   C N N 20  
ARG NE   N N N 21  
ARG CZ   C N N 22  
ARG NH1  N N N 23  
ARG NH2  N N N 24  
ARG OXT  O N N 25  
ARG H    H N N 26  
ARG H2   H N N 27  
ARG HA   H N N 28  
ARG HB2  H N N 29  
ARG HB3  H N N 30  
ARG HG2  H N N 31  
ARG HG3  H N N 32  
ARG HD2  H N N 33  
ARG HD3  H N N 34  
ARG HE   H N N 35  
ARG HH11 H N N 36  
ARG HH12 H N N 37  
ARG HH21 H N N 38  
ARG HH22 H N N 39  
ARG HXT  H N N 40  
ASN N    N N N 41  
ASN CA   C N S 42  
ASN C    C N N 43  
ASN O    O N N 44  
ASN CB   C N N 45  
ASN CG   C N N 46  
ASN OD1  O N N 47  
ASN ND2  N N N 48  
ASN OXT  O N N 49  
ASN H    H N N 50  
ASN H2   H N N 51  
ASN HA   H N N 52  
ASN HB2  H N N 53  
ASN HB3  H N N 54  
ASN HD21 H N N 55  
ASN HD22 H N N 56  
ASN HXT  H N N 57  
ASP N    N N N 58  
ASP CA   C N S 59  
ASP C    C N N 60  
ASP O    O N N 61  
ASP CB   C N N 62  
ASP CG   C N N 63  
ASP OD1  O N N 64  
ASP OD2  O N N 65  
ASP OXT  O N N 66  
ASP H    H N N 67  
ASP H2   H N N 68  
ASP HA   H N N 69  
ASP HB2  H N N 70  
ASP HB3  H N N 71  
ASP HD2  H N N 72  
ASP HXT  H N N 73  
CYS N    N N N 74  
CYS CA   C N R 75  
CYS C    C N N 76  
CYS O    O N N 77  
CYS CB   C N N 78  
CYS SG   S N N 79  
CYS OXT  O N N 80  
CYS H    H N N 81  
CYS H2   H N N 82  
CYS HA   H N N 83  
CYS HB2  H N N 84  
CYS HB3  H N N 85  
CYS HG   H N N 86  
CYS HXT  H N N 87  
GLN N    N N N 88  
GLN CA   C N S 89  
GLN C    C N N 90  
GLN O    O N N 91  
GLN CB   C N N 92  
GLN CG   C N N 93  
GLN CD   C N N 94  
GLN OE1  O N N 95  
GLN NE2  N N N 96  
GLN OXT  O N N 97  
GLN H    H N N 98  
GLN H2   H N N 99  
GLN HA   H N N 100 
GLN HB2  H N N 101 
GLN HB3  H N N 102 
GLN HG2  H N N 103 
GLN HG3  H N N 104 
GLN HE21 H N N 105 
GLN HE22 H N N 106 
GLN HXT  H N N 107 
GLU N    N N N 108 
GLU CA   C N S 109 
GLU C    C N N 110 
GLU O    O N N 111 
GLU CB   C N N 112 
GLU CG   C N N 113 
GLU CD   C N N 114 
GLU OE1  O N N 115 
GLU OE2  O N N 116 
GLU OXT  O N N 117 
GLU H    H N N 118 
GLU H2   H N N 119 
GLU HA   H N N 120 
GLU HB2  H N N 121 
GLU HB3  H N N 122 
GLU HG2  H N N 123 
GLU HG3  H N N 124 
GLU HE2  H N N 125 
GLU HXT  H N N 126 
GLY N    N N N 127 
GLY CA   C N N 128 
GLY C    C N N 129 
GLY O    O N N 130 
GLY OXT  O N N 131 
GLY H    H N N 132 
GLY H2   H N N 133 
GLY HA2  H N N 134 
GLY HA3  H N N 135 
GLY HXT  H N N 136 
HIS N    N N N 137 
HIS CA   C N S 138 
HIS C    C N N 139 
HIS O    O N N 140 
HIS CB   C N N 141 
HIS CG   C Y N 142 
HIS ND1  N Y N 143 
HIS CD2  C Y N 144 
HIS CE1  C Y N 145 
HIS NE2  N Y N 146 
HIS OXT  O N N 147 
HIS H    H N N 148 
HIS H2   H N N 149 
HIS HA   H N N 150 
HIS HB2  H N N 151 
HIS HB3  H N N 152 
HIS HD1  H N N 153 
HIS HD2  H N N 154 
HIS HE1  H N N 155 
HIS HE2  H N N 156 
HIS HXT  H N N 157 
HOH O    O N N 158 
HOH H1   H N N 159 
HOH H2   H N N 160 
ILE N    N N N 161 
ILE CA   C N S 162 
ILE C    C N N 163 
ILE O    O N N 164 
ILE CB   C N S 165 
ILE CG1  C N N 166 
ILE CG2  C N N 167 
ILE CD1  C N N 168 
ILE OXT  O N N 169 
ILE H    H N N 170 
ILE H2   H N N 171 
ILE HA   H N N 172 
ILE HB   H N N 173 
ILE HG12 H N N 174 
ILE HG13 H N N 175 
ILE HG21 H N N 176 
ILE HG22 H N N 177 
ILE HG23 H N N 178 
ILE HD11 H N N 179 
ILE HD12 H N N 180 
ILE HD13 H N N 181 
ILE HXT  H N N 182 
LEU N    N N N 183 
LEU CA   C N S 184 
LEU C    C N N 185 
LEU O    O N N 186 
LEU CB   C N N 187 
LEU CG   C N N 188 
LEU CD1  C N N 189 
LEU CD2  C N N 190 
LEU OXT  O N N 191 
LEU H    H N N 192 
LEU H2   H N N 193 
LEU HA   H N N 194 
LEU HB2  H N N 195 
LEU HB3  H N N 196 
LEU HG   H N N 197 
LEU HD11 H N N 198 
LEU HD12 H N N 199 
LEU HD13 H N N 200 
LEU HD21 H N N 201 
LEU HD22 H N N 202 
LEU HD23 H N N 203 
LEU HXT  H N N 204 
LYS N    N N N 205 
LYS CA   C N S 206 
LYS C    C N N 207 
LYS O    O N N 208 
LYS CB   C N N 209 
LYS CG   C N N 210 
LYS CD   C N N 211 
LYS CE   C N N 212 
LYS NZ   N N N 213 
LYS OXT  O N N 214 
LYS H    H N N 215 
LYS H2   H N N 216 
LYS HA   H N N 217 
LYS HB2  H N N 218 
LYS HB3  H N N 219 
LYS HG2  H N N 220 
LYS HG3  H N N 221 
LYS HD2  H N N 222 
LYS HD3  H N N 223 
LYS HE2  H N N 224 
LYS HE3  H N N 225 
LYS HZ1  H N N 226 
LYS HZ2  H N N 227 
LYS HZ3  H N N 228 
LYS HXT  H N N 229 
MET N    N N N 230 
MET CA   C N S 231 
MET C    C N N 232 
MET O    O N N 233 
MET CB   C N N 234 
MET CG   C N N 235 
MET SD   S N N 236 
MET CE   C N N 237 
MET OXT  O N N 238 
MET H    H N N 239 
MET H2   H N N 240 
MET HA   H N N 241 
MET HB2  H N N 242 
MET HB3  H N N 243 
MET HG2  H N N 244 
MET HG3  H N N 245 
MET HE1  H N N 246 
MET HE2  H N N 247 
MET HE3  H N N 248 
MET HXT  H N N 249 
PHE N    N N N 250 
PHE CA   C N S 251 
PHE C    C N N 252 
PHE O    O N N 253 
PHE CB   C N N 254 
PHE CG   C Y N 255 
PHE CD1  C Y N 256 
PHE CD2  C Y N 257 
PHE CE1  C Y N 258 
PHE CE2  C Y N 259 
PHE CZ   C Y N 260 
PHE OXT  O N N 261 
PHE H    H N N 262 
PHE H2   H N N 263 
PHE HA   H N N 264 
PHE HB2  H N N 265 
PHE HB3  H N N 266 
PHE HD1  H N N 267 
PHE HD2  H N N 268 
PHE HE1  H N N 269 
PHE HE2  H N N 270 
PHE HZ   H N N 271 
PHE HXT  H N N 272 
PRO N    N N N 273 
PRO CA   C N S 274 
PRO C    C N N 275 
PRO O    O N N 276 
PRO CB   C N N 277 
PRO CG   C N N 278 
PRO CD   C N N 279 
PRO OXT  O N N 280 
PRO H    H N N 281 
PRO HA   H N N 282 
PRO HB2  H N N 283 
PRO HB3  H N N 284 
PRO HG2  H N N 285 
PRO HG3  H N N 286 
PRO HD2  H N N 287 
PRO HD3  H N N 288 
PRO HXT  H N N 289 
SER N    N N N 290 
SER CA   C N S 291 
SER C    C N N 292 
SER O    O N N 293 
SER CB   C N N 294 
SER OG   O N N 295 
SER OXT  O N N 296 
SER H    H N N 297 
SER H2   H N N 298 
SER HA   H N N 299 
SER HB2  H N N 300 
SER HB3  H N N 301 
SER HG   H N N 302 
SER HXT  H N N 303 
THR N    N N N 304 
THR CA   C N S 305 
THR C    C N N 306 
THR O    O N N 307 
THR CB   C N R 308 
THR OG1  O N N 309 
THR CG2  C N N 310 
THR OXT  O N N 311 
THR H    H N N 312 
THR H2   H N N 313 
THR HA   H N N 314 
THR HB   H N N 315 
THR HG1  H N N 316 
THR HG21 H N N 317 
THR HG22 H N N 318 
THR HG23 H N N 319 
THR HXT  H N N 320 
TRP N    N N N 321 
TRP CA   C N S 322 
TRP C    C N N 323 
TRP O    O N N 324 
TRP CB   C N N 325 
TRP CG   C Y N 326 
TRP CD1  C Y N 327 
TRP CD2  C Y N 328 
TRP NE1  N Y N 329 
TRP CE2  C Y N 330 
TRP CE3  C Y N 331 
TRP CZ2  C Y N 332 
TRP CZ3  C Y N 333 
TRP CH2  C Y N 334 
TRP OXT  O N N 335 
TRP H    H N N 336 
TRP H2   H N N 337 
TRP HA   H N N 338 
TRP HB2  H N N 339 
TRP HB3  H N N 340 
TRP HD1  H N N 341 
TRP HE1  H N N 342 
TRP HE3  H N N 343 
TRP HZ2  H N N 344 
TRP HZ3  H N N 345 
TRP HH2  H N N 346 
TRP HXT  H N N 347 
TYR N    N N N 348 
TYR CA   C N S 349 
TYR C    C N N 350 
TYR O    O N N 351 
TYR CB   C N N 352 
TYR CG   C Y N 353 
TYR CD1  C Y N 354 
TYR CD2  C Y N 355 
TYR CE1  C Y N 356 
TYR CE2  C Y N 357 
TYR CZ   C Y N 358 
TYR OH   O N N 359 
TYR OXT  O N N 360 
TYR H    H N N 361 
TYR H2   H N N 362 
TYR HA   H N N 363 
TYR HB2  H N N 364 
TYR HB3  H N N 365 
TYR HD1  H N N 366 
TYR HD2  H N N 367 
TYR HE1  H N N 368 
TYR HE2  H N N 369 
TYR HH   H N N 370 
TYR HXT  H N N 371 
VAL N    N N N 372 
VAL CA   C N S 373 
VAL C    C N N 374 
VAL O    O N N 375 
VAL CB   C N N 376 
VAL CG1  C N N 377 
VAL CG2  C N N 378 
VAL OXT  O N N 379 
VAL H    H N N 380 
VAL H2   H N N 381 
VAL HA   H N N 382 
VAL HB   H N N 383 
VAL HG11 H N N 384 
VAL HG12 H N N 385 
VAL HG13 H N N 386 
VAL HG21 H N N 387 
VAL HG22 H N N 388 
VAL HG23 H N N 389 
VAL HXT  H N N 390 
# 
loop_
_chem_comp_bond.comp_id 
_chem_comp_bond.atom_id_1 
_chem_comp_bond.atom_id_2 
_chem_comp_bond.value_order 
_chem_comp_bond.pdbx_aromatic_flag 
_chem_comp_bond.pdbx_stereo_config 
_chem_comp_bond.pdbx_ordinal 
ALA N   CA   sing N N 1   
ALA N   H    sing N N 2   
ALA N   H2   sing N N 3   
ALA CA  C    sing N N 4   
ALA CA  CB   sing N N 5   
ALA CA  HA   sing N N 6   
ALA C   O    doub N N 7   
ALA C   OXT  sing N N 8   
ALA CB  HB1  sing N N 9   
ALA CB  HB2  sing N N 10  
ALA CB  HB3  sing N N 11  
ALA OXT HXT  sing N N 12  
ARG N   CA   sing N N 13  
ARG N   H    sing N N 14  
ARG N   H2   sing N N 15  
ARG CA  C    sing N N 16  
ARG CA  CB   sing N N 17  
ARG CA  HA   sing N N 18  
ARG C   O    doub N N 19  
ARG C   OXT  sing N N 20  
ARG CB  CG   sing N N 21  
ARG CB  HB2  sing N N 22  
ARG CB  HB3  sing N N 23  
ARG CG  CD   sing N N 24  
ARG CG  HG2  sing N N 25  
ARG CG  HG3  sing N N 26  
ARG CD  NE   sing N N 27  
ARG CD  HD2  sing N N 28  
ARG CD  HD3  sing N N 29  
ARG NE  CZ   sing N N 30  
ARG NE  HE   sing N N 31  
ARG CZ  NH1  sing N N 32  
ARG CZ  NH2  doub N N 33  
ARG NH1 HH11 sing N N 34  
ARG NH1 HH12 sing N N 35  
ARG NH2 HH21 sing N N 36  
ARG NH2 HH22 sing N N 37  
ARG OXT HXT  sing N N 38  
ASN N   CA   sing N N 39  
ASN N   H    sing N N 40  
ASN N   H2   sing N N 41  
ASN CA  C    sing N N 42  
ASN CA  CB   sing N N 43  
ASN CA  HA   sing N N 44  
ASN C   O    doub N N 45  
ASN C   OXT  sing N N 46  
ASN CB  CG   sing N N 47  
ASN CB  HB2  sing N N 48  
ASN CB  HB3  sing N N 49  
ASN CG  OD1  doub N N 50  
ASN CG  ND2  sing N N 51  
ASN ND2 HD21 sing N N 52  
ASN ND2 HD22 sing N N 53  
ASN OXT HXT  sing N N 54  
ASP N   CA   sing N N 55  
ASP N   H    sing N N 56  
ASP N   H2   sing N N 57  
ASP CA  C    sing N N 58  
ASP CA  CB   sing N N 59  
ASP CA  HA   sing N N 60  
ASP C   O    doub N N 61  
ASP C   OXT  sing N N 62  
ASP CB  CG   sing N N 63  
ASP CB  HB2  sing N N 64  
ASP CB  HB3  sing N N 65  
ASP CG  OD1  doub N N 66  
ASP CG  OD2  sing N N 67  
ASP OD2 HD2  sing N N 68  
ASP OXT HXT  sing N N 69  
CYS N   CA   sing N N 70  
CYS N   H    sing N N 71  
CYS N   H2   sing N N 72  
CYS CA  C    sing N N 73  
CYS CA  CB   sing N N 74  
CYS CA  HA   sing N N 75  
CYS C   O    doub N N 76  
CYS C   OXT  sing N N 77  
CYS CB  SG   sing N N 78  
CYS CB  HB2  sing N N 79  
CYS CB  HB3  sing N N 80  
CYS SG  HG   sing N N 81  
CYS OXT HXT  sing N N 82  
GLN N   CA   sing N N 83  
GLN N   H    sing N N 84  
GLN N   H2   sing N N 85  
GLN CA  C    sing N N 86  
GLN CA  CB   sing N N 87  
GLN CA  HA   sing N N 88  
GLN C   O    doub N N 89  
GLN C   OXT  sing N N 90  
GLN CB  CG   sing N N 91  
GLN CB  HB2  sing N N 92  
GLN CB  HB3  sing N N 93  
GLN CG  CD   sing N N 94  
GLN CG  HG2  sing N N 95  
GLN CG  HG3  sing N N 96  
GLN CD  OE1  doub N N 97  
GLN CD  NE2  sing N N 98  
GLN NE2 HE21 sing N N 99  
GLN NE2 HE22 sing N N 100 
GLN OXT HXT  sing N N 101 
GLU N   CA   sing N N 102 
GLU N   H    sing N N 103 
GLU N   H2   sing N N 104 
GLU CA  C    sing N N 105 
GLU CA  CB   sing N N 106 
GLU CA  HA   sing N N 107 
GLU C   O    doub N N 108 
GLU C   OXT  sing N N 109 
GLU CB  CG   sing N N 110 
GLU CB  HB2  sing N N 111 
GLU CB  HB3  sing N N 112 
GLU CG  CD   sing N N 113 
GLU CG  HG2  sing N N 114 
GLU CG  HG3  sing N N 115 
GLU CD  OE1  doub N N 116 
GLU CD  OE2  sing N N 117 
GLU OE2 HE2  sing N N 118 
GLU OXT HXT  sing N N 119 
GLY N   CA   sing N N 120 
GLY N   H    sing N N 121 
GLY N   H2   sing N N 122 
GLY CA  C    sing N N 123 
GLY CA  HA2  sing N N 124 
GLY CA  HA3  sing N N 125 
GLY C   O    doub N N 126 
GLY C   OXT  sing N N 127 
GLY OXT HXT  sing N N 128 
HIS N   CA   sing N N 129 
HIS N   H    sing N N 130 
HIS N   H2   sing N N 131 
HIS CA  C    sing N N 132 
HIS CA  CB   sing N N 133 
HIS CA  HA   sing N N 134 
HIS C   O    doub N N 135 
HIS C   OXT  sing N N 136 
HIS CB  CG   sing N N 137 
HIS CB  HB2  sing N N 138 
HIS CB  HB3  sing N N 139 
HIS CG  ND1  sing Y N 140 
HIS CG  CD2  doub Y N 141 
HIS ND1 CE1  doub Y N 142 
HIS ND1 HD1  sing N N 143 
HIS CD2 NE2  sing Y N 144 
HIS CD2 HD2  sing N N 145 
HIS CE1 NE2  sing Y N 146 
HIS CE1 HE1  sing N N 147 
HIS NE2 HE2  sing N N 148 
HIS OXT HXT  sing N N 149 
HOH O   H1   sing N N 150 
HOH O   H2   sing N N 151 
ILE N   CA   sing N N 152 
ILE N   H    sing N N 153 
ILE N   H2   sing N N 154 
ILE CA  C    sing N N 155 
ILE CA  CB   sing N N 156 
ILE CA  HA   sing N N 157 
ILE C   O    doub N N 158 
ILE C   OXT  sing N N 159 
ILE CB  CG1  sing N N 160 
ILE CB  CG2  sing N N 161 
ILE CB  HB   sing N N 162 
ILE CG1 CD1  sing N N 163 
ILE CG1 HG12 sing N N 164 
ILE CG1 HG13 sing N N 165 
ILE CG2 HG21 sing N N 166 
ILE CG2 HG22 sing N N 167 
ILE CG2 HG23 sing N N 168 
ILE CD1 HD11 sing N N 169 
ILE CD1 HD12 sing N N 170 
ILE CD1 HD13 sing N N 171 
ILE OXT HXT  sing N N 172 
LEU N   CA   sing N N 173 
LEU N   H    sing N N 174 
LEU N   H2   sing N N 175 
LEU CA  C    sing N N 176 
LEU CA  CB   sing N N 177 
LEU CA  HA   sing N N 178 
LEU C   O    doub N N 179 
LEU C   OXT  sing N N 180 
LEU CB  CG   sing N N 181 
LEU CB  HB2  sing N N 182 
LEU CB  HB3  sing N N 183 
LEU CG  CD1  sing N N 184 
LEU CG  CD2  sing N N 185 
LEU CG  HG   sing N N 186 
LEU CD1 HD11 sing N N 187 
LEU CD1 HD12 sing N N 188 
LEU CD1 HD13 sing N N 189 
LEU CD2 HD21 sing N N 190 
LEU CD2 HD22 sing N N 191 
LEU CD2 HD23 sing N N 192 
LEU OXT HXT  sing N N 193 
LYS N   CA   sing N N 194 
LYS N   H    sing N N 195 
LYS N   H2   sing N N 196 
LYS CA  C    sing N N 197 
LYS CA  CB   sing N N 198 
LYS CA  HA   sing N N 199 
LYS C   O    doub N N 200 
LYS C   OXT  sing N N 201 
LYS CB  CG   sing N N 202 
LYS CB  HB2  sing N N 203 
LYS CB  HB3  sing N N 204 
LYS CG  CD   sing N N 205 
LYS CG  HG2  sing N N 206 
LYS CG  HG3  sing N N 207 
LYS CD  CE   sing N N 208 
LYS CD  HD2  sing N N 209 
LYS CD  HD3  sing N N 210 
LYS CE  NZ   sing N N 211 
LYS CE  HE2  sing N N 212 
LYS CE  HE3  sing N N 213 
LYS NZ  HZ1  sing N N 214 
LYS NZ  HZ2  sing N N 215 
LYS NZ  HZ3  sing N N 216 
LYS OXT HXT  sing N N 217 
MET N   CA   sing N N 218 
MET N   H    sing N N 219 
MET N   H2   sing N N 220 
MET CA  C    sing N N 221 
MET CA  CB   sing N N 222 
MET CA  HA   sing N N 223 
MET C   O    doub N N 224 
MET C   OXT  sing N N 225 
MET CB  CG   sing N N 226 
MET CB  HB2  sing N N 227 
MET CB  HB3  sing N N 228 
MET CG  SD   sing N N 229 
MET CG  HG2  sing N N 230 
MET CG  HG3  sing N N 231 
MET SD  CE   sing N N 232 
MET CE  HE1  sing N N 233 
MET CE  HE2  sing N N 234 
MET CE  HE3  sing N N 235 
MET OXT HXT  sing N N 236 
PHE N   CA   sing N N 237 
PHE N   H    sing N N 238 
PHE N   H2   sing N N 239 
PHE CA  C    sing N N 240 
PHE CA  CB   sing N N 241 
PHE CA  HA   sing N N 242 
PHE C   O    doub N N 243 
PHE C   OXT  sing N N 244 
PHE CB  CG   sing N N 245 
PHE CB  HB2  sing N N 246 
PHE CB  HB3  sing N N 247 
PHE CG  CD1  doub Y N 248 
PHE CG  CD2  sing Y N 249 
PHE CD1 CE1  sing Y N 250 
PHE CD1 HD1  sing N N 251 
PHE CD2 CE2  doub Y N 252 
PHE CD2 HD2  sing N N 253 
PHE CE1 CZ   doub Y N 254 
PHE CE1 HE1  sing N N 255 
PHE CE2 CZ   sing Y N 256 
PHE CE2 HE2  sing N N 257 
PHE CZ  HZ   sing N N 258 
PHE OXT HXT  sing N N 259 
PRO N   CA   sing N N 260 
PRO N   CD   sing N N 261 
PRO N   H    sing N N 262 
PRO CA  C    sing N N 263 
PRO CA  CB   sing N N 264 
PRO CA  HA   sing N N 265 
PRO C   O    doub N N 266 
PRO C   OXT  sing N N 267 
PRO CB  CG   sing N N 268 
PRO CB  HB2  sing N N 269 
PRO CB  HB3  sing N N 270 
PRO CG  CD   sing N N 271 
PRO CG  HG2  sing N N 272 
PRO CG  HG3  sing N N 273 
PRO CD  HD2  sing N N 274 
PRO CD  HD3  sing N N 275 
PRO OXT HXT  sing N N 276 
SER N   CA   sing N N 277 
SER N   H    sing N N 278 
SER N   H2   sing N N 279 
SER CA  C    sing N N 280 
SER CA  CB   sing N N 281 
SER CA  HA   sing N N 282 
SER C   O    doub N N 283 
SER C   OXT  sing N N 284 
SER CB  OG   sing N N 285 
SER CB  HB2  sing N N 286 
SER CB  HB3  sing N N 287 
SER OG  HG   sing N N 288 
SER OXT HXT  sing N N 289 
THR N   CA   sing N N 290 
THR N   H    sing N N 291 
THR N   H2   sing N N 292 
THR CA  C    sing N N 293 
THR CA  CB   sing N N 294 
THR CA  HA   sing N N 295 
THR C   O    doub N N 296 
THR C   OXT  sing N N 297 
THR CB  OG1  sing N N 298 
THR CB  CG2  sing N N 299 
THR CB  HB   sing N N 300 
THR OG1 HG1  sing N N 301 
THR CG2 HG21 sing N N 302 
THR CG2 HG22 sing N N 303 
THR CG2 HG23 sing N N 304 
THR OXT HXT  sing N N 305 
TRP N   CA   sing N N 306 
TRP N   H    sing N N 307 
TRP N   H2   sing N N 308 
TRP CA  C    sing N N 309 
TRP CA  CB   sing N N 310 
TRP CA  HA   sing N N 311 
TRP C   O    doub N N 312 
TRP C   OXT  sing N N 313 
TRP CB  CG   sing N N 314 
TRP CB  HB2  sing N N 315 
TRP CB  HB3  sing N N 316 
TRP CG  CD1  doub Y N 317 
TRP CG  CD2  sing Y N 318 
TRP CD1 NE1  sing Y N 319 
TRP CD1 HD1  sing N N 320 
TRP CD2 CE2  doub Y N 321 
TRP CD2 CE3  sing Y N 322 
TRP NE1 CE2  sing Y N 323 
TRP NE1 HE1  sing N N 324 
TRP CE2 CZ2  sing Y N 325 
TRP CE3 CZ3  doub Y N 326 
TRP CE3 HE3  sing N N 327 
TRP CZ2 CH2  doub Y N 328 
TRP CZ2 HZ2  sing N N 329 
TRP CZ3 CH2  sing Y N 330 
TRP CZ3 HZ3  sing N N 331 
TRP CH2 HH2  sing N N 332 
TRP OXT HXT  sing N N 333 
TYR N   CA   sing N N 334 
TYR N   H    sing N N 335 
TYR N   H2   sing N N 336 
TYR CA  C    sing N N 337 
TYR CA  CB   sing N N 338 
TYR CA  HA   sing N N 339 
TYR C   O    doub N N 340 
TYR C   OXT  sing N N 341 
TYR CB  CG   sing N N 342 
TYR CB  HB2  sing N N 343 
TYR CB  HB3  sing N N 344 
TYR CG  CD1  doub Y N 345 
TYR CG  CD2  sing Y N 346 
TYR CD1 CE1  sing Y N 347 
TYR CD1 HD1  sing N N 348 
TYR CD2 CE2  doub Y N 349 
TYR CD2 HD2  sing N N 350 
TYR CE1 CZ   doub Y N 351 
TYR CE1 HE1  sing N N 352 
TYR CE2 CZ   sing Y N 353 
TYR CE2 HE2  sing N N 354 
TYR CZ  OH   sing N N 355 
TYR OH  HH   sing N N 356 
TYR OXT HXT  sing N N 357 
VAL N   CA   sing N N 358 
VAL N   H    sing N N 359 
VAL N   H2   sing N N 360 
VAL CA  C    sing N N 361 
VAL CA  CB   sing N N 362 
VAL CA  HA   sing N N 363 
VAL C   O    doub N N 364 
VAL C   OXT  sing N N 365 
VAL CB  CG1  sing N N 366 
VAL CB  CG2  sing N N 367 
VAL CB  HB   sing N N 368 
VAL CG1 HG11 sing N N 369 
VAL CG1 HG12 sing N N 370 
VAL CG1 HG13 sing N N 371 
VAL CG2 HG21 sing N N 372 
VAL CG2 HG22 sing N N 373 
VAL CG2 HG23 sing N N 374 
VAL OXT HXT  sing N N 375 
# 
_atom_sites.entry_id                    3DYR 
_atom_sites.fract_transf_matrix[1][1]   -0.00722708 
_atom_sites.fract_transf_matrix[1][2]   -0.01529989 
_atom_sites.fract_transf_matrix[1][3]   -0.00263272 
_atom_sites.fract_transf_matrix[2][1]   -0.02293770 
_atom_sites.fract_transf_matrix[2][2]   0.01087669 
_atom_sites.fract_transf_matrix[2][3]   -0.00024295 
_atom_sites.fract_transf_matrix[3][1]   0.00028014 
_atom_sites.fract_transf_matrix[3][2]   0.00034265 
_atom_sites.fract_transf_matrix[3][3]   -0.01110919 
_atom_sites.fract_transf_vector[1]      0.706870 
_atom_sites.fract_transf_vector[2]      -0.901343 
_atom_sites.fract_transf_vector[3]      0.258273 
# 
loop_
_atom_type.symbol 
C 
N 
O 
S 
# 
loop_
_atom_site.group_PDB 
_atom_site.id 
_atom_site.type_symbol 
_atom_site.label_atom_id 
_atom_site.label_alt_id 
_atom_site.label_comp_id 
_atom_site.label_asym_id 
_atom_site.label_entity_id 
_atom_site.label_seq_id 
_atom_site.pdbx_PDB_ins_code 
_atom_site.Cartn_x 
_atom_site.Cartn_y 
_atom_site.Cartn_z 
_atom_site.occupancy 
_atom_site.B_iso_or_equiv 
_atom_site.pdbx_formal_charge 
_atom_site.auth_seq_id 
_atom_site.auth_comp_id 
_atom_site.auth_asym_id 
_atom_site.auth_atom_id 
_atom_site.pdbx_PDB_model_num 
ATOM   1    N N   . GLY A 1 1   ? -3.481  14.804  20.691  1.00 23.39 ? 1   GLY A N   1 
ATOM   2    C CA  . GLY A 1 1   ? -4.164  13.694  20.067  1.00 19.10 ? 1   GLY A CA  1 
ATOM   3    C C   . GLY A 1 1   ? -4.355  12.544  21.036  1.00 22.36 ? 1   GLY A C   1 
ATOM   4    O O   . GLY A 1 1   ? -3.676  12.471  22.058  1.00 22.35 ? 1   GLY A O   1 
ATOM   5    N N   . SER A 1 2   ? -5.285  11.645  20.722  1.00 21.07 ? 2   SER A N   1 
ATOM   6    C CA  . SER A 1 2   ? -5.484  10.456  21.547  1.00 24.44 ? 2   SER A CA  1 
ATOM   7    C C   . SER A 1 2   ? -4.191  9.650   21.675  1.00 27.18 ? 2   SER A C   1 
ATOM   8    O O   . SER A 1 2   ? -3.423  9.543   20.724  1.00 24.70 ? 2   SER A O   1 
ATOM   9    C CB  . SER A 1 2   ? -6.581  9.572   20.957  1.00 22.56 ? 2   SER A CB  1 
ATOM   10   O OG  . SER A 1 2   ? -6.687  8.373   21.708  1.00 29.54 ? 2   SER A OG  1 
ATOM   11   N N   . ASP A 1 3   ? -3.959  9.086   22.856  1.00 27.36 ? 3   ASP A N   1 
ATOM   12   C CA  . ASP A 1 3   ? -2.785  8.250   23.077  1.00 23.74 ? 3   ASP A CA  1 
ATOM   13   C C   . ASP A 1 3   ? -3.054  6.847   22.547  1.00 22.41 ? 3   ASP A C   1 
ATOM   14   O O   . ASP A 1 3   ? -2.219  5.953   22.662  1.00 25.32 ? 3   ASP A O   1 
ATOM   15   C CB  . ASP A 1 3   ? -2.408  8.206   24.566  1.00 23.58 ? 3   ASP A CB  1 
ATOM   16   C CG  . ASP A 1 3   ? -3.533  7.661   25.446  1.00 25.02 ? 3   ASP A CG  1 
ATOM   17   O OD1 . ASP A 1 3   ? -4.566  7.203   24.915  1.00 26.16 ? 3   ASP A OD1 1 
ATOM   18   O OD2 . ASP A 1 3   ? -3.389  7.707   26.685  1.00 26.22 ? 3   ASP A OD2 1 
ATOM   19   N N   . LYS A 1 4   ? -4.236  6.659   21.977  1.00 24.47 ? 4   LYS A N   1 
ATOM   20   C CA  . LYS A 1 4   ? -4.618  5.357   21.435  1.00 23.41 ? 4   LYS A CA  1 
ATOM   21   C C   . LYS A 1 4   ? -4.334  5.266   19.935  1.00 21.29 ? 4   LYS A C   1 
ATOM   22   O O   . LYS A 1 4   ? -4.441  4.198   19.320  1.00 20.72 ? 4   LYS A O   1 
ATOM   23   C CB  . LYS A 1 4   ? -6.088  5.092   21.731  1.00 26.82 ? 4   LYS A CB  1 
ATOM   24   C CG  . LYS A 1 4   ? -6.376  4.976   23.222  1.00 26.60 ? 4   LYS A CG  1 
ATOM   25   C CD  . LYS A 1 4   ? -7.864  4.985   23.506  1.00 31.48 ? 4   LYS A CD  1 
ATOM   26   C CE  . LYS A 1 4   ? -8.140  4.804   24.999  1.00 28.17 ? 4   LYS A CE  1 
ATOM   27   N NZ  . LYS A 1 4   ? -9.464  5.350   25.345  1.00 29.34 ? 4   LYS A NZ  1 
ATOM   28   N N   . ILE A 1 5   ? -3.948  6.393   19.353  1.00 21.47 ? 5   ILE A N   1 
ATOM   29   C CA  . ILE A 1 5   ? -3.620  6.433   17.941  1.00 20.00 ? 5   ILE A CA  1 
ATOM   30   C C   . ILE A 1 5   ? -2.175  5.993   17.706  1.00 25.74 ? 5   ILE A C   1 
ATOM   31   O O   . ILE A 1 5   ? -1.255  6.415   18.418  1.00 21.04 ? 5   ILE A O   1 
ATOM   32   C CB  . ILE A 1 5   ? -3.878  7.829   17.349  1.00 20.50 ? 5   ILE A CB  1 
ATOM   33   C CG1 . ILE A 1 5   ? -5.388  8.057   17.234  1.00 19.26 ? 5   ILE A CG1 1 
ATOM   34   C CG2 . ILE A 1 5   ? -3.231  7.963   15.973  1.00 19.79 ? 5   ILE A CG2 1 
ATOM   35   C CD1 . ILE A 1 5   ? -5.792  9.513   17.120  1.00 19.45 ? 5   ILE A CD1 1 
ATOM   36   N N   . ILE A 1 6   ? -1.995  5.125   16.717  1.00 21.22 ? 6   ILE A N   1 
ATOM   37   C CA  . ILE A 1 6   ? -0.677  4.648   16.345  1.00 22.88 ? 6   ILE A CA  1 
ATOM   38   C C   . ILE A 1 6   ? -0.160  5.526   15.238  1.00 23.95 ? 6   ILE A C   1 
ATOM   39   O O   . ILE A 1 6   ? -0.779  5.651   14.179  1.00 23.55 ? 6   ILE A O   1 
ATOM   40   C CB  . ILE A 1 6   ? -0.689  3.158   15.898  1.00 21.74 ? 6   ILE A CB  1 
ATOM   41   C CG1 . ILE A 1 6   ? -0.815  2.251   17.110  1.00 26.91 ? 6   ILE A CG1 1 
ATOM   42   C CG2 . ILE A 1 6   ? 0.595   2.786   15.179  1.00 25.42 ? 6   ILE A CG2 1 
ATOM   43   C CD1 . ILE A 1 6   ? -2.214  1.799   17.389  1.00 27.20 ? 6   ILE A CD1 1 
ATOM   44   N N   . HIS A 1 7   ? 0.972   6.162   15.503  1.00 23.02 ? 7   HIS A N   1 
ATOM   45   C CA  . HIS A 1 7   ? 1.617   7.009   14.530  1.00 21.25 ? 7   HIS A CA  1 
ATOM   46   C C   . HIS A 1 7   ? 2.565   6.143   13.730  1.00 24.21 ? 7   HIS A C   1 
ATOM   47   O O   . HIS A 1 7   ? 3.559   5.637   14.253  1.00 25.81 ? 7   HIS A O   1 
ATOM   48   C CB  . HIS A 1 7   ? 2.326   8.155   15.240  1.00 22.70 ? 7   HIS A CB  1 
ATOM   49   C CG  . HIS A 1 7   ? 1.390   9.026   16.019  1.00 21.43 ? 7   HIS A CG  1 
ATOM   50   N ND1 . HIS A 1 7   ? 0.702   10.070  15.449  1.00 25.01 ? 7   HIS A ND1 1 
ATOM   51   C CD2 . HIS A 1 7   ? 0.998   8.971   17.319  1.00 27.94 ? 7   HIS A CD2 1 
ATOM   52   C CE1 . HIS A 1 7   ? -0.063  10.645  16.369  1.00 25.27 ? 7   HIS A CE1 1 
ATOM   53   N NE2 . HIS A 1 7   ? 0.100   9.995   17.506  1.00 26.21 ? 7   HIS A NE2 1 
ATOM   54   N N   . LEU A 1 8   ? 2.204   5.942   12.467  1.00 20.06 ? 8   LEU A N   1 
ATOM   55   C CA  . LEU A 1 8   ? 2.943   5.095   11.549  1.00 21.92 ? 8   LEU A CA  1 
ATOM   56   C C   . LEU A 1 8   ? 4.033   5.892   10.847  1.00 16.01 ? 8   LEU A C   1 
ATOM   57   O O   . LEU A 1 8   ? 3.933   7.110   10.713  1.00 18.42 ? 8   LEU A O   1 
ATOM   58   C CB  . LEU A 1 8   ? 1.992   4.521   10.485  1.00 23.57 ? 8   LEU A CB  1 
ATOM   59   C CG  . LEU A 1 8   ? 0.621   3.982   10.906  1.00 21.75 ? 8   LEU A CG  1 
ATOM   60   C CD1 . LEU A 1 8   ? -0.373  4.083   9.762   1.00 20.97 ? 8   LEU A CD1 1 
ATOM   61   C CD2 . LEU A 1 8   ? 0.722   2.549   11.401  1.00 22.79 ? 8   LEU A CD2 1 
ATOM   62   N N   . THR A 1 9   ? 5.072   5.200   10.396  1.00 22.87 ? 9   THR A N   1 
ATOM   63   C CA  . THR A 1 9   ? 6.112   5.806   9.567   1.00 18.42 ? 9   THR A CA  1 
ATOM   64   C C   . THR A 1 9   ? 6.126   5.090   8.214   1.00 22.03 ? 9   THR A C   1 
ATOM   65   O O   . THR A 1 9   ? 5.315   4.192   7.992   1.00 22.58 ? 9   THR A O   1 
ATOM   66   C CB  . THR A 1 9   ? 7.491   5.689   10.237  1.00 22.78 ? 9   THR A CB  1 
ATOM   67   O OG1 . THR A 1 9   ? 7.865   4.312   10.322  1.00 19.48 ? 9   THR A OG1 1 
ATOM   68   C CG2 . THR A 1 9   ? 7.448   6.279   11.647  1.00 15.91 ? 9   THR A CG2 1 
ATOM   69   N N   . ASP A 1 10  ? 7.031   5.475   7.313   1.00 22.28 ? 10  ASP A N   1 
ATOM   70   C CA  . ASP A 1 10  ? 7.153   4.767   6.040   1.00 22.38 ? 10  ASP A CA  1 
ATOM   71   C C   . ASP A 1 10  ? 7.722   3.381   6.317   1.00 26.25 ? 10  ASP A C   1 
ATOM   72   O O   . ASP A 1 10  ? 7.366   2.405   5.655   1.00 19.99 ? 10  ASP A O   1 
ATOM   73   C CB  . ASP A 1 10  ? 8.056   5.511   5.038   1.00 22.95 ? 10  ASP A CB  1 
ATOM   74   C CG  . ASP A 1 10  ? 7.313   6.593   4.238   1.00 22.76 ? 10  ASP A CG  1 
ATOM   75   O OD1 . ASP A 1 10  ? 7.983   7.436   3.604   1.00 28.98 ? 10  ASP A OD1 1 
ATOM   76   O OD2 . ASP A 1 10  ? 6.066   6.620   4.236   1.00 25.49 ? 10  ASP A OD2 1 
ATOM   77   N N   . ASP A 1 11  ? 8.603   3.311   7.312   1.00 22.79 ? 11  ASP A N   1 
ATOM   78   C CA  . ASP A 1 11  ? 9.322   2.084   7.614   1.00 26.07 ? 11  ASP A CA  1 
ATOM   79   C C   . ASP A 1 11  ? 8.506   1.123   8.460   1.00 22.75 ? 11  ASP A C   1 
ATOM   80   O O   . ASP A 1 11  ? 8.803   -0.065  8.522   1.00 17.42 ? 11  ASP A O   1 
ATOM   81   C CB  . ASP A 1 11  ? 10.644  2.401   8.308   1.00 25.73 ? 11  ASP A CB  1 
ATOM   82   C CG  . ASP A 1 11  ? 11.692  2.909   7.348   1.00 31.44 ? 11  ASP A CG  1 
ATOM   83   O OD1 . ASP A 1 11  ? 11.490  2.757   6.124   1.00 30.86 ? 11  ASP A OD1 1 
ATOM   84   O OD2 . ASP A 1 11  ? 12.714  3.452   7.820   1.00 29.40 ? 11  ASP A OD2 1 
ATOM   85   N N   . SER A 1 12  ? 7.467   1.648   9.101   1.00 21.63 ? 12  SER A N   1 
ATOM   86   C CA  . SER A 1 12  ? 6.712   0.861   10.047  1.00 23.62 ? 12  SER A CA  1 
ATOM   87   C C   . SER A 1 12  ? 5.364   0.443   9.458   1.00 22.41 ? 12  SER A C   1 
ATOM   88   O O   . SER A 1 12  ? 4.691   -0.414  10.010  1.00 25.20 ? 12  SER A O   1 
ATOM   89   C CB  . SER A 1 12  ? 6.526   1.648   11.353  1.00 21.87 ? 12  SER A CB  1 
ATOM   90   O OG  . SER A 1 12  ? 5.300   2.366   11.363  1.00 20.45 ? 12  SER A OG  1 
ATOM   91   N N   . PHE A 1 13  ? 4.975   1.050   8.334   1.00 20.99 ? 13  PHE A N   1 
ATOM   92   C CA  . PHE A 1 13  ? 3.682   0.752   7.733   1.00 19.51 ? 13  PHE A CA  1 
ATOM   93   C C   . PHE A 1 13  ? 3.406   -0.758  7.597   1.00 22.40 ? 13  PHE A C   1 
ATOM   94   O O   . PHE A 1 13  ? 2.423   -1.256  8.139   1.00 19.64 ? 13  PHE A O   1 
ATOM   95   C CB  . PHE A 1 13  ? 3.500   1.448   6.382   1.00 19.79 ? 13  PHE A CB  1 
ATOM   96   C CG  . PHE A 1 13  ? 2.053   1.656   6.003   1.00 19.17 ? 13  PHE A CG  1 
ATOM   97   C CD1 . PHE A 1 13  ? 1.371   2.787   6.417   1.00 20.86 ? 13  PHE A CD1 1 
ATOM   98   C CD2 . PHE A 1 13  ? 1.370   0.718   5.246   1.00 20.62 ? 13  PHE A CD2 1 
ATOM   99   C CE1 . PHE A 1 13  ? 0.035   2.978   6.081   1.00 19.77 ? 13  PHE A CE1 1 
ATOM   100  C CE2 . PHE A 1 13  ? 0.047   0.905   4.915   1.00 19.65 ? 13  PHE A CE2 1 
ATOM   101  C CZ  . PHE A 1 13  ? -0.621  2.038   5.327   1.00 15.03 ? 13  PHE A CZ  1 
ATOM   102  N N   . ASP A 1 14  ? 4.267   -1.475  6.874   1.00 19.79 ? 14  ASP A N   1 
ATOM   103  C CA  . ASP A 1 14  ? 4.030   -2.897  6.606   1.00 21.29 ? 14  ASP A CA  1 
ATOM   104  C C   . ASP A 1 14  ? 3.876   -3.718  7.887   1.00 23.44 ? 14  ASP A C   1 
ATOM   105  O O   . ASP A 1 14  ? 2.995   -4.578  7.984   1.00 23.39 ? 14  ASP A O   1 
ATOM   106  C CB  . ASP A 1 14  ? 5.153   -3.494  5.752   1.00 27.03 ? 14  ASP A CB  1 
ATOM   107  C CG  . ASP A 1 14  ? 5.146   -2.967  4.335   1.00 22.72 ? 14  ASP A CG  1 
ATOM   108  O OD1 . ASP A 1 14  ? 4.288   -2.111  4.038   1.00 21.19 ? 14  ASP A OD1 1 
ATOM   109  O OD2 . ASP A 1 14  ? 5.995   -3.411  3.529   1.00 15.54 ? 14  ASP A OD2 1 
ATOM   110  N N   . THR A 1 15  ? 4.732   -3.455  8.866   1.00 16.35 ? 15  THR A N   1 
ATOM   111  C CA  . THR A 1 15  ? 4.649   -4.161  10.138  1.00 26.83 ? 15  THR A CA  1 
ATOM   112  C C   . THR A 1 15  ? 3.413   -3.746  10.938  1.00 27.10 ? 15  THR A C   1 
ATOM   113  O O   . THR A 1 15  ? 2.707   -4.599  11.475  1.00 25.19 ? 15  THR A O   1 
ATOM   114  C CB  . THR A 1 15  ? 5.904   -3.945  11.021  1.00 25.83 ? 15  THR A CB  1 
ATOM   115  O OG1 . THR A 1 15  ? 7.057   -4.527  10.393  1.00 25.30 ? 15  THR A OG1 1 
ATOM   116  C CG2 . THR A 1 15  ? 5.704   -4.588  12.381  1.00 24.18 ? 15  THR A CG2 1 
ATOM   117  N N   . ASP A 1 16  ? 3.166   -2.434  11.025  1.00 25.77 ? 16  ASP A N   1 
ATOM   118  C CA  . ASP A 1 16  ? 2.060   -1.896  11.831  1.00 27.19 ? 16  ASP A CA  1 
ATOM   119  C C   . ASP A 1 16  ? 0.672   -2.158  11.242  1.00 21.61 ? 16  ASP A C   1 
ATOM   120  O O   . ASP A 1 16  ? -0.282  -2.437  11.969  1.00 21.19 ? 16  ASP A O   1 
ATOM   121  C CB  . ASP A 1 16  ? 2.224   -0.379  12.037  1.00 27.58 ? 16  ASP A CB  1 
ATOM   122  C CG  . ASP A 1 16  ? 3.414   -0.025  12.911  1.00 28.23 ? 16  ASP A CG  1 
ATOM   123  O OD1 . ASP A 1 16  ? 3.735   1.183   13.017  1.00 26.93 ? 16  ASP A OD1 1 
ATOM   124  O OD2 . ASP A 1 16  ? 4.023   -0.951  13.488  1.00 28.49 ? 16  ASP A OD2 1 
ATOM   125  N N   . VAL A 1 17  ? 0.554   -2.048  9.924   1.00 24.44 ? 17  VAL A N   1 
ATOM   126  C CA  . VAL A 1 17  ? -0.751  -2.103  9.278   1.00 23.95 ? 17  VAL A CA  1 
ATOM   127  C C   . VAL A 1 17  ? -1.074  -3.465  8.637   1.00 25.96 ? 17  VAL A C   1 
ATOM   128  O O   . VAL A 1 17  ? -2.121  -4.051  8.903   1.00 19.93 ? 17  VAL A O   1 
ATOM   129  C CB  . VAL A 1 17  ? -0.902  -0.971  8.229   1.00 27.14 ? 17  VAL A CB  1 
ATOM   130  C CG1 . VAL A 1 17  ? -2.271  -1.034  7.571   1.00 19.58 ? 17  VAL A CG1 1 
ATOM   131  C CG2 . VAL A 1 17  ? -0.646  0.398   8.867   1.00 19.69 ? 17  VAL A CG2 1 
ATOM   132  N N   . LEU A 1 18  ? -0.170  -3.964  7.805   1.00 21.66 ? 18  LEU A N   1 
ATOM   133  C CA  . LEU A 1 18  ? -0.419  -5.188  7.058   1.00 24.13 ? 18  LEU A CA  1 
ATOM   134  C C   . LEU A 1 18  ? -0.278  -6.434  7.921   1.00 31.04 ? 18  LEU A C   1 
ATOM   135  O O   . LEU A 1 18  ? -0.757  -7.511  7.557   1.00 25.56 ? 18  LEU A O   1 
ATOM   136  C CB  . LEU A 1 18  ? 0.522   -5.268  5.871   1.00 25.51 ? 18  LEU A CB  1 
ATOM   137  C CG  . LEU A 1 18  ? 0.370   -4.088  4.919   1.00 26.54 ? 18  LEU A CG  1 
ATOM   138  C CD1 . LEU A 1 18  ? 1.201   -4.297  3.669   1.00 23.74 ? 18  LEU A CD1 1 
ATOM   139  C CD2 . LEU A 1 18  ? -1.106  -3.922  4.576   1.00 17.70 ? 18  LEU A CD2 1 
ATOM   140  N N   . LYS A 1 19  ? 0.386   -6.280  9.064   1.00 27.52 ? 19  LYS A N   1 
ATOM   141  C CA  . LYS A 1 19  ? 0.525   -7.382  10.005  1.00 29.32 ? 19  LYS A CA  1 
ATOM   142  C C   . LYS A 1 19  ? -0.397  -7.243  11.223  1.00 30.70 ? 19  LYS A C   1 
ATOM   143  O O   . LYS A 1 19  ? -0.371  -8.081  12.121  1.00 31.94 ? 19  LYS A O   1 
ATOM   144  C CB  . LYS A 1 19  ? 1.984   -7.539  10.444  1.00 26.12 ? 19  LYS A CB  1 
ATOM   145  C CG  . LYS A 1 19  ? 2.833   -8.383  9.503   1.00 20.14 ? 19  LYS A CG  1 
ATOM   146  C CD  . LYS A 1 19  ? 4.296   -8.376  9.965   1.00 31.69 ? 19  LYS A CD  1 
ATOM   147  C CE  . LYS A 1 19  ? 5.085   -9.562  9.433   1.00 25.95 ? 19  LYS A CE  1 
ATOM   148  N NZ  . LYS A 1 19  ? 6.370   -9.727  10.165  1.00 23.90 ? 19  LYS A NZ  1 
ATOM   149  N N   . ALA A 1 20  ? -1.228  -6.200  11.244  1.00 30.47 ? 20  ALA A N   1 
ATOM   150  C CA  . ALA A 1 20  ? -2.153  -5.996  12.362  1.00 33.03 ? 20  ALA A CA  1 
ATOM   151  C C   . ALA A 1 20  ? -3.104  -7.180  12.548  1.00 27.11 ? 20  ALA A C   1 
ATOM   152  O O   . ALA A 1 20  ? -3.549  -7.785  11.568  1.00 26.00 ? 20  ALA A O   1 
ATOM   153  C CB  . ALA A 1 20  ? -2.946  -4.694  12.179  1.00 28.27 ? 20  ALA A CB  1 
ATOM   154  N N   . ASP A 1 21  ? -3.422  -7.504  13.801  1.00 25.84 ? 21  ASP A N   1 
ATOM   155  C CA  . ASP A 1 21  ? -4.365  -8.592  14.085  1.00 35.72 ? 21  ASP A CA  1 
ATOM   156  C C   . ASP A 1 21  ? -5.805  -8.197  13.735  1.00 32.66 ? 21  ASP A C   1 
ATOM   157  O O   . ASP A 1 21  ? -6.571  -9.011  13.210  1.00 31.18 ? 21  ASP A O   1 
ATOM   158  C CB  . ASP A 1 21  ? -4.267  -9.040  15.547  1.00 38.14 ? 21  ASP A CB  1 
ATOM   159  N N   . GLY A 1 22  ? -6.164  -6.945  14.014  1.00 29.93 ? 22  GLY A N   1 
ATOM   160  C CA  . GLY A 1 22  ? -7.501  -6.456  13.714  1.00 22.61 ? 22  GLY A CA  1 
ATOM   161  C C   . GLY A 1 22  ? -7.567  -5.255  12.785  1.00 25.40 ? 22  GLY A C   1 
ATOM   162  O O   . GLY A 1 22  ? -6.571  -4.871  12.168  1.00 21.34 ? 22  GLY A O   1 
ATOM   163  N N   . ALA A 1 23  ? -8.753  -4.656  12.698  1.00 23.16 ? 23  ALA A N   1 
ATOM   164  C CA  . ALA A 1 23  ? -9.005  -3.596  11.737  1.00 23.37 ? 23  ALA A CA  1 
ATOM   165  C C   . ALA A 1 23  ? -8.182  -2.368  12.085  1.00 19.02 ? 23  ALA A C   1 
ATOM   166  O O   . ALA A 1 23  ? -8.077  -1.978  13.243  1.00 16.85 ? 23  ALA A O   1 
ATOM   167  C CB  . ALA A 1 23  ? -10.487 -3.252  11.691  1.00 20.97 ? 23  ALA A CB  1 
ATOM   168  N N   . ILE A 1 24  ? -7.592  -1.758  11.077  1.00 17.04 ? 24  ILE A N   1 
ATOM   169  C CA  . ILE A 1 24  ? -6.869  -0.525  11.327  1.00 20.00 ? 24  ILE A CA  1 
ATOM   170  C C   . ILE A 1 24  ? -7.374  0.515   10.350  1.00 18.47 ? 24  ILE A C   1 
ATOM   171  O O   . ILE A 1 24  ? -7.411  0.273   9.140   1.00 24.10 ? 24  ILE A O   1 
ATOM   172  C CB  . ILE A 1 24  ? -5.330  -0.749  11.284  1.00 24.66 ? 24  ILE A CB  1 
ATOM   173  C CG1 . ILE A 1 24  ? -4.572  0.584   11.284  1.00 24.33 ? 24  ILE A CG1 1 
ATOM   174  C CG2 . ILE A 1 24  ? -4.957  -1.606  10.097  1.00 23.75 ? 24  ILE A CG2 1 
ATOM   175  C CD1 . ILE A 1 24  ? -3.118  0.471   11.747  1.00 21.58 ? 24  ILE A CD1 1 
ATOM   176  N N   . LEU A 1 25  ? -7.824  1.644   10.891  1.00 19.15 ? 25  LEU A N   1 
ATOM   177  C CA  . LEU A 1 25  ? -8.246  2.783   10.090  1.00 19.30 ? 25  LEU A CA  1 
ATOM   178  C C   . LEU A 1 25  ? -7.086  3.758   10.022  1.00 16.09 ? 25  LEU A C   1 
ATOM   179  O O   . LEU A 1 25  ? -6.640  4.291   11.049  1.00 16.76 ? 25  LEU A O   1 
ATOM   180  C CB  . LEU A 1 25  ? -9.473  3.466   10.709  1.00 16.02 ? 25  LEU A CB  1 
ATOM   181  C CG  . LEU A 1 25  ? -9.998  4.755   10.058  1.00 16.75 ? 25  LEU A CG  1 
ATOM   182  C CD1 . LEU A 1 25  ? -10.713 4.469   8.743   1.00 16.58 ? 25  LEU A CD1 1 
ATOM   183  C CD2 . LEU A 1 25  ? -10.930 5.501   10.997  1.00 13.75 ? 25  LEU A CD2 1 
ATOM   184  N N   . VAL A 1 26  ? -6.600  4.001   8.815   1.00 13.17 ? 26  VAL A N   1 
ATOM   185  C CA  . VAL A 1 26  ? -5.416  4.825   8.637   1.00 16.62 ? 26  VAL A CA  1 
ATOM   186  C C   . VAL A 1 26  ? -5.716  6.225   8.077   1.00 18.85 ? 26  VAL A C   1 
ATOM   187  O O   . VAL A 1 26  ? -6.315  6.372   7.000   1.00 17.82 ? 26  VAL A O   1 
ATOM   188  C CB  . VAL A 1 26  ? -4.385  4.123   7.732   1.00 14.92 ? 26  VAL A CB  1 
ATOM   189  C CG1 . VAL A 1 26  ? -3.304  5.102   7.304   1.00 15.68 ? 26  VAL A CG1 1 
ATOM   190  C CG2 . VAL A 1 26  ? -3.785  2.920   8.461   1.00 17.70 ? 26  VAL A CG2 1 
ATOM   191  N N   . ASP A 1 27  ? -5.276  7.239   8.816   1.00 14.80 ? 27  ASP A N   1 
ATOM   192  C CA  . ASP A 1 27  ? -5.457  8.642   8.431   1.00 15.58 ? 27  ASP A CA  1 
ATOM   193  C C   . ASP A 1 27  ? -4.211  9.213   7.756   1.00 21.46 ? 27  ASP A C   1 
ATOM   194  O O   . ASP A 1 27  ? -3.193  9.435   8.414   1.00 23.29 ? 27  ASP A O   1 
ATOM   195  C CB  . ASP A 1 27  ? -5.820  9.497   9.663   1.00 16.34 ? 27  ASP A CB  1 
ATOM   196  C CG  . ASP A 1 27  ? -6.025  10.994  9.332   1.00 16.81 ? 27  ASP A CG  1 
ATOM   197  O OD1 . ASP A 1 27  ? -6.016  11.803  10.283  1.00 14.70 ? 27  ASP A OD1 1 
ATOM   198  O OD2 . ASP A 1 27  ? -6.200  11.357  8.146   1.00 12.56 ? 27  ASP A OD2 1 
ATOM   199  N N   . PHE A 1 28  ? -4.293  9.460   6.450   1.00 20.24 ? 28  PHE A N   1 
ATOM   200  C CA  . PHE A 1 28  ? -3.220  10.153  5.745   1.00 21.68 ? 28  PHE A CA  1 
ATOM   201  C C   . PHE A 1 28  ? -3.418  11.659  5.914   1.00 19.97 ? 28  PHE A C   1 
ATOM   202  O O   . PHE A 1 28  ? -4.437  12.205  5.492   1.00 15.14 ? 28  PHE A O   1 
ATOM   203  C CB  . PHE A 1 28  ? -3.196  9.752   4.262   1.00 20.49 ? 28  PHE A CB  1 
ATOM   204  C CG  . PHE A 1 28  ? -2.762  8.340   4.033   1.00 19.52 ? 28  PHE A CG  1 
ATOM   205  C CD1 . PHE A 1 28  ? -1.486  8.061   3.584   1.00 21.55 ? 28  PHE A CD1 1 
ATOM   206  C CD2 . PHE A 1 28  ? -3.623  7.280   4.302   1.00 20.15 ? 28  PHE A CD2 1 
ATOM   207  C CE1 . PHE A 1 28  ? -1.081  6.765   3.384   1.00 18.76 ? 28  PHE A CE1 1 
ATOM   208  C CE2 . PHE A 1 28  ? -3.221  5.973   4.110   1.00 18.06 ? 28  PHE A CE2 1 
ATOM   209  C CZ  . PHE A 1 28  ? -1.948  5.713   3.659   1.00 19.22 ? 28  PHE A CZ  1 
ATOM   210  N N   . TRP A 1 29  ? -2.452  12.327  6.538   1.00 22.48 ? 29  TRP A N   1 
ATOM   211  C CA  . TRP A 1 29  ? -2.631  13.733  6.920   1.00 16.67 ? 29  TRP A CA  1 
ATOM   212  C C   . TRP A 1 29  ? -1.372  14.606  6.731   1.00 15.72 ? 29  TRP A C   1 
ATOM   213  O O   . TRP A 1 29  ? -0.296  14.092  6.464   1.00 15.72 ? 29  TRP A O   1 
ATOM   214  C CB  . TRP A 1 29  ? -3.151  13.814  8.364   1.00 14.73 ? 29  TRP A CB  1 
ATOM   215  C CG  . TRP A 1 29  ? -2.125  13.530  9.443   1.00 17.99 ? 29  TRP A CG  1 
ATOM   216  C CD1 . TRP A 1 29  ? -1.648  12.306  9.844   1.00 19.57 ? 29  TRP A CD1 1 
ATOM   217  C CD2 . TRP A 1 29  ? -1.477  14.500  10.275  1.00 19.22 ? 29  TRP A CD2 1 
ATOM   218  N NE1 . TRP A 1 29  ? -0.733  12.463  10.866  1.00 17.10 ? 29  TRP A NE1 1 
ATOM   219  C CE2 . TRP A 1 29  ? -0.610  13.800  11.148  1.00 17.87 ? 29  TRP A CE2 1 
ATOM   220  C CE3 . TRP A 1 29  ? -1.537  15.897  10.360  1.00 17.66 ? 29  TRP A CE3 1 
ATOM   221  C CZ2 . TRP A 1 29  ? 0.185   14.452  12.092  1.00 17.00 ? 29  TRP A CZ2 1 
ATOM   222  C CZ3 . TRP A 1 29  ? -0.748  16.540  11.299  1.00 14.53 ? 29  TRP A CZ3 1 
ATOM   223  C CH2 . TRP A 1 29  ? 0.102   15.819  12.153  1.00 18.79 ? 29  TRP A CH2 1 
ATOM   224  N N   . ALA A 1 30  ? -1.517  15.919  6.899   1.00 18.36 ? 30  ALA A N   1 
ATOM   225  C CA  . ALA A 1 30  ? -0.391  16.847  6.756   1.00 21.64 ? 30  ALA A CA  1 
ATOM   226  C C   . ALA A 1 30  ? -0.612  18.123  7.570   1.00 19.98 ? 30  ALA A C   1 
ATOM   227  O O   . ALA A 1 30  ? -1.730  18.401  8.013   1.00 20.55 ? 30  ALA A O   1 
ATOM   228  C CB  . ALA A 1 30  ? -0.166  17.182  5.304   1.00 16.46 ? 30  ALA A CB  1 
ATOM   229  N N   . GLU A 1 31  ? 0.449   18.896  7.761   1.00 21.09 ? 31  GLU A N   1 
ATOM   230  C CA  . GLU A 1 31  ? 0.370   20.083  8.620   1.00 18.18 ? 31  GLU A CA  1 
ATOM   231  C C   . GLU A 1 31  ? -0.576  21.134  8.028   1.00 21.62 ? 31  GLU A C   1 
ATOM   232  O O   . GLU A 1 31  ? -1.501  21.591  8.699   1.00 22.78 ? 31  GLU A O   1 
ATOM   233  C CB  . GLU A 1 31  ? 1.770   20.667  8.867   1.00 28.64 ? 31  GLU A CB  1 
ATOM   234  C CG  . GLU A 1 31  ? 1.819   22.009  9.613   1.00 18.57 ? 31  GLU A CG  1 
ATOM   235  C CD  . GLU A 1 31  ? 1.582   21.883  11.105  1.00 32.94 ? 31  GLU A CD  1 
ATOM   236  O OE1 . GLU A 1 31  ? 2.305   22.562  11.868  1.00 34.41 ? 31  GLU A OE1 1 
ATOM   237  O OE2 . GLU A 1 31  ? 0.685   21.111  11.517  1.00 30.17 ? 31  GLU A OE2 1 
ATOM   238  N N   . TRP A 1 32  ? -0.346  21.525  6.779   1.00 17.06 ? 32  TRP A N   1 
ATOM   239  C CA  . TRP A 1 32  ? -1.163  22.570  6.177   1.00 21.39 ? 32  TRP A CA  1 
ATOM   240  C C   . TRP A 1 32  ? -2.362  21.930  5.488   1.00 18.30 ? 32  TRP A C   1 
ATOM   241  O O   . TRP A 1 32  ? -2.347  21.654  4.277   1.00 16.62 ? 32  TRP A O   1 
ATOM   242  C CB  . TRP A 1 32  ? -0.319  23.475  5.244   1.00 18.89 ? 32  TRP A CB  1 
ATOM   243  C CG  . TRP A 1 32  ? 0.658   24.313  6.018   1.00 16.09 ? 32  TRP A CG  1 
ATOM   244  C CD1 . TRP A 1 32  ? 1.970   24.020  6.282   1.00 22.42 ? 32  TRP A CD1 1 
ATOM   245  C CD2 . TRP A 1 32  ? 0.393   25.567  6.664   1.00 17.90 ? 32  TRP A CD2 1 
ATOM   246  N NE1 . TRP A 1 32  ? 2.539   25.027  7.045   1.00 19.66 ? 32  TRP A NE1 1 
ATOM   247  C CE2 . TRP A 1 32  ? 1.589   25.985  7.290   1.00 21.04 ? 32  TRP A CE2 1 
ATOM   248  C CE3 . TRP A 1 32  ? -0.745  26.376  6.778   1.00 15.92 ? 32  TRP A CE3 1 
ATOM   249  C CZ2 . TRP A 1 32  ? 1.681   27.177  8.006   1.00 20.25 ? 32  TRP A CZ2 1 
ATOM   250  C CZ3 . TRP A 1 32  ? -0.649  27.556  7.488   1.00 21.86 ? 32  TRP A CZ3 1 
ATOM   251  C CH2 . TRP A 1 32  ? 0.557   27.945  8.090   1.00 18.81 ? 32  TRP A CH2 1 
ATOM   252  N N   . CYS A 1 33  ? -3.389  21.668  6.291   1.00 19.94 ? 33  CYS A N   1 
ATOM   253  C CA  . CYS A 1 33  ? -4.551  20.926  5.826   1.00 22.38 ? 33  CYS A CA  1 
ATOM   254  C C   . CYS A 1 33  ? -5.787  21.190  6.698   1.00 25.64 ? 33  CYS A C   1 
ATOM   255  O O   . CYS A 1 33  ? -5.949  20.601  7.774   1.00 24.30 ? 33  CYS A O   1 
ATOM   256  C CB  . CYS A 1 33  ? -4.214  19.431  5.782   1.00 22.68 ? 33  CYS A CB  1 
ATOM   257  S SG  . CYS A 1 33  ? -5.551  18.334  5.233   1.00 17.62 ? 33  CYS A SG  1 
ATOM   258  N N   . GLY A 1 34  ? -6.640  22.092  6.229   1.00 25.13 ? 34  GLY A N   1 
ATOM   259  C CA  . GLY A 1 34  ? -7.881  22.405  6.910   1.00 22.84 ? 34  GLY A CA  1 
ATOM   260  C C   . GLY A 1 34  ? -8.692  21.174  7.277   1.00 21.46 ? 34  GLY A C   1 
ATOM   261  O O   . GLY A 1 34  ? -9.020  20.977  8.440   1.00 17.37 ? 34  GLY A O   1 
ATOM   262  N N   . PRO A 1 35  ? -9.048  20.354  6.273   1.00 23.49 ? 35  PRO A N   1 
ATOM   263  C CA  . PRO A 1 35  ? -9.790  19.098  6.444   1.00 23.87 ? 35  PRO A CA  1 
ATOM   264  C C   . PRO A 1 35  ? -9.134  18.099  7.412   1.00 25.09 ? 35  PRO A C   1 
ATOM   265  O O   . PRO A 1 35  ? -9.862  17.505  8.212   1.00 17.87 ? 35  PRO A O   1 
ATOM   266  C CB  . PRO A 1 35  ? -9.851  18.546  5.020   1.00 27.49 ? 35  PRO A CB  1 
ATOM   267  C CG  . PRO A 1 35  ? -9.874  19.777  4.162   1.00 21.34 ? 35  PRO A CG  1 
ATOM   268  C CD  . PRO A 1 35  ? -8.948  20.742  4.857   1.00 19.51 ? 35  PRO A CD  1 
ATOM   269  N N   . CYS A 1 36  ? -7.811  17.929  7.361   1.00 16.93 ? 36  CYS A N   1 
ATOM   270  C CA  . CYS A 1 36  ? -7.129  17.068  8.343   1.00 18.99 ? 36  CYS A CA  1 
ATOM   271  C C   . CYS A 1 36  ? -7.371  17.570  9.756   1.00 22.26 ? 36  CYS A C   1 
ATOM   272  O O   . CYS A 1 36  ? -7.564  16.784  10.686  1.00 19.47 ? 36  CYS A O   1 
ATOM   273  C CB  . CYS A 1 36  ? -5.615  16.987  8.084   1.00 16.79 ? 36  CYS A CB  1 
ATOM   274  S SG  . CYS A 1 36  ? -5.184  16.670  6.340   1.00 20.11 ? 36  CYS A SG  1 
ATOM   275  N N   . LYS A 1 37  ? -7.344  18.892  9.898   1.00 20.86 ? 37  LYS A N   1 
ATOM   276  C CA  . LYS A 1 37  ? -7.525  19.550  11.179  1.00 24.24 ? 37  LYS A CA  1 
ATOM   277  C C   . LYS A 1 37  ? -8.923  19.240  11.676  1.00 22.85 ? 37  LYS A C   1 
ATOM   278  O O   . LYS A 1 37  ? -9.138  19.065  12.865  1.00 24.47 ? 37  LYS A O   1 
ATOM   279  C CB  . LYS A 1 37  ? -7.360  21.076  11.025  1.00 28.56 ? 37  LYS A CB  1 
ATOM   280  C CG  . LYS A 1 37  ? -6.899  21.840  12.271  1.00 28.09 ? 37  LYS A CG  1 
ATOM   281  C CD  . LYS A 1 37  ? -5.370  21.995  12.286  1.00 32.84 ? 37  LYS A CD  1 
ATOM   282  C CE  . LYS A 1 37  ? -4.900  22.960  13.372  1.00 33.66 ? 37  LYS A CE  1 
ATOM   283  N NZ  . LYS A 1 37  ? -3.466  23.368  13.135  1.00 32.37 ? 37  LYS A NZ  1 
ATOM   284  N N   . MET A 1 38  ? -9.867  19.153  10.747  1.00 20.98 ? 38  MET A N   1 
ATOM   285  C CA  . MET A 1 38  ? -11.278 19.045  11.096  1.00 22.88 ? 38  MET A CA  1 
ATOM   286  C C   . MET A 1 38  ? -11.723 17.644  11.535  1.00 21.16 ? 38  MET A C   1 
ATOM   287  O O   . MET A 1 38  ? -12.626 17.509  12.357  1.00 19.48 ? 38  MET A O   1 
ATOM   288  C CB  . MET A 1 38  ? -12.133 19.525  9.927   1.00 21.96 ? 38  MET A CB  1 
ATOM   289  C CG  . MET A 1 38  ? -11.931 20.990  9.593   1.00 25.53 ? 38  MET A CG  1 
ATOM   290  S SD  . MET A 1 38  ? -13.143 21.558  8.401   1.00 35.35 ? 38  MET A SD  1 
ATOM   291  C CE  . MET A 1 38  ? -12.547 20.829  6.889   1.00 28.22 ? 38  MET A CE  1 
ATOM   292  N N   . ILE A 1 39  ? -11.102 16.607  10.987  1.00 18.66 ? 39  ILE A N   1 
ATOM   293  C CA  . ILE A 1 39  ? -11.451 15.253  11.395  1.00 23.19 ? 39  ILE A CA  1 
ATOM   294  C C   . ILE A 1 39  ? -10.625 14.760  12.576  1.00 19.30 ? 39  ILE A C   1 
ATOM   295  O O   . ILE A 1 39  ? -10.878 13.673  13.100  1.00 22.54 ? 39  ILE A O   1 
ATOM   296  C CB  . ILE A 1 39  ? -11.298 14.233  10.254  1.00 18.70 ? 39  ILE A CB  1 
ATOM   297  C CG1 . ILE A 1 39  ? -9.835  14.106  9.836   1.00 19.41 ? 39  ILE A CG1 1 
ATOM   298  C CG2 . ILE A 1 39  ? -12.181 14.605  9.067   1.00 24.24 ? 39  ILE A CG2 1 
ATOM   299  C CD1 . ILE A 1 39  ? -9.586  12.917  8.916   1.00 17.45 ? 39  ILE A CD1 1 
ATOM   300  N N   . ALA A 1 40  ? -9.624  15.531  12.980  1.00 20.97 ? 40  ALA A N   1 
ATOM   301  C CA  . ALA A 1 40  ? -8.713  15.070  14.022  1.00 20.55 ? 40  ALA A CA  1 
ATOM   302  C C   . ALA A 1 40  ? -9.439  14.772  15.341  1.00 21.37 ? 40  ALA A C   1 
ATOM   303  O O   . ALA A 1 40  ? -9.359  13.663  15.853  1.00 23.17 ? 40  ALA A O   1 
ATOM   304  C CB  . ALA A 1 40  ? -7.582  16.064  14.241  1.00 19.09 ? 40  ALA A CB  1 
ATOM   305  N N   . PRO A 1 41  ? -10.124 15.775  15.906  1.00 22.38 ? 41  PRO A N   1 
ATOM   306  C CA  . PRO A 1 41  ? -10.831 15.492  17.156  1.00 25.69 ? 41  PRO A CA  1 
ATOM   307  C C   . PRO A 1 41  ? -11.886 14.406  16.939  1.00 26.50 ? 41  PRO A C   1 
ATOM   308  O O   . PRO A 1 41  ? -12.147 13.625  17.852  1.00 25.00 ? 41  PRO A O   1 
ATOM   309  C CB  . PRO A 1 41  ? -11.479 16.840  17.499  1.00 31.18 ? 41  PRO A CB  1 
ATOM   310  C CG  . PRO A 1 41  ? -11.377 17.669  16.214  1.00 21.16 ? 41  PRO A CG  1 
ATOM   311  C CD  . PRO A 1 41  ? -10.101 17.218  15.617  1.00 21.54 ? 41  PRO A CD  1 
ATOM   312  N N   . ILE A 1 42  ? -12.455 14.337  15.740  1.00 18.79 ? 42  ILE A N   1 
ATOM   313  C CA  . ILE A 1 42  ? -13.425 13.293  15.460  1.00 22.87 ? 42  ILE A CA  1 
ATOM   314  C C   . ILE A 1 42  ? -12.765 11.932  15.608  1.00 20.84 ? 42  ILE A C   1 
ATOM   315  O O   . ILE A 1 42  ? -13.269 11.074  16.316  1.00 24.52 ? 42  ILE A O   1 
ATOM   316  C CB  . ILE A 1 42  ? -14.045 13.427  14.059  1.00 23.91 ? 42  ILE A CB  1 
ATOM   317  C CG1 . ILE A 1 42  ? -14.847 14.729  13.941  1.00 22.33 ? 42  ILE A CG1 1 
ATOM   318  C CG2 . ILE A 1 42  ? -14.926 12.226  13.765  1.00 21.86 ? 42  ILE A CG2 1 
ATOM   319  C CD1 . ILE A 1 42  ? -15.415 14.985  12.560  1.00 23.03 ? 42  ILE A CD1 1 
ATOM   320  N N   . LEU A 1 43  ? -11.616 11.751  14.958  1.00 21.63 ? 43  LEU A N   1 
ATOM   321  C CA  . LEU A 1 43  ? -10.851 10.506  15.065  1.00 22.32 ? 43  LEU A CA  1 
ATOM   322  C C   . LEU A 1 43  ? -10.494 10.147  16.514  1.00 24.38 ? 43  LEU A C   1 
ATOM   323  O O   . LEU A 1 43  ? -10.538 8.977   16.895  1.00 22.57 ? 43  LEU A O   1 
ATOM   324  C CB  . LEU A 1 43  ? -9.582  10.582  14.214  1.00 19.51 ? 43  LEU A CB  1 
ATOM   325  C CG  . LEU A 1 43  ? -9.807  10.624  12.699  1.00 25.23 ? 43  LEU A CG  1 
ATOM   326  C CD1 . LEU A 1 43  ? -8.557  11.086  11.951  1.00 17.42 ? 43  LEU A CD1 1 
ATOM   327  C CD2 . LEU A 1 43  ? -10.306 9.271   12.184  1.00 25.69 ? 43  LEU A CD2 1 
ATOM   328  N N   . ASP A 1 44  ? -10.135 11.150  17.315  1.00 21.15 ? 44  ASP A N   1 
ATOM   329  C CA  . ASP A 1 44  ? -9.822  10.909  18.723  1.00 21.09 ? 44  ASP A CA  1 
ATOM   330  C C   . ASP A 1 44  ? -10.981 10.220  19.416  1.00 22.41 ? 44  ASP A C   1 
ATOM   331  O O   . ASP A 1 44  ? -10.774 9.306   20.211  1.00 26.58 ? 44  ASP A O   1 
ATOM   332  C CB  . ASP A 1 44  ? -9.511  12.215  19.466  1.00 25.89 ? 44  ASP A CB  1 
ATOM   333  C CG  . ASP A 1 44  ? -8.132  12.794  19.122  1.00 27.17 ? 44  ASP A CG  1 
ATOM   334  O OD1 . ASP A 1 44  ? -7.981  14.023  19.256  1.00 27.09 ? 44  ASP A OD1 1 
ATOM   335  O OD2 . ASP A 1 44  ? -7.211  12.036  18.727  1.00 24.68 ? 44  ASP A OD2 1 
ATOM   336  N N   . GLU A 1 45  ? -12.205 10.676  19.131  1.00 23.42 ? 45  GLU A N   1 
ATOM   337  C CA  . GLU A 1 45  ? -13.392 10.120  19.775  1.00 25.26 ? 45  GLU A CA  1 
ATOM   338  C C   . GLU A 1 45  ? -13.694 8.710   19.277  1.00 23.76 ? 45  GLU A C   1 
ATOM   339  O O   . GLU A 1 45  ? -14.172 7.869   20.039  1.00 25.52 ? 45  GLU A O   1 
ATOM   340  C CB  . GLU A 1 45  ? -14.608 11.027  19.554  1.00 27.21 ? 45  GLU A CB  1 
ATOM   341  C CG  . GLU A 1 45  ? -14.523 12.380  20.252  1.00 26.33 ? 45  GLU A CG  1 
ATOM   342  C CD  . GLU A 1 45  ? -15.593 13.342  19.759  1.00 28.98 ? 45  GLU A CD  1 
ATOM   343  O OE1 . GLU A 1 45  ? -16.622 12.859  19.240  1.00 26.75 ? 45  GLU A OE1 1 
ATOM   344  O OE2 . GLU A 1 45  ? -15.395 14.569  19.879  1.00 33.92 ? 45  GLU A OE2 1 
ATOM   345  N N   . ILE A 1 46  ? -13.425 8.455   17.999  1.00 22.91 ? 46  ILE A N   1 
ATOM   346  C CA  . ILE A 1 46  ? -13.570 7.106   17.448  1.00 21.03 ? 46  ILE A CA  1 
ATOM   347  C C   . ILE A 1 46  ? -12.550 6.149   18.069  1.00 23.15 ? 46  ILE A C   1 
ATOM   348  O O   . ILE A 1 46  ? -12.876 5.007   18.386  1.00 25.68 ? 46  ILE A O   1 
ATOM   349  C CB  . ILE A 1 46  ? -13.482 7.090   15.892  1.00 21.77 ? 46  ILE A CB  1 
ATOM   350  C CG1 . ILE A 1 46  ? -14.864 7.268   15.260  1.00 23.51 ? 46  ILE A CG1 1 
ATOM   351  C CG2 . ILE A 1 46  ? -12.851 5.802   15.384  1.00 19.97 ? 46  ILE A CG2 1 
ATOM   352  C CD1 . ILE A 1 46  ? -15.447 8.651   15.455  1.00 24.41 ? 46  ILE A CD1 1 
ATOM   353  N N   . ALA A 1 47  ? -11.315 6.604   18.250  1.00 24.90 ? 47  ALA A N   1 
ATOM   354  C CA  . ALA A 1 47  ? -10.316 5.756   18.899  1.00 20.45 ? 47  ALA A CA  1 
ATOM   355  C C   . ALA A 1 47  ? -10.811 5.299   20.273  1.00 27.15 ? 47  ALA A C   1 
ATOM   356  O O   . ALA A 1 47  ? -10.683 4.123   20.625  1.00 20.93 ? 47  ALA A O   1 
ATOM   357  C CB  . ALA A 1 47  ? -8.986  6.471   19.023  1.00 27.21 ? 47  ALA A CB  1 
ATOM   358  N N   . ASP A 1 48  ? -11.385 6.231   21.038  1.00 27.01 ? 48  ASP A N   1 
ATOM   359  C CA  . ASP A 1 48  ? -11.940 5.919   22.354  1.00 26.59 ? 48  ASP A CA  1 
ATOM   360  C C   . ASP A 1 48  ? -13.147 4.992   22.222  1.00 26.82 ? 48  ASP A C   1 
ATOM   361  O O   . ASP A 1 48  ? -13.221 3.966   22.889  1.00 26.28 ? 48  ASP A O   1 
ATOM   362  C CB  . ASP A 1 48  ? -12.345 7.192   23.113  1.00 22.13 ? 48  ASP A CB  1 
ATOM   363  C CG  . ASP A 1 48  ? -11.145 8.004   23.609  1.00 28.83 ? 48  ASP A CG  1 
ATOM   364  O OD1 . ASP A 1 48  ? -10.011 7.485   23.582  1.00 29.75 ? 48  ASP A OD1 1 
ATOM   365  O OD2 . ASP A 1 48  ? -11.341 9.167   24.029  1.00 32.98 ? 48  ASP A OD2 1 
ATOM   366  N N   . GLU A 1 49  ? -14.080 5.357   21.345  1.00 28.91 ? 49  GLU A N   1 
ATOM   367  C CA  . GLU A 1 49  ? -15.355 4.649   21.222  1.00 29.25 ? 49  GLU A CA  1 
ATOM   368  C C   . GLU A 1 49  ? -15.276 3.296   20.516  1.00 24.52 ? 49  GLU A C   1 
ATOM   369  O O   . GLU A 1 49  ? -16.105 2.425   20.758  1.00 22.70 ? 49  GLU A O   1 
ATOM   370  C CB  . GLU A 1 49  ? -16.387 5.529   20.508  1.00 27.23 ? 49  GLU A CB  1 
ATOM   371  C CG  . GLU A 1 49  ? -16.825 6.768   21.275  1.00 31.12 ? 49  GLU A CG  1 
ATOM   372  C CD  . GLU A 1 49  ? -17.589 7.744   20.389  1.00 35.92 ? 49  GLU A CD  1 
ATOM   373  O OE1 . GLU A 1 49  ? -17.976 7.342   19.274  1.00 31.53 ? 49  GLU A OE1 1 
ATOM   374  O OE2 . GLU A 1 49  ? -17.797 8.904   20.801  1.00 42.00 ? 49  GLU A OE2 1 
ATOM   375  N N   . TYR A 1 50  ? -14.296 3.120   19.632  1.00 27.31 ? 50  TYR A N   1 
ATOM   376  C CA  . TYR A 1 50  ? -14.167 1.850   18.915  1.00 27.58 ? 50  TYR A CA  1 
ATOM   377  C C   . TYR A 1 50  ? -13.043 0.958   19.419  1.00 26.72 ? 50  TYR A C   1 
ATOM   378  O O   . TYR A 1 50  ? -12.665 0.009   18.741  1.00 25.43 ? 50  TYR A O   1 
ATOM   379  C CB  . TYR A 1 50  ? -13.986 2.082   17.416  1.00 20.83 ? 50  TYR A CB  1 
ATOM   380  C CG  . TYR A 1 50  ? -15.257 2.448   16.701  1.00 19.32 ? 50  TYR A CG  1 
ATOM   381  C CD1 . TYR A 1 50  ? -15.772 3.738   16.776  1.00 20.99 ? 50  TYR A CD1 1 
ATOM   382  C CD2 . TYR A 1 50  ? -15.945 1.504   15.950  1.00 23.76 ? 50  TYR A CD2 1 
ATOM   383  C CE1 . TYR A 1 50  ? -16.940 4.076   16.129  1.00 21.84 ? 50  TYR A CE1 1 
ATOM   384  C CE2 . TYR A 1 50  ? -17.109 1.830   15.291  1.00 18.73 ? 50  TYR A CE2 1 
ATOM   385  C CZ  . TYR A 1 50  ? -17.598 3.124   15.386  1.00 21.47 ? 50  TYR A CZ  1 
ATOM   386  O OH  . TYR A 1 50  ? -18.751 3.469   14.742  1.00 23.38 ? 50  TYR A OH  1 
ATOM   387  N N   . GLN A 1 51  ? -12.503 1.265   20.594  1.00 28.50 ? 51  GLN A N   1 
ATOM   388  C CA  . GLN A 1 51  ? -11.412 0.472   21.154  1.00 30.14 ? 51  GLN A CA  1 
ATOM   389  C C   . GLN A 1 51  ? -11.896 -0.964  21.332  1.00 29.93 ? 51  GLN A C   1 
ATOM   390  O O   . GLN A 1 51  ? -13.012 -1.191  21.801  1.00 29.00 ? 51  GLN A O   1 
ATOM   391  C CB  . GLN A 1 51  ? -10.967 1.045   22.506  1.00 36.26 ? 51  GLN A CB  1 
ATOM   392  C CG  . GLN A 1 51  ? -9.500  0.784   22.839  1.00 35.96 ? 51  GLN A CG  1 
ATOM   393  C CD  . GLN A 1 51  ? -9.188  0.911   24.321  1.00 34.90 ? 51  GLN A CD  1 
ATOM   394  O OE1 . GLN A 1 51  ? -9.943  1.520   25.079  1.00 31.31 ? 51  GLN A OE1 1 
ATOM   395  N NE2 . GLN A 1 51  ? -8.066  0.331   24.740  1.00 37.28 ? 51  GLN A NE2 1 
ATOM   396  N N   . GLY A 1 52  ? -11.067 -1.932  20.950  1.00 35.49 ? 52  GLY A N   1 
ATOM   397  C CA  . GLY A 1 52  ? -11.477 -3.327  20.998  1.00 30.46 ? 52  GLY A CA  1 
ATOM   398  C C   . GLY A 1 52  ? -12.096 -3.782  19.691  1.00 23.76 ? 52  GLY A C   1 
ATOM   399  O O   . GLY A 1 52  ? -12.219 -4.973  19.439  1.00 31.44 ? 52  GLY A O   1 
ATOM   400  N N   . LYS A 1 53  ? -12.471 -2.835  18.837  1.00 27.77 ? 53  LYS A N   1 
ATOM   401  C CA  . LYS A 1 53  ? -13.063 -3.181  17.547  1.00 24.63 ? 53  LYS A CA  1 
ATOM   402  C C   . LYS A 1 53  ? -12.261 -2.588  16.391  1.00 29.33 ? 53  LYS A C   1 
ATOM   403  O O   . LYS A 1 53  ? -12.416 -2.978  15.234  1.00 23.62 ? 53  LYS A O   1 
ATOM   404  C CB  . LYS A 1 53  ? -14.510 -2.709  17.488  1.00 21.79 ? 53  LYS A CB  1 
ATOM   405  N N   . LEU A 1 54  ? -11.410 -1.624  16.711  1.00 30.97 ? 54  LEU A N   1 
ATOM   406  C CA  . LEU A 1 54  ? -10.661 -0.918  15.685  1.00 28.21 ? 54  LEU A CA  1 
ATOM   407  C C   . LEU A 1 54  ? -9.505  -0.162  16.293  1.00 26.52 ? 54  LEU A C   1 
ATOM   408  O O   . LEU A 1 54  ? -9.585  0.304   17.427  1.00 25.09 ? 54  LEU A O   1 
ATOM   409  C CB  . LEU A 1 54  ? -11.566 0.068   14.941  1.00 27.47 ? 54  LEU A CB  1 
ATOM   410  C CG  . LEU A 1 54  ? -10.877 1.091   14.031  1.00 24.27 ? 54  LEU A CG  1 
ATOM   411  C CD1 . LEU A 1 54  ? -10.439 0.443   12.728  1.00 22.57 ? 54  LEU A CD1 1 
ATOM   412  C CD2 . LEU A 1 54  ? -11.818 2.250   13.758  1.00 27.83 ? 54  LEU A CD2 1 
ATOM   413  N N   . THR A 1 55  ? -8.442  -0.036  15.512  1.00 23.19 ? 55  THR A N   1 
ATOM   414  C CA  . THR A 1 55  ? -7.300  0.776   15.876  1.00 24.40 ? 55  THR A CA  1 
ATOM   415  C C   . THR A 1 55  ? -7.141  1.903   14.864  1.00 24.07 ? 55  THR A C   1 
ATOM   416  O O   . THR A 1 55  ? -7.075  1.663   13.653  1.00 23.54 ? 55  THR A O   1 
ATOM   417  C CB  . THR A 1 55  ? -6.021  -0.059  15.888  1.00 27.52 ? 55  THR A CB  1 
ATOM   418  O OG1 . THR A 1 55  ? -6.200  -1.190  16.747  1.00 25.66 ? 55  THR A OG1 1 
ATOM   419  C CG2 . THR A 1 55  ? -4.874  0.770   16.388  1.00 22.95 ? 55  THR A CG2 1 
ATOM   420  N N   . VAL A 1 56  ? -7.097  3.131   15.363  1.00 20.47 ? 56  VAL A N   1 
ATOM   421  C CA  . VAL A 1 56  ? -6.872  4.295   14.517  1.00 23.51 ? 56  VAL A CA  1 
ATOM   422  C C   . VAL A 1 56  ? -5.385  4.575   14.404  1.00 17.80 ? 56  VAL A C   1 
ATOM   423  O O   . VAL A 1 56  ? -4.665  4.573   15.404  1.00 19.33 ? 56  VAL A O   1 
ATOM   424  C CB  . VAL A 1 56  ? -7.556  5.554   15.071  1.00 18.91 ? 56  VAL A CB  1 
ATOM   425  C CG1 . VAL A 1 56  ? -7.162  6.769   14.232  1.00 22.84 ? 56  VAL A CG1 1 
ATOM   426  C CG2 . VAL A 1 56  ? -9.065  5.374   15.106  1.00 22.63 ? 56  VAL A CG2 1 
ATOM   427  N N   . ALA A 1 57  ? -4.933  4.826   13.186  1.00 17.58 ? 57  ALA A N   1 
ATOM   428  C CA  . ALA A 1 57  ? -3.519  5.044   12.927  1.00 19.12 ? 57  ALA A CA  1 
ATOM   429  C C   . ALA A 1 57  ? -3.325  6.308   12.096  1.00 18.22 ? 57  ALA A C   1 
ATOM   430  O O   . ALA A 1 57  ? -4.205  6.683   11.332  1.00 19.17 ? 57  ALA A O   1 
ATOM   431  C CB  . ALA A 1 57  ? -2.952  3.853   12.213  1.00 21.16 ? 57  ALA A CB  1 
ATOM   432  N N   . LYS A 1 58  ? -2.184  6.973   12.253  1.00 19.21 ? 58  LYS A N   1 
ATOM   433  C CA  . LYS A 1 58  ? -1.881  8.133   11.424  1.00 19.64 ? 58  LYS A CA  1 
ATOM   434  C C   . LYS A 1 58  ? -0.592  8.003   10.599  1.00 20.03 ? 58  LYS A C   1 
ATOM   435  O O   . LYS A 1 58  ? 0.462   7.594   11.101  1.00 21.01 ? 58  LYS A O   1 
ATOM   436  C CB  . LYS A 1 58  ? -1.848  9.424   12.256  1.00 18.96 ? 58  LYS A CB  1 
ATOM   437  C CG  . LYS A 1 58  ? -3.215  10.041  12.584  1.00 18.87 ? 58  LYS A CG  1 
ATOM   438  C CD  . LYS A 1 58  ? -3.053  11.388  13.320  1.00 19.56 ? 58  LYS A CD  1 
ATOM   439  C CE  . LYS A 1 58  ? -4.393  11.929  13.807  1.00 20.53 ? 58  LYS A CE  1 
ATOM   440  N NZ  . LYS A 1 58  ? -4.250  13.166  14.634  1.00 20.45 ? 58  LYS A NZ  1 
ATOM   441  N N   . LEU A 1 59  ? -0.694  8.356   9.321   1.00 20.83 ? 59  LEU A N   1 
ATOM   442  C CA  . LEU A 1 59  ? 0.478   8.512   8.475   1.00 18.27 ? 59  LEU A CA  1 
ATOM   443  C C   . LEU A 1 59  ? 0.650   9.978   8.087   1.00 18.96 ? 59  LEU A C   1 
ATOM   444  O O   . LEU A 1 59  ? -0.089  10.511  7.261   1.00 17.12 ? 59  LEU A O   1 
ATOM   445  C CB  . LEU A 1 59  ? 0.387   7.642   7.219   1.00 18.98 ? 59  LEU A CB  1 
ATOM   446  C CG  . LEU A 1 59  ? 1.711   7.633   6.451   1.00 21.98 ? 59  LEU A CG  1 
ATOM   447  C CD1 . LEU A 1 59  ? 2.802   6.979   7.327   1.00 19.26 ? 59  LEU A CD1 1 
ATOM   448  C CD2 . LEU A 1 59  ? 1.567   6.935   5.122   1.00 24.10 ? 59  LEU A CD2 1 
ATOM   449  N N   . ASN A 1 60  ? 1.632   10.622  8.697   1.00 16.81 ? 60  ASN A N   1 
ATOM   450  C CA  . ASN A 1 60  ? 1.962   12.006  8.403   1.00 13.00 ? 60  ASN A CA  1 
ATOM   451  C C   . ASN A 1 60  ? 2.773   12.128  7.104   1.00 16.44 ? 60  ASN A C   1 
ATOM   452  O O   . ASN A 1 60  ? 3.946   11.764  7.077   1.00 17.43 ? 60  ASN A O   1 
ATOM   453  C CB  . ASN A 1 60  ? 2.739   12.563  9.594   1.00 12.87 ? 60  ASN A CB  1 
ATOM   454  C CG  . ASN A 1 60  ? 3.085   14.016  9.440   1.00 16.61 ? 60  ASN A CG  1 
ATOM   455  O OD1 . ASN A 1 60  ? 3.305   14.506  8.335   1.00 16.37 ? 60  ASN A OD1 1 
ATOM   456  N ND2 . ASN A 1 60  ? 3.143   14.720  10.552  1.00 17.39 ? 60  ASN A ND2 1 
ATOM   457  N N   . ILE A 1 61  ? 2.163   12.650  6.036   1.00 15.25 ? 61  ILE A N   1 
ATOM   458  C CA  . ILE A 1 61  ? 2.843   12.679  4.725   1.00 18.22 ? 61  ILE A CA  1 
ATOM   459  C C   . ILE A 1 61  ? 3.981   13.712  4.586   1.00 18.40 ? 61  ILE A C   1 
ATOM   460  O O   . ILE A 1 61  ? 4.810   13.608  3.680   1.00 19.57 ? 61  ILE A O   1 
ATOM   461  C CB  . ILE A 1 61  ? 1.855   12.813  3.517   1.00 16.18 ? 61  ILE A CB  1 
ATOM   462  C CG1 . ILE A 1 61  ? 1.099   14.142  3.568   1.00 17.43 ? 61  ILE A CG1 1 
ATOM   463  C CG2 . ILE A 1 61  ? 0.880   11.660  3.492   1.00 20.22 ? 61  ILE A CG2 1 
ATOM   464  C CD1 . ILE A 1 61  ? 0.496   14.542  2.223   1.00 25.46 ? 61  ILE A CD1 1 
ATOM   465  N N   . ASP A 1 62  ? 4.031   14.701  5.473   1.00 15.50 ? 62  ASP A N   1 
ATOM   466  C CA  . ASP A 1 62  ? 5.212   15.563  5.542   1.00 21.46 ? 62  ASP A CA  1 
ATOM   467  C C   . ASP A 1 62  ? 6.422   14.735  5.981   1.00 15.97 ? 62  ASP A C   1 
ATOM   468  O O   . ASP A 1 62  ? 7.505   14.839  5.404   1.00 18.78 ? 62  ASP A O   1 
ATOM   469  C CB  . ASP A 1 62  ? 5.013   16.709  6.540   1.00 20.10 ? 62  ASP A CB  1 
ATOM   470  C CG  . ASP A 1 62  ? 3.733   17.489  6.305   1.00 16.70 ? 62  ASP A CG  1 
ATOM   471  O OD1 . ASP A 1 62  ? 3.360   17.731  5.142   1.00 22.43 ? 62  ASP A OD1 1 
ATOM   472  O OD2 . ASP A 1 62  ? 3.097   17.871  7.298   1.00 18.56 ? 62  ASP A OD2 1 
ATOM   473  N N   . GLN A 1 63  ? 6.214   13.923  7.015   1.00 17.71 ? 63  GLN A N   1 
ATOM   474  C CA  . GLN A 1 63  ? 7.271   13.144  7.663   1.00 22.22 ? 63  GLN A CA  1 
ATOM   475  C C   . GLN A 1 63  ? 7.504   11.769  7.024   1.00 24.77 ? 63  GLN A C   1 
ATOM   476  O O   . GLN A 1 63  ? 8.505   11.099  7.321   1.00 18.83 ? 63  GLN A O   1 
ATOM   477  C CB  . GLN A 1 63  ? 6.941   12.926  9.149   1.00 22.02 ? 63  GLN A CB  1 
ATOM   478  C CG  . GLN A 1 63  ? 6.967   14.184  10.037  1.00 16.60 ? 63  GLN A CG  1 
ATOM   479  C CD  . GLN A 1 63  ? 6.543   13.866  11.475  1.00 23.74 ? 63  GLN A CD  1 
ATOM   480  O OE1 . GLN A 1 63  ? 6.087   12.763  11.758  1.00 27.80 ? 63  GLN A OE1 1 
ATOM   481  N NE2 . GLN A 1 63  ? 6.675   14.832  12.375  1.00 23.15 ? 63  GLN A NE2 1 
ATOM   482  N N   . ASN A 1 64  ? 6.580   11.359  6.157   1.00 19.98 ? 64  ASN A N   1 
ATOM   483  C CA  . ASN A 1 64  ? 6.646   10.058  5.499   1.00 22.53 ? 64  ASN A CA  1 
ATOM   484  C C   . ASN A 1 64  ? 6.099   10.135  4.079   1.00 23.89 ? 64  ASN A C   1 
ATOM   485  O O   . ASN A 1 64  ? 4.928   9.851   3.842   1.00 22.99 ? 64  ASN A O   1 
ATOM   486  C CB  . ASN A 1 64  ? 5.850   9.030   6.286   1.00 18.59 ? 64  ASN A CB  1 
ATOM   487  C CG  . ASN A 1 64  ? 6.319   8.916   7.722   1.00 21.41 ? 64  ASN A CG  1 
ATOM   488  O OD1 . ASN A 1 64  ? 7.216   8.124   8.045   1.00 16.49 ? 64  ASN A OD1 1 
ATOM   489  N ND2 . ASN A 1 64  ? 5.709   9.706   8.598   1.00 19.56 ? 64  ASN A ND2 1 
ATOM   490  N N   . PRO A 1 65  ? 6.958   10.500  3.124   1.00 23.04 ? 65  PRO A N   1 
ATOM   491  C CA  . PRO A 1 65  ? 6.528   10.828  1.761   1.00 21.39 ? 65  PRO A CA  1 
ATOM   492  C C   . PRO A 1 65  ? 6.297   9.614   0.853   1.00 22.44 ? 65  PRO A C   1 
ATOM   493  O O   . PRO A 1 65  ? 5.740   9.787   -0.233  1.00 24.86 ? 65  PRO A O   1 
ATOM   494  C CB  . PRO A 1 65  ? 7.702   11.660  1.230   1.00 19.63 ? 65  PRO A CB  1 
ATOM   495  C CG  . PRO A 1 65  ? 8.905   11.139  1.982   1.00 28.27 ? 65  PRO A CG  1 
ATOM   496  C CD  . PRO A 1 65  ? 8.422   10.551  3.286   1.00 21.78 ? 65  PRO A CD  1 
ATOM   497  N N   . GLY A 1 66  ? 6.694   8.424   1.300   1.00 22.00 ? 66  GLY A N   1 
ATOM   498  C CA  . GLY A 1 66  ? 6.701   7.240   0.456   1.00 27.08 ? 66  GLY A CA  1 
ATOM   499  C C   . GLY A 1 66  ? 5.438   6.396   0.360   1.00 24.90 ? 66  GLY A C   1 
ATOM   500  O O   . GLY A 1 66  ? 5.106   5.907   -0.726  1.00 20.07 ? 66  GLY A O   1 
ATOM   501  N N   . THR A 1 67  ? 4.731   6.218   1.477   1.00 24.14 ? 67  THR A N   1 
ATOM   502  C CA  . THR A 1 67  ? 3.585   5.311   1.517   1.00 22.10 ? 67  THR A CA  1 
ATOM   503  C C   . THR A 1 67  ? 2.385   5.744   0.667   1.00 24.13 ? 67  THR A C   1 
ATOM   504  O O   . THR A 1 67  ? 1.780   4.916   -0.023  1.00 26.61 ? 67  THR A O   1 
ATOM   505  C CB  . THR A 1 67  ? 3.128   5.022   2.976   1.00 28.39 ? 67  THR A CB  1 
ATOM   506  O OG1 . THR A 1 67  ? 4.260   4.628   3.767   1.00 23.54 ? 67  THR A OG1 1 
ATOM   507  C CG2 . THR A 1 67  ? 2.077   3.899   3.014   1.00 19.26 ? 67  THR A CG2 1 
ATOM   508  N N   . ALA A 1 68  ? 2.046   7.032   0.703   1.00 22.03 ? 68  ALA A N   1 
ATOM   509  C CA  . ALA A 1 68  ? 0.813   7.522   0.068   1.00 22.54 ? 68  ALA A CA  1 
ATOM   510  C C   . ALA A 1 68  ? 0.686   7.259   -1.444  1.00 23.82 ? 68  ALA A C   1 
ATOM   511  O O   . ALA A 1 68  ? -0.376  6.864   -1.908  1.00 20.00 ? 68  ALA A O   1 
ATOM   512  C CB  . ALA A 1 68  ? 0.581   8.998   0.389   1.00 19.01 ? 68  ALA A CB  1 
ATOM   513  N N   . PRO A 1 69  ? 1.763   7.488   -2.221  1.00 26.09 ? 69  PRO A N   1 
ATOM   514  C CA  . PRO A 1 69  ? 1.667   7.168   -3.652  1.00 24.68 ? 69  PRO A CA  1 
ATOM   515  C C   . PRO A 1 69  ? 1.375   5.684   -3.898  1.00 27.85 ? 69  PRO A C   1 
ATOM   516  O O   . PRO A 1 69  ? 0.681   5.363   -4.855  1.00 25.64 ? 69  PRO A O   1 
ATOM   517  C CB  . PRO A 1 69  ? 3.056   7.528   -4.193  1.00 22.87 ? 69  PRO A CB  1 
ATOM   518  C CG  . PRO A 1 69  ? 3.583   8.553   -3.237  1.00 23.43 ? 69  PRO A CG  1 
ATOM   519  C CD  . PRO A 1 69  ? 3.033   8.154   -1.885  1.00 24.65 ? 69  PRO A CD  1 
ATOM   520  N N   . LYS A 1 70  ? 1.886   4.802   -3.041  1.00 25.31 ? 70  LYS A N   1 
ATOM   521  C CA  . LYS A 1 70  ? 1.711   3.369   -3.229  1.00 21.53 ? 70  LYS A CA  1 
ATOM   522  C C   . LYS A 1 70  ? 0.244   2.966   -3.167  1.00 24.59 ? 70  LYS A C   1 
ATOM   523  O O   . LYS A 1 70  ? -0.154  1.921   -3.690  1.00 24.69 ? 70  LYS A O   1 
ATOM   524  C CB  . LYS A 1 70  ? 2.481   2.567   -2.168  1.00 22.35 ? 70  LYS A CB  1 
ATOM   525  C CG  . LYS A 1 70  ? 3.917   2.974   -1.943  1.00 25.42 ? 70  LYS A CG  1 
ATOM   526  C CD  . LYS A 1 70  ? 4.668   1.894   -1.189  1.00 19.22 ? 70  LYS A CD  1 
ATOM   527  C CE  . LYS A 1 70  ? 4.141   1.702   0.233   1.00 21.30 ? 70  LYS A CE  1 
ATOM   528  N NZ  . LYS A 1 70  ? 4.989   0.723   0.982   1.00 22.63 ? 70  LYS A NZ  1 
ATOM   529  N N   . TYR A 1 71  ? -0.559  3.794   -2.510  1.00 26.26 ? 71  TYR A N   1 
ATOM   530  C CA  . TYR A 1 71  ? -1.947  3.439   -2.251  1.00 25.34 ? 71  TYR A CA  1 
ATOM   531  C C   . TYR A 1 71  ? -2.934  4.337   -2.997  1.00 21.41 ? 71  TYR A C   1 
ATOM   532  O O   . TYR A 1 71  ? -4.124  4.313   -2.717  1.00 18.94 ? 71  TYR A O   1 
ATOM   533  C CB  . TYR A 1 71  ? -2.228  3.418   -0.737  1.00 19.87 ? 71  TYR A CB  1 
ATOM   534  C CG  . TYR A 1 71  ? -1.649  2.210   -0.048  1.00 23.93 ? 71  TYR A CG  1 
ATOM   535  C CD1 . TYR A 1 71  ? -0.359  2.234   0.467   1.00 22.85 ? 71  TYR A CD1 1 
ATOM   536  C CD2 . TYR A 1 71  ? -2.386  1.028   0.070   1.00 21.15 ? 71  TYR A CD2 1 
ATOM   537  C CE1 . TYR A 1 71  ? 0.182   1.121   1.089   1.00 21.01 ? 71  TYR A CE1 1 
ATOM   538  C CE2 . TYR A 1 71  ? -1.850  -0.091  0.691   1.00 12.36 ? 71  TYR A CE2 1 
ATOM   539  C CZ  . TYR A 1 71  ? -0.569  -0.034  1.198   1.00 21.31 ? 71  TYR A CZ  1 
ATOM   540  O OH  . TYR A 1 71  ? -0.017  -1.132  1.811   1.00 24.15 ? 71  TYR A OH  1 
ATOM   541  N N   . GLY A 1 72  ? -2.435  5.122   -3.943  1.00 23.67 ? 72  GLY A N   1 
ATOM   542  C CA  . GLY A 1 72  ? -3.310  5.888   -4.810  1.00 26.81 ? 72  GLY A CA  1 
ATOM   543  C C   . GLY A 1 72  ? -3.861  7.153   -4.173  1.00 27.90 ? 72  GLY A C   1 
ATOM   544  O O   . GLY A 1 72  ? -4.688  7.854   -4.767  1.00 26.56 ? 72  GLY A O   1 
ATOM   545  N N   . ILE A 1 73  ? -3.409  7.453   -2.964  1.00 25.18 ? 73  ILE A N   1 
ATOM   546  C CA  . ILE A 1 73  ? -3.814  8.672   -2.276  1.00 18.27 ? 73  ILE A CA  1 
ATOM   547  C C   . ILE A 1 73  ? -3.413  9.900   -3.105  1.00 20.74 ? 73  ILE A C   1 
ATOM   548  O O   . ILE A 1 73  ? -2.247  10.073  -3.436  1.00 21.93 ? 73  ILE A O   1 
ATOM   549  C CB  . ILE A 1 73  ? -3.163  8.725   -0.875  1.00 21.45 ? 73  ILE A CB  1 
ATOM   550  C CG1 . ILE A 1 73  ? -3.452  7.438   -0.107  1.00 23.82 ? 73  ILE A CG1 1 
ATOM   551  C CG2 . ILE A 1 73  ? -3.662  9.896   -0.085  1.00 22.49 ? 73  ILE A CG2 1 
ATOM   552  C CD1 . ILE A 1 73  ? -4.885  7.322   0.297   0.00 21.15 ? 73  ILE A CD1 1 
ATOM   553  N N   . ARG A 1 74  ? -4.391  10.724  -3.473  1.00 23.98 ? 74  ARG A N   1 
ATOM   554  C CA  . ARG A 1 74  ? -4.131  11.953  -4.223  1.00 25.79 ? 74  ARG A CA  1 
ATOM   555  C C   . ARG A 1 74  ? -4.450  13.206  -3.403  1.00 21.77 ? 74  ARG A C   1 
ATOM   556  O O   . ARG A 1 74  ? -4.374  14.325  -3.906  1.00 26.34 ? 74  ARG A O   1 
ATOM   557  C CB  . ARG A 1 74  ? -4.915  11.988  -5.542  1.00 26.73 ? 74  ARG A CB  1 
ATOM   558  C CG  . ARG A 1 74  ? -4.398  11.065  -6.641  1.00 26.74 ? 74  ARG A CG  1 
ATOM   559  C CD  . ARG A 1 74  ? -4.754  11.600  -8.038  1.00 33.89 ? 74  ARG A CD  1 
ATOM   560  N NE  . ARG A 1 74  ? -3.929  12.755  -8.404  1.00 24.97 ? 74  ARG A NE  1 
ATOM   561  C CZ  . ARG A 1 74  ? -3.745  13.188  -9.648  1.00 33.67 ? 74  ARG A CZ  1 
ATOM   562  N NH1 . ARG A 1 74  ? -2.966  14.240  -9.885  1.00 43.48 ? 74  ARG A NH1 1 
ATOM   563  N NH2 . ARG A 1 74  ? -4.334  12.573  -10.661 1.00 38.03 ? 74  ARG A NH2 1 
ATOM   564  N N   . GLY A 1 75  ? -4.804  13.024  -2.136  1.00 22.07 ? 75  GLY A N   1 
ATOM   565  C CA  . GLY A 1 75  ? -5.108  14.168  -1.293  1.00 21.78 ? 75  GLY A CA  1 
ATOM   566  C C   . GLY A 1 75  ? -5.182  13.844  0.184   1.00 23.70 ? 75  GLY A C   1 
ATOM   567  O O   . GLY A 1 75  ? -5.118  12.677  0.578   1.00 22.56 ? 75  GLY A O   1 
ATOM   568  N N   . THR A 1 76  ? -5.331  14.884  1.002   1.00 24.53 ? 76  THR A N   1 
ATOM   569  C CA  . THR A 1 76  ? -5.431  14.714  2.444   1.00 23.79 ? 76  THR A CA  1 
ATOM   570  C C   . THR A 1 76  ? -6.587  15.532  2.995   1.00 18.71 ? 76  THR A C   1 
ATOM   571  O O   . THR A 1 76  ? -6.847  16.641  2.527   1.00 24.12 ? 76  THR A O   1 
ATOM   572  C CB  . THR A 1 76  ? -4.136  15.139  3.155   1.00 23.06 ? 76  THR A CB  1 
ATOM   573  O OG1 . THR A 1 76  ? -3.953  16.555  3.007   1.00 23.67 ? 76  THR A OG1 1 
ATOM   574  C CG2 . THR A 1 76  ? -2.943  14.397  2.571   1.00 21.69 ? 76  THR A CG2 1 
ATOM   575  N N   . PRO A 1 77  ? -7.313  14.969  3.964   1.00 20.75 ? 77  PRO A N   1 
ATOM   576  C CA  . PRO A 1 77  ? -7.089  13.624  4.513   1.00 21.23 ? 77  PRO A CA  1 
ATOM   577  C C   . PRO A 1 77  ? -7.691  12.534  3.625   1.00 15.01 ? 77  PRO A C   1 
ATOM   578  O O   . PRO A 1 77  ? -8.664  12.789  2.932   1.00 16.51 ? 77  PRO A O   1 
ATOM   579  C CB  . PRO A 1 77  ? -7.850  13.690  5.827   1.00 19.24 ? 77  PRO A CB  1 
ATOM   580  C CG  . PRO A 1 77  ? -9.066  14.506  5.456   1.00 21.30 ? 77  PRO A CG  1 
ATOM   581  C CD  . PRO A 1 77  ? -8.551  15.566  4.498   1.00 20.08 ? 77  PRO A CD  1 
ATOM   582  N N   . THR A 1 78  ? -7.088  11.351  3.624   1.00 19.74 ? 78  THR A N   1 
ATOM   583  C CA  . THR A 1 78  ? -7.743  10.169  3.064   1.00 18.21 ? 78  THR A CA  1 
ATOM   584  C C   . THR A 1 78  ? -7.709  9.089   4.128   1.00 17.97 ? 78  THR A C   1 
ATOM   585  O O   . THR A 1 78  ? -6.685  8.871   4.760   1.00 18.94 ? 78  THR A O   1 
ATOM   586  C CB  . THR A 1 78  ? -7.059  9.643   1.771   1.00 19.62 ? 78  THR A CB  1 
ATOM   587  O OG1 . THR A 1 78  ? -7.022  10.678  0.773   1.00 22.37 ? 78  THR A OG1 1 
ATOM   588  C CG2 . THR A 1 78  ? -7.813  8.427   1.205   1.00 14.41 ? 78  THR A CG2 1 
ATOM   589  N N   . LEU A 1 79  ? -8.834  8.426   4.346   1.00 18.38 ? 79  LEU A N   1 
ATOM   590  C CA  . LEU A 1 79  ? -8.877  7.354   5.320   1.00 18.74 ? 79  LEU A CA  1 
ATOM   591  C C   . LEU A 1 79  ? -8.939  6.037   4.583   1.00 18.42 ? 79  LEU A C   1 
ATOM   592  O O   . LEU A 1 79  ? -9.777  5.850   3.698   1.00 17.30 ? 79  LEU A O   1 
ATOM   593  C CB  . LEU A 1 79  ? -10.085 7.503   6.246   1.00 16.77 ? 79  LEU A CB  1 
ATOM   594  C CG  . LEU A 1 79  ? -10.236 8.760   7.112   1.00 19.46 ? 79  LEU A CG  1 
ATOM   595  C CD1 . LEU A 1 79  ? -11.690 9.023   7.401   1.00 18.18 ? 79  LEU A CD1 1 
ATOM   596  C CD2 . LEU A 1 79  ? -9.494  8.622   8.418   1.00 23.13 ? 79  LEU A CD2 1 
ATOM   597  N N   . LEU A 1 80  ? -8.035  5.138   4.940   1.00 16.19 ? 80  LEU A N   1 
ATOM   598  C CA  . LEU A 1 80  ? -8.054  3.785   4.428   1.00 20.84 ? 80  LEU A CA  1 
ATOM   599  C C   . LEU A 1 80  ? -8.332  2.812   5.566   1.00 17.20 ? 80  LEU A C   1 
ATOM   600  O O   . LEU A 1 80  ? -7.590  2.763   6.539   1.00 17.55 ? 80  LEU A O   1 
ATOM   601  C CB  . LEU A 1 80  ? -6.702  3.443   3.807   1.00 24.61 ? 80  LEU A CB  1 
ATOM   602  C CG  . LEU A 1 80  ? -6.322  4.148   2.507   1.00 20.70 ? 80  LEU A CG  1 
ATOM   603  C CD1 . LEU A 1 80  ? -4.938  3.694   2.030   1.00 24.96 ? 80  LEU A CD1 1 
ATOM   604  C CD2 . LEU A 1 80  ? -7.376  3.881   1.455   1.00 22.78 ? 80  LEU A CD2 1 
ATOM   605  N N   . LEU A 1 81  ? -9.389  2.030   5.436   1.00 22.15 ? 81  LEU A N   1 
ATOM   606  C CA  . LEU A 1 81  ? -9.610  0.937   6.383   1.00 22.48 ? 81  LEU A CA  1 
ATOM   607  C C   . LEU A 1 81  ? -8.922  -0.356  5.902   1.00 18.51 ? 81  LEU A C   1 
ATOM   608  O O   . LEU A 1 81  ? -9.234  -0.861  4.827   1.00 22.95 ? 81  LEU A O   1 
ATOM   609  C CB  . LEU A 1 81  ? -11.104 0.729   6.604   1.00 21.54 ? 81  LEU A CB  1 
ATOM   610  C CG  . LEU A 1 81  ? -11.535 -0.240  7.699   1.00 26.86 ? 81  LEU A CG  1 
ATOM   611  C CD1 . LEU A 1 81  ? -11.002 0.220   9.050   1.00 17.87 ? 81  LEU A CD1 1 
ATOM   612  C CD2 . LEU A 1 81  ? -13.056 -0.343  7.713   1.00 22.70 ? 81  LEU A CD2 1 
ATOM   613  N N   . PHE A 1 82  ? -7.978  -0.868  6.690   1.00 17.12 ? 82  PHE A N   1 
ATOM   614  C CA  . PHE A 1 82  ? -7.309  -2.141  6.403   1.00 21.01 ? 82  PHE A CA  1 
ATOM   615  C C   . PHE A 1 82  ? -7.887  -3.325  7.211   1.00 22.62 ? 82  PHE A C   1 
ATOM   616  O O   . PHE A 1 82  ? -8.347  -3.151  8.334   1.00 22.12 ? 82  PHE A O   1 
ATOM   617  C CB  . PHE A 1 82  ? -5.813  -2.037  6.703   1.00 19.07 ? 82  PHE A CB  1 
ATOM   618  C CG  . PHE A 1 82  ? -5.028  -1.263  5.682   1.00 19.94 ? 82  PHE A CG  1 
ATOM   619  C CD1 . PHE A 1 82  ? -4.992  0.125   5.713   1.00 17.38 ? 82  PHE A CD1 1 
ATOM   620  C CD2 . PHE A 1 82  ? -4.305  -1.925  4.703   1.00 20.47 ? 82  PHE A CD2 1 
ATOM   621  C CE1 . PHE A 1 82  ? -4.264  0.834   4.773   1.00 17.30 ? 82  PHE A CE1 1 
ATOM   622  C CE2 . PHE A 1 82  ? -3.577  -1.230  3.762   1.00 12.82 ? 82  PHE A CE2 1 
ATOM   623  C CZ  . PHE A 1 82  ? -3.550  0.156   3.798   1.00 18.31 ? 82  PHE A CZ  1 
ATOM   624  N N   . LYS A 1 83  ? -7.829  -4.524  6.640   1.00 20.34 ? 83  LYS A N   1 
ATOM   625  C CA  . LYS A 1 83  ? -8.271  -5.755  7.313   1.00 26.59 ? 83  LYS A CA  1 
ATOM   626  C C   . LYS A 1 83  ? -7.378  -6.915  6.871   1.00 25.91 ? 83  LYS A C   1 
ATOM   627  O O   . LYS A 1 83  ? -7.285  -7.219  5.682   1.00 27.46 ? 83  LYS A O   1 
ATOM   628  C CB  . LYS A 1 83  ? -9.738  -6.069  6.989   1.00 27.52 ? 83  LYS A CB  1 
ATOM   629  C CG  . LYS A 1 83  ? -10.790 -5.539  7.973   1.00 18.76 ? 83  LYS A CG  1 
ATOM   630  C CD  . LYS A 1 83  ? -12.097 -5.227  7.238   1.00 23.15 ? 83  LYS A CD  1 
ATOM   631  C CE  . LYS A 1 83  ? -13.300 -5.072  8.177   1.00 26.56 ? 83  LYS A CE  1 
ATOM   632  N NZ  . LYS A 1 83  ? -14.173 -6.291  8.222   1.00 30.35 ? 83  LYS A NZ  1 
ATOM   633  N N   . ASN A 1 84  ? -6.713  -7.556  7.820   1.00 21.66 ? 84  ASN A N   1 
ATOM   634  C CA  . ASN A 1 84  ? -5.793  -8.630  7.483   1.00 26.44 ? 84  ASN A CA  1 
ATOM   635  C C   . ASN A 1 84  ? -4.915  -8.319  6.271   1.00 29.34 ? 84  ASN A C   1 
ATOM   636  O O   . ASN A 1 84  ? -4.697  -9.181  5.417   1.00 27.39 ? 84  ASN A O   1 
ATOM   637  C CB  . ASN A 1 84  ? -6.566  -9.920  7.242   1.00 24.26 ? 84  ASN A CB  1 
ATOM   638  C CG  . ASN A 1 84  ? -7.502  -10.237 8.378   1.00 32.94 ? 84  ASN A CG  1 
ATOM   639  O OD1 . ASN A 1 84  ? -7.075  -10.370 9.528   1.00 28.92 ? 84  ASN A OD1 1 
ATOM   640  N ND2 . ASN A 1 84  ? -8.797  -10.337 8.072   1.00 27.07 ? 84  ASN A ND2 1 
ATOM   641  N N   . GLY A 1 85  ? -4.429  -7.085  6.197   1.00 18.46 ? 85  GLY A N   1 
ATOM   642  C CA  . GLY A 1 85  ? -3.508  -6.694  5.147   1.00 30.54 ? 85  GLY A CA  1 
ATOM   643  C C   . GLY A 1 85  ? -4.156  -6.169  3.877   1.00 24.08 ? 85  GLY A C   1 
ATOM   644  O O   . GLY A 1 85  ? -3.466  -5.852  2.911   1.00 32.85 ? 85  GLY A O   1 
ATOM   645  N N   . GLU A 1 86  ? -5.478  -6.073  3.874   1.00 27.20 ? 86  GLU A N   1 
ATOM   646  C CA  . GLU A 1 86  ? -6.196  -5.666  2.675   1.00 28.97 ? 86  GLU A CA  1 
ATOM   647  C C   . GLU A 1 86  ? -6.836  -4.302  2.888   1.00 27.68 ? 86  GLU A C   1 
ATOM   648  O O   . GLU A 1 86  ? -7.426  -4.052  3.936   1.00 27.20 ? 86  GLU A O   1 
ATOM   649  C CB  . GLU A 1 86  ? -7.264  -6.710  2.300   1.00 25.99 ? 86  GLU A CB  1 
ATOM   650  C CG  . GLU A 1 86  ? -8.573  -6.627  3.116   1.00 37.01 ? 86  GLU A CG  1 
ATOM   651  C CD  . GLU A 1 86  ? -9.662  -7.614  2.659   1.00 41.74 ? 86  GLU A CD  1 
ATOM   652  O OE1 . GLU A 1 86  ? -10.159 -7.490  1.514   1.00 42.13 ? 86  GLU A OE1 1 
ATOM   653  O OE2 . GLU A 1 86  ? -10.044 -8.497  3.461   1.00 34.83 ? 86  GLU A OE2 1 
ATOM   654  N N   . VAL A 1 87  ? -6.704  -3.407  1.912   1.00 28.19 ? 87  VAL A N   1 
ATOM   655  C CA  . VAL A 1 87  ? -7.528  -2.210  1.935   1.00 22.40 ? 87  VAL A CA  1 
ATOM   656  C C   . VAL A 1 87  ? -8.960  -2.697  1.749   1.00 28.16 ? 87  VAL A C   1 
ATOM   657  O O   . VAL A 1 87  ? -9.242  -3.415  0.790   1.00 24.63 ? 87  VAL A O   1 
ATOM   658  C CB  . VAL A 1 87  ? -7.164  -1.211  0.819   1.00 22.10 ? 87  VAL A CB  1 
ATOM   659  C CG1 . VAL A 1 87  ? -8.100  -0.011  0.880   1.00 21.62 ? 87  VAL A CG1 1 
ATOM   660  C CG2 . VAL A 1 87  ? -5.713  -0.767  0.955   1.00 21.26 ? 87  VAL A CG2 1 
ATOM   661  N N   . ALA A 1 88  ? -9.855  -2.329  2.664   1.00 24.23 ? 88  ALA A N   1 
ATOM   662  C CA  . ALA A 1 88  ? -11.230 -2.815  2.634   1.00 20.42 ? 88  ALA A CA  1 
ATOM   663  C C   . ALA A 1 88  ? -12.251 -1.725  2.309   1.00 23.36 ? 88  ALA A C   1 
ATOM   664  O O   . ALA A 1 88  ? -13.370 -2.034  1.942   1.00 20.85 ? 88  ALA A O   1 
ATOM   665  C CB  . ALA A 1 88  ? -11.586 -3.463  3.959   1.00 23.68 ? 88  ALA A CB  1 
ATOM   666  N N   . ALA A 1 89  ? -11.863 -0.464  2.488   1.00 19.92 ? 89  ALA A N   1 
ATOM   667  C CA  . ALA A 1 89  ? -12.709 0.687   2.148   1.00 21.72 ? 89  ALA A CA  1 
ATOM   668  C C   . ALA A 1 89  ? -11.884 1.969   2.217   1.00 25.59 ? 89  ALA A C   1 
ATOM   669  O O   . ALA A 1 89  ? -10.834 2.009   2.873   1.00 21.91 ? 89  ALA A O   1 
ATOM   670  C CB  . ALA A 1 89  ? -13.906 0.779   3.069   1.00 21.71 ? 89  ALA A CB  1 
ATOM   671  N N   . THR A 1 90  ? -12.359 3.008   1.533   1.00 19.99 ? 90  THR A N   1 
ATOM   672  C CA  . THR A 1 90  ? -11.623 4.261   1.415   1.00 23.92 ? 90  THR A CA  1 
ATOM   673  C C   . THR A 1 90  ? -12.578 5.445   1.573   1.00 26.45 ? 90  THR A C   1 
ATOM   674  O O   . THR A 1 90  ? -13.707 5.413   1.071   1.00 26.95 ? 90  THR A O   1 
ATOM   675  C CB  . THR A 1 90  ? -10.885 4.341   0.050   1.00 24.60 ? 90  THR A CB  1 
ATOM   676  O OG1 . THR A 1 90  ? -10.005 3.215   -0.089  1.00 26.26 ? 90  THR A OG1 1 
ATOM   677  C CG2 . THR A 1 90  ? -10.066 5.616   -0.059  1.00 25.21 ? 90  THR A CG2 1 
ATOM   678  N N   . LYS A 1 91  ? -12.141 6.481   2.288   1.00 25.14 ? 91  LYS A N   1 
ATOM   679  C CA  . LYS A 1 91  ? -12.917 7.724   2.395   1.00 22.63 ? 91  LYS A CA  1 
ATOM   680  C C   . LYS A 1 91  ? -12.012 8.947   2.284   1.00 22.30 ? 91  LYS A C   1 
ATOM   681  O O   . LYS A 1 91  ? -11.134 9.145   3.112   1.00 21.41 ? 91  LYS A O   1 
ATOM   682  C CB  . LYS A 1 91  ? -13.724 7.778   3.700   1.00 21.04 ? 91  LYS A CB  1 
ATOM   683  C CG  . LYS A 1 91  ? -15.235 7.674   3.517   1.00 26.16 ? 91  LYS A CG  1 
ATOM   684  C CD  . LYS A 1 91  ? -15.868 9.043   3.287   1.00 34.28 ? 91  LYS A CD  1 
ATOM   685  C CE  . LYS A 1 91  ? -17.398 8.985   3.374   1.00 35.06 ? 91  LYS A CE  1 
ATOM   686  N NZ  . LYS A 1 91  ? -18.026 8.654   2.059   1.00 25.65 ? 91  LYS A NZ  1 
ATOM   687  N N   . VAL A 1 92  ? -12.229 9.758   1.255   1.00 19.76 ? 92  VAL A N   1 
ATOM   688  C CA  . VAL A 1 92  ? -11.416 10.943  1.026   1.00 19.09 ? 92  VAL A CA  1 
ATOM   689  C C   . VAL A 1 92  ? -12.140 12.145  1.613   1.00 22.72 ? 92  VAL A C   1 
ATOM   690  O O   . VAL A 1 92  ? -13.367 12.231  1.539   1.00 24.14 ? 92  VAL A O   1 
ATOM   691  C CB  . VAL A 1 92  ? -11.187 11.175  -0.485  1.00 20.78 ? 92  VAL A CB  1 
ATOM   692  C CG1 . VAL A 1 92  ? -10.375 12.437  -0.726  1.00 24.54 ? 92  VAL A CG1 1 
ATOM   693  C CG2 . VAL A 1 92  ? -10.509 9.967   -1.129  1.00 24.49 ? 92  VAL A CG2 1 
ATOM   694  N N   . GLY A 1 93  ? -11.385 13.054  2.221   1.00 21.46 ? 93  GLY A N   1 
ATOM   695  C CA  . GLY A 1 93  ? -11.924 14.335  2.630   1.00 15.74 ? 93  GLY A CA  1 
ATOM   696  C C   . GLY A 1 93  ? -12.527 14.396  4.015   1.00 17.61 ? 93  GLY A C   1 
ATOM   697  O O   . GLY A 1 93  ? -12.656 13.391  4.703   1.00 19.88 ? 93  GLY A O   1 
ATOM   698  N N   . ALA A 1 94  ? -12.888 15.602  4.436   1.00 22.56 ? 94  ALA A N   1 
ATOM   699  C CA  . ALA A 1 94  ? -13.492 15.787  5.742   1.00 25.15 ? 94  ALA A CA  1 
ATOM   700  C C   . ALA A 1 94  ? -14.873 15.140  5.788   1.00 24.10 ? 94  ALA A C   1 
ATOM   701  O O   . ALA A 1 94  ? -15.559 15.037  4.767   1.00 26.64 ? 94  ALA A O   1 
ATOM   702  C CB  . ALA A 1 94  ? -13.576 17.258  6.086   1.00 24.62 ? 94  ALA A CB  1 
ATOM   703  N N   . LEU A 1 95  ? -15.267 14.689  6.971   1.00 21.31 ? 95  LEU A N   1 
ATOM   704  C CA  . LEU A 1 95  ? -16.618 14.168  7.184   1.00 24.93 ? 95  LEU A CA  1 
ATOM   705  C C   . LEU A 1 95  ? -17.067 14.401  8.615   1.00 26.56 ? 95  LEU A C   1 
ATOM   706  O O   . LEU A 1 95  ? -16.273 14.810  9.460   1.00 29.12 ? 95  LEU A O   1 
ATOM   707  C CB  . LEU A 1 95  ? -16.717 12.677  6.842   1.00 22.09 ? 95  LEU A CB  1 
ATOM   708  C CG  . LEU A 1 95  ? -15.952 11.690  7.732   1.00 23.20 ? 95  LEU A CG  1 
ATOM   709  C CD1 . LEU A 1 95  ? -16.254 10.259  7.288   1.00 26.94 ? 95  LEU A CD1 1 
ATOM   710  C CD2 . LEU A 1 95  ? -14.457 11.976  7.685   1.00 18.08 ? 95  LEU A CD2 1 
ATOM   711  N N   . SER A 1 96  ? -18.343 14.140  8.886   1.00 22.57 ? 96  SER A N   1 
ATOM   712  C CA  . SER A 1 96  ? -18.869 14.339  10.225  1.00 26.76 ? 96  SER A CA  1 
ATOM   713  C C   . SER A 1 96  ? -18.600 13.087  11.036  1.00 23.77 ? 96  SER A C   1 
ATOM   714  O O   . SER A 1 96  ? -18.247 12.049  10.482  1.00 21.82 ? 96  SER A O   1 
ATOM   715  C CB  . SER A 1 96  ? -20.372 14.619  10.180  1.00 24.08 ? 96  SER A CB  1 
ATOM   716  O OG  . SER A 1 96  ? -21.100 13.437  9.875   1.00 24.09 ? 96  SER A OG  1 
ATOM   717  N N   . LYS A 1 97  ? -18.773 13.184  12.346  1.00 26.24 ? 97  LYS A N   1 
ATOM   718  C CA  . LYS A 1 97  ? -18.643 12.028  13.215  1.00 22.11 ? 97  LYS A CA  1 
ATOM   719  C C   . LYS A 1 97  ? -19.690 11.006  12.796  1.00 19.95 ? 97  LYS A C   1 
ATOM   720  O O   . LYS A 1 97  ? -19.433 9.795   12.792  1.00 19.45 ? 97  LYS A O   1 
ATOM   721  C CB  . LYS A 1 97  ? -18.864 12.451  14.664  1.00 27.47 ? 97  LYS A CB  1 
ATOM   722  N N   . GLY A 1 98  ? -20.863 11.513  12.425  1.00 17.28 ? 98  GLY A N   1 
ATOM   723  C CA  . GLY A 1 98  ? -21.977 10.674  12.030  1.00 25.46 ? 98  GLY A CA  1 
ATOM   724  C C   . GLY A 1 98  ? -21.675 9.925   10.752  1.00 21.26 ? 98  GLY A C   1 
ATOM   725  O O   . GLY A 1 98  ? -21.942 8.731   10.628  1.00 25.02 ? 98  GLY A O   1 
ATOM   726  N N   . GLN A 1 99  ? -21.085 10.629  9.800   1.00 22.20 ? 99  GLN A N   1 
ATOM   727  C CA  . GLN A 1 99  ? -20.667 10.011  8.556   1.00 21.51 ? 99  GLN A CA  1 
ATOM   728  C C   . GLN A 1 99  ? -19.568 8.960   8.770   1.00 20.13 ? 99  GLN A C   1 
ATOM   729  O O   . GLN A 1 99  ? -19.583 7.906   8.141   1.00 21.16 ? 99  GLN A O   1 
ATOM   730  C CB  . GLN A 1 99  ? -20.218 11.086  7.565   1.00 23.93 ? 99  GLN A CB  1 
ATOM   731  C CG  . GLN A 1 99  ? -21.394 11.847  6.951   1.00 20.47 ? 99  GLN A CG  1 
ATOM   732  C CD  . GLN A 1 99  ? -20.954 12.889  5.955   1.00 24.11 ? 99  GLN A CD  1 
ATOM   733  O OE1 . GLN A 1 99  ? -20.151 13.759  6.275   1.00 22.73 ? 99  GLN A OE1 1 
ATOM   734  N NE2 . GLN A 1 99  ? -21.486 12.813  4.738   1.00 20.38 ? 99  GLN A NE2 1 
ATOM   735  N N   . LEU A 1 100 ? -18.626 9.239   9.662   1.00 22.70 ? 100 LEU A N   1 
ATOM   736  C CA  . LEU A 1 100 ? -17.503 8.322   9.877   1.00 24.71 ? 100 LEU A CA  1 
ATOM   737  C C   . LEU A 1 100 ? -17.979 7.064   10.604  1.00 18.41 ? 100 LEU A C   1 
ATOM   738  O O   . LEU A 1 100 ? -17.497 5.959   10.359  1.00 18.30 ? 100 LEU A O   1 
ATOM   739  C CB  . LEU A 1 100 ? -16.366 9.010   10.651  1.00 23.10 ? 100 LEU A CB  1 
ATOM   740  C CG  . LEU A 1 100 ? -15.138 8.144   10.988  1.00 31.77 ? 100 LEU A CG  1 
ATOM   741  C CD1 . LEU A 1 100 ? -14.486 7.607   9.718   1.00 21.26 ? 100 LEU A CD1 1 
ATOM   742  C CD2 . LEU A 1 100 ? -14.112 8.895   11.857  1.00 24.15 ? 100 LEU A CD2 1 
ATOM   743  N N   . LYS A 1 101 ? -18.945 7.255   11.494  1.00 25.86 ? 101 LYS A N   1 
ATOM   744  C CA  . LYS A 1 101 ? -19.566 6.173   12.236  1.00 21.30 ? 101 LYS A CA  1 
ATOM   745  C C   . LYS A 1 101 ? -20.325 5.219   11.314  1.00 20.41 ? 101 LYS A C   1 
ATOM   746  O O   . LYS A 1 101 ? -20.221 4.002   11.448  1.00 22.35 ? 101 LYS A O   1 
ATOM   747  C CB  . LYS A 1 101 ? -20.505 6.742   13.300  1.00 21.40 ? 101 LYS A CB  1 
ATOM   748  N N   . GLU A 1 102 ? -21.083 5.778   10.376  1.00 19.78 ? 102 GLU A N   1 
ATOM   749  C CA  . GLU A 1 102 ? -21.870 4.971   9.455   1.00 23.81 ? 102 GLU A CA  1 
ATOM   750  C C   . GLU A 1 102 ? -20.943 4.207   8.521   1.00 19.60 ? 102 GLU A C   1 
ATOM   751  O O   . GLU A 1 102 ? -21.159 3.036   8.235   1.00 18.24 ? 102 GLU A O   1 
ATOM   752  C CB  . GLU A 1 102 ? -22.848 5.842   8.665   1.00 25.60 ? 102 GLU A CB  1 
ATOM   753  N N   . PHE A 1 103 ? -19.885 4.879   8.067   1.00 25.33 ? 103 PHE A N   1 
ATOM   754  C CA  . PHE A 1 103 ? -18.877 4.243   7.230   1.00 22.80 ? 103 PHE A CA  1 
ATOM   755  C C   . PHE A 1 103 ? -18.179 3.073   7.948   1.00 17.64 ? 103 PHE A C   1 
ATOM   756  O O   . PHE A 1 103 ? -17.957 2.020   7.359   1.00 15.06 ? 103 PHE A O   1 
ATOM   757  C CB  . PHE A 1 103 ? -17.872 5.298   6.752   1.00 25.65 ? 103 PHE A CB  1 
ATOM   758  C CG  . PHE A 1 103 ? -16.574 4.739   6.256   1.00 20.64 ? 103 PHE A CG  1 
ATOM   759  C CD1 . PHE A 1 103 ? -15.525 4.508   7.131   1.00 17.76 ? 103 PHE A CD1 1 
ATOM   760  C CD2 . PHE A 1 103 ? -16.379 4.492   4.903   1.00 26.64 ? 103 PHE A CD2 1 
ATOM   761  C CE1 . PHE A 1 103 ? -14.312 4.021   6.665   1.00 18.60 ? 103 PHE A CE1 1 
ATOM   762  C CE2 . PHE A 1 103 ? -15.163 3.992   4.439   1.00 22.08 ? 103 PHE A CE2 1 
ATOM   763  C CZ  . PHE A 1 103 ? -14.141 3.756   5.322   1.00 18.50 ? 103 PHE A CZ  1 
ATOM   764  N N   . LEU A 1 104 ? -17.853 3.255   9.225   1.00 17.28 ? 104 LEU A N   1 
ATOM   765  C CA  . LEU A 1 104 ? -17.164 2.207   9.976   1.00 18.59 ? 104 LEU A CA  1 
ATOM   766  C C   . LEU A 1 104 ? -18.103 1.044   10.328  1.00 19.90 ? 104 LEU A C   1 
ATOM   767  O O   . LEU A 1 104 ? -17.757 -0.118  10.158  1.00 22.08 ? 104 LEU A O   1 
ATOM   768  C CB  . LEU A 1 104 ? -16.561 2.775   11.256  1.00 13.69 ? 104 LEU A CB  1 
ATOM   769  C CG  . LEU A 1 104 ? -15.278 3.590   11.151  1.00 17.08 ? 104 LEU A CG  1 
ATOM   770  C CD1 . LEU A 1 104 ? -14.870 4.052   12.538  1.00 17.63 ? 104 LEU A CD1 1 
ATOM   771  C CD2 . LEU A 1 104 ? -14.170 2.778   10.513  1.00 16.19 ? 104 LEU A CD2 1 
ATOM   772  N N   . ASP A 1 105 ? -19.288 1.374   10.827  1.00 19.79 ? 105 ASP A N   1 
ATOM   773  C CA  . ASP A 1 105 ? -20.257 0.362   11.212  1.00 22.19 ? 105 ASP A CA  1 
ATOM   774  C C   . ASP A 1 105 ? -20.606 -0.517  10.025  1.00 23.82 ? 105 ASP A C   1 
ATOM   775  O O   . ASP A 1 105 ? -20.654 -1.746  10.138  1.00 20.85 ? 105 ASP A O   1 
ATOM   776  C CB  . ASP A 1 105 ? -21.503 1.019   11.802  1.00 22.99 ? 105 ASP A CB  1 
ATOM   777  C CG  . ASP A 1 105 ? -21.229 1.624   13.163  1.00 25.78 ? 105 ASP A CG  1 
ATOM   778  O OD1 . ASP A 1 105 ? -20.150 1.314   13.714  1.00 20.07 ? 105 ASP A OD1 1 
ATOM   779  O OD2 . ASP A 1 105 ? -22.070 2.395   13.676  1.00 23.94 ? 105 ASP A OD2 1 
ATOM   780  N N   . ALA A 1 106 ? -20.820 0.115   8.879   1.00 18.12 ? 106 ALA A N   1 
ATOM   781  C CA  . ALA A 1 106 ? -21.057 -0.633  7.650   1.00 20.26 ? 106 ALA A CA  1 
ATOM   782  C C   . ALA A 1 106 ? -19.850 -1.502  7.279   1.00 25.74 ? 106 ALA A C   1 
ATOM   783  O O   . ALA A 1 106 ? -19.994 -2.687  6.949   1.00 26.68 ? 106 ALA A O   1 
ATOM   784  C CB  . ALA A 1 106 ? -21.401 0.322   6.509   1.00 24.21 ? 106 ALA A CB  1 
ATOM   785  N N   . ASN A 1 107 ? -18.656 -0.925  7.355   1.00 18.16 ? 107 ASN A N   1 
ATOM   786  C CA  . ASN A 1 107 ? -17.476 -1.597  6.815   1.00 21.59 ? 107 ASN A CA  1 
ATOM   787  C C   . ASN A 1 107 ? -16.726 -2.557  7.759   1.00 23.77 ? 107 ASN A C   1 
ATOM   788  O O   . ASN A 1 107 ? -16.034 -3.467  7.304   1.00 23.10 ? 107 ASN A O   1 
ATOM   789  C CB  . ASN A 1 107 ? -16.516 -0.578  6.200   1.00 16.09 ? 107 ASN A CB  1 
ATOM   790  C CG  . ASN A 1 107 ? -16.979 -0.088  4.842   1.00 23.89 ? 107 ASN A CG  1 
ATOM   791  O OD1 . ASN A 1 107 ? -16.951 -0.826  3.857   1.00 20.85 ? 107 ASN A OD1 1 
ATOM   792  N ND2 . ASN A 1 107 ? -17.392 1.176   4.779   1.00 22.34 ? 107 ASN A ND2 1 
ATOM   793  N N   . LEU A 1 108 ? -16.845 -2.353  9.061   1.00 20.45 ? 108 LEU A N   1 
ATOM   794  C CA  . LEU A 1 108 ? -16.188 -3.253  10.010  1.00 26.90 ? 108 LEU A CA  1 
ATOM   795  C C   . LEU A 1 108 ? -16.896 -4.601  10.011  1.00 30.30 ? 108 LEU A C   1 
ATOM   796  O O   . LEU A 1 108 ? -16.263 -5.657  10.117  1.00 23.77 ? 108 LEU A O   1 
ATOM   797  C CB  . LEU A 1 108 ? -16.195 -2.641  11.406  1.00 24.67 ? 108 LEU A CB  1 
ATOM   798  C CG  . LEU A 1 108 ? -15.245 -1.457  11.558  1.00 23.41 ? 108 LEU A CG  1 
ATOM   799  C CD1 . LEU A 1 108 ? -15.537 -0.677  12.845  1.00 19.41 ? 108 LEU A CD1 1 
ATOM   800  C CD2 . LEU A 1 108 ? -13.807 -1.981  11.542  1.00 22.11 ? 108 LEU A CD2 1 
ATOM   801  N N   . ALA A 1 109 ? -18.218 -4.543  9.865   1.00 22.76 ? 109 ALA A N   1 
ATOM   802  C CA  . ALA A 1 109 ? -19.059 -5.727  9.867   1.00 27.85 ? 109 ALA A CA  1 
ATOM   803  C C   . ALA A 1 109 ? -18.930 -6.556  8.588   1.00 31.23 ? 109 ALA A C   1 
ATOM   804  O O   . ALA A 1 109 ? -19.106 -7.773  8.626   1.00 28.06 ? 109 ALA A O   1 
ATOM   805  C CB  . ALA A 1 109 ? -20.515 -5.334  10.104  1.00 27.45 ? 109 ALA A CB  1 
ATOM   806  N N   . ALA A 1 110 ? -18.632 -5.904  7.463   1.00 27.69 ? 110 ALA A N   1 
ATOM   807  C CA  . ALA A 1 110 ? -18.466 -6.619  6.193   1.00 31.05 ? 110 ALA A CA  1 
ATOM   808  C C   . ALA A 1 110 ? -17.150 -7.404  6.145   1.00 32.51 ? 110 ALA A C   1 
ATOM   809  O O   . ALA A 1 110 ? -16.079 -6.841  6.360   1.00 32.08 ? 110 ALA A O   1 
ATOM   810  C CB  . ALA A 1 110 ? -18.554 -5.655  5.018   1.00 26.87 ? 110 ALA A CB  1 
ATOM   811  N N   . ALA A 1 111 ? -17.230 -8.698  5.851   1.00 35.23 ? 111 ALA A N   1 
ATOM   812  C CA  . ALA A 1 111 ? -16.045 -9.552  5.890   1.00 34.25 ? 111 ALA A CA  1 
ATOM   813  C C   . ALA A 1 111 ? -15.624 -10.071 4.520   1.00 27.20 ? 111 ALA A C   1 
ATOM   814  O O   . ALA A 1 111 ? -16.318 -9.855  3.525   1.00 35.10 ? 111 ALA A O   1 
ATOM   815  C CB  . ALA A 1 111 ? -16.249 -10.708 6.862   1.00 26.81 ? 111 ALA A CB  1 
ATOM   816  N N   . ASP B 1 3   ? 11.499  -15.570 -20.126 1.00 39.92 ? 3   ASP B N   1 
ATOM   817  C CA  . ASP B 1 3   ? 12.557  -14.774 -20.718 1.00 37.59 ? 3   ASP B CA  1 
ATOM   818  C C   . ASP B 1 3   ? 12.138  -13.310 -20.829 1.00 38.84 ? 3   ASP B C   1 
ATOM   819  O O   . ASP B 1 3   ? 12.941  -12.446 -21.187 1.00 41.96 ? 3   ASP B O   1 
ATOM   820  C CB  . ASP B 1 3   ? 12.951  -15.322 -22.087 1.00 42.76 ? 3   ASP B CB  1 
ATOM   821  N N   . LYS B 1 4   ? 10.883  -13.028 -20.492 1.00 31.77 ? 4   LYS B N   1 
ATOM   822  C CA  . LYS B 1 4   ? 10.315  -11.689 -20.659 1.00 36.26 ? 4   LYS B CA  1 
ATOM   823  C C   . LYS B 1 4   ? 10.448  -10.840 -19.396 1.00 31.99 ? 4   LYS B C   1 
ATOM   824  O O   . LYS B 1 4   ? 10.220  -9.634  -19.429 1.00 33.20 ? 4   LYS B O   1 
ATOM   825  C CB  . LYS B 1 4   ? 8.836   -11.769 -21.081 1.00 32.12 ? 4   LYS B CB  1 
ATOM   826  C CG  . LYS B 1 4   ? 8.599   -12.593 -22.346 1.00 37.66 ? 4   LYS B CG  1 
ATOM   827  C CD  . LYS B 1 4   ? 7.121   -12.714 -22.678 1.00 45.32 ? 4   LYS B CD  1 
ATOM   828  C CE  . LYS B 1 4   ? 6.924   -13.495 -23.975 1.00 45.40 ? 4   LYS B CE  1 
ATOM   829  N NZ  . LYS B 1 4   ? 5.492   -13.569 -24.382 1.00 44.28 ? 4   LYS B NZ  1 
ATOM   830  N N   . ILE B 1 5   ? 10.821  -11.470 -18.287 1.00 35.60 ? 5   ILE B N   1 
ATOM   831  C CA  . ILE B 1 5   ? 10.944  -10.762 -17.015 1.00 31.77 ? 5   ILE B CA  1 
ATOM   832  C C   . ILE B 1 5   ? 12.248  -9.971  -16.926 1.00 33.17 ? 5   ILE B C   1 
ATOM   833  O O   . ILE B 1 5   ? 13.327  -10.518 -17.131 1.00 34.30 ? 5   ILE B O   1 
ATOM   834  C CB  . ILE B 1 5   ? 10.803  -11.731 -15.826 1.00 31.44 ? 5   ILE B CB  1 
ATOM   835  C CG1 . ILE B 1 5   ? 9.405   -12.363 -15.837 1.00 32.26 ? 5   ILE B CG1 1 
ATOM   836  C CG2 . ILE B 1 5   ? 11.054  -11.009 -14.521 1.00 28.25 ? 5   ILE B CG2 1 
ATOM   837  C CD1 . ILE B 1 5   ? 9.159   -13.369 -14.726 1.00 37.81 ? 5   ILE B CD1 1 
ATOM   838  N N   . ILE B 1 6   ? 12.140  -8.676  -16.639 1.00 30.88 ? 6   ILE B N   1 
ATOM   839  C CA  . ILE B 1 6   ? 13.310  -7.811  -16.581 1.00 28.08 ? 6   ILE B CA  1 
ATOM   840  C C   . ILE B 1 6   ? 13.999  -7.851  -15.215 1.00 33.52 ? 6   ILE B C   1 
ATOM   841  O O   . ILE B 1 6   ? 13.364  -7.673  -14.173 1.00 27.03 ? 6   ILE B O   1 
ATOM   842  C CB  . ILE B 1 6   ? 12.957  -6.355  -16.927 1.00 33.07 ? 6   ILE B CB  1 
ATOM   843  C CG1 . ILE B 1 6   ? 12.100  -6.301  -18.194 1.00 38.22 ? 6   ILE B CG1 1 
ATOM   844  C CG2 . ILE B 1 6   ? 14.220  -5.543  -17.133 1.00 36.05 ? 6   ILE B CG2 1 
ATOM   845  C CD1 . ILE B 1 6   ? 11.610  -4.923  -18.524 1.00 36.92 ? 6   ILE B CD1 1 
ATOM   846  N N   . HIS B 1 7   ? 15.307  -8.080  -15.227 1.00 27.65 ? 7   HIS B N   1 
ATOM   847  C CA  . HIS B 1 7   ? 16.069  -8.107  -13.989 1.00 32.76 ? 7   HIS B CA  1 
ATOM   848  C C   . HIS B 1 7   ? 16.660  -6.728  -13.681 1.00 28.95 ? 7   HIS B C   1 
ATOM   849  O O   . HIS B 1 7   ? 17.316  -6.107  -14.524 1.00 33.08 ? 7   HIS B O   1 
ATOM   850  C CB  . HIS B 1 7   ? 17.135  -9.210  -14.037 1.00 29.06 ? 7   HIS B CB  1 
ATOM   851  N N   . LEU B 1 8   ? 16.394  -6.243  -12.474 1.00 23.82 ? 8   LEU B N   1 
ATOM   852  C CA  . LEU B 1 8   ? 16.782  -4.894  -12.079 1.00 21.84 ? 8   LEU B CA  1 
ATOM   853  C C   . LEU B 1 8   ? 17.929  -4.879  -11.064 1.00 29.52 ? 8   LEU B C   1 
ATOM   854  O O   . LEU B 1 8   ? 18.196  -5.876  -10.385 1.00 28.61 ? 8   LEU B O   1 
ATOM   855  C CB  . LEU B 1 8   ? 15.573  -4.155  -11.489 1.00 28.58 ? 8   LEU B CB  1 
ATOM   856  C CG  . LEU B 1 8   ? 14.245  -4.122  -12.257 1.00 21.61 ? 8   LEU B CG  1 
ATOM   857  C CD1 . LEU B 1 8   ? 13.107  -3.691  -11.339 1.00 20.06 ? 8   LEU B CD1 1 
ATOM   858  C CD2 . LEU B 1 8   ? 14.344  -3.218  -13.479 1.00 23.48 ? 8   LEU B CD2 1 
ATOM   859  N N   . THR B 1 9   ? 18.604  -3.739  -10.971 1.00 24.85 ? 9   THR B N   1 
ATOM   860  C CA  . THR B 1 9   ? 19.599  -3.501  -9.930  1.00 29.22 ? 9   THR B CA  1 
ATOM   861  C C   . THR B 1 9   ? 19.380  -2.089  -9.451  1.00 27.37 ? 9   THR B C   1 
ATOM   862  O O   . THR B 1 9   ? 18.699  -1.308  -10.115 1.00 28.07 ? 9   THR B O   1 
ATOM   863  C CB  . THR B 1 9   ? 21.046  -3.602  -10.453 1.00 35.06 ? 9   THR B CB  1 
ATOM   864  O OG1 . THR B 1 9   ? 21.220  -2.715  -11.570 1.00 30.38 ? 9   THR B OG1 1 
ATOM   865  C CG2 . THR B 1 9   ? 21.386  -5.025  -10.856 1.00 31.80 ? 9   THR B CG2 1 
ATOM   866  N N   . ASP B 1 10  ? 19.944  -1.744  -8.305  1.00 24.67 ? 10  ASP B N   1 
ATOM   867  C CA  . ASP B 1 10  ? 19.722  -0.407  -7.781  1.00 28.04 ? 10  ASP B CA  1 
ATOM   868  C C   . ASP B 1 10  ? 20.026  0.685   -8.809  1.00 30.02 ? 10  ASP B C   1 
ATOM   869  O O   . ASP B 1 10  ? 19.281  1.661   -8.914  1.00 29.38 ? 10  ASP B O   1 
ATOM   870  C CB  . ASP B 1 10  ? 20.523  -0.174  -6.508  1.00 24.08 ? 10  ASP B CB  1 
ATOM   871  C CG  . ASP B 1 10  ? 19.806  -0.662  -5.273  1.00 27.64 ? 10  ASP B CG  1 
ATOM   872  O OD1 . ASP B 1 10  ? 20.500  -0.965  -4.287  1.00 26.93 ? 10  ASP B OD1 1 
ATOM   873  O OD2 . ASP B 1 10  ? 18.555  -0.739  -5.279  1.00 29.04 ? 10  ASP B OD2 1 
ATOM   874  N N   . ASP B 1 11  ? 21.103  0.521   -9.572  1.00 29.40 ? 11  ASP B N   1 
ATOM   875  C CA  . ASP B 1 11  ? 21.517  1.576   -10.500 1.00 33.07 ? 11  ASP B CA  1 
ATOM   876  C C   . ASP B 1 11  ? 20.837  1.533   -11.877 1.00 37.63 ? 11  ASP B C   1 
ATOM   877  O O   . ASP B 1 11  ? 20.958  2.477   -12.663 1.00 35.78 ? 11  ASP B O   1 
ATOM   878  C CB  . ASP B 1 11  ? 23.043  1.623   -10.641 1.00 33.49 ? 11  ASP B CB  1 
ATOM   879  C CG  . ASP B 1 11  ? 23.590  0.489   -11.462 1.00 32.06 ? 11  ASP B CG  1 
ATOM   880  O OD1 . ASP B 1 11  ? 23.586  -0.659  -10.967 1.00 34.68 ? 11  ASP B OD1 1 
ATOM   881  O OD2 . ASP B 1 11  ? 24.053  0.750   -12.598 1.00 38.84 ? 11  ASP B OD2 1 
ATOM   882  N N   . SER B 1 12  ? 20.109  0.456   -12.158 1.00 27.19 ? 12  SER B N   1 
ATOM   883  C CA  . SER B 1 12  ? 19.384  0.332   -13.418 1.00 27.88 ? 12  SER B CA  1 
ATOM   884  C C   . SER B 1 12  ? 17.949  0.772   -13.215 1.00 25.63 ? 12  SER B C   1 
ATOM   885  O O   . SER B 1 12  ? 17.231  1.043   -14.168 1.00 33.49 ? 12  SER B O   1 
ATOM   886  C CB  . SER B 1 12  ? 19.374  -1.113  -13.898 1.00 32.06 ? 12  SER B CB  1 
ATOM   887  O OG  . SER B 1 12  ? 18.223  -1.777  -13.407 1.00 32.98 ? 12  SER B OG  1 
ATOM   888  N N   . PHE B 1 13  ? 17.534  0.834   -11.958 1.00 26.86 ? 13  PHE B N   1 
ATOM   889  C CA  . PHE B 1 13  ? 16.134  1.030   -11.642 1.00 28.11 ? 13  PHE B CA  1 
ATOM   890  C C   . PHE B 1 13  ? 15.579  2.264   -12.316 1.00 32.27 ? 13  PHE B C   1 
ATOM   891  O O   . PHE B 1 13  ? 14.493  2.239   -12.903 1.00 33.27 ? 13  PHE B O   1 
ATOM   892  C CB  . PHE B 1 13  ? 15.931  1.144   -10.134 1.00 31.74 ? 13  PHE B CB  1 
ATOM   893  C CG  . PHE B 1 13  ? 14.513  0.968   -9.719  1.00 24.66 ? 13  PHE B CG  1 
ATOM   894  C CD1 . PHE B 1 13  ? 13.961  -0.299  -9.644  1.00 26.34 ? 13  PHE B CD1 1 
ATOM   895  C CD2 . PHE B 1 13  ? 13.717  2.064   -9.432  1.00 31.73 ? 13  PHE B CD2 1 
ATOM   896  C CE1 . PHE B 1 13  ? 12.650  -0.467  -9.275  1.00 28.51 ? 13  PHE B CE1 1 
ATOM   897  C CE2 . PHE B 1 13  ? 12.399  1.898   -9.060  1.00 28.37 ? 13  PHE B CE2 1 
ATOM   898  C CZ  . PHE B 1 13  ? 11.868  0.632   -8.981  1.00 30.59 ? 13  PHE B CZ  1 
ATOM   899  N N   . ASP B 1 14  ? 16.339  3.345   -12.227 1.00 29.38 ? 14  ASP B N   1 
ATOM   900  C CA  . ASP B 1 14  ? 15.884  4.650   -12.664 1.00 33.90 ? 14  ASP B CA  1 
ATOM   901  C C   . ASP B 1 14  ? 15.597  4.700   -14.160 1.00 34.33 ? 14  ASP B C   1 
ATOM   902  O O   . ASP B 1 14  ? 14.738  5.458   -14.598 1.00 39.69 ? 14  ASP B O   1 
ATOM   903  C CB  . ASP B 1 14  ? 16.913  5.713   -12.275 1.00 36.48 ? 14  ASP B CB  1 
ATOM   904  C CG  . ASP B 1 14  ? 17.113  5.813   -10.766 1.00 49.22 ? 14  ASP B CG  1 
ATOM   905  O OD1 . ASP B 1 14  ? 18.284  5.896   -10.308 1.00 52.24 ? 14  ASP B OD1 1 
ATOM   906  O OD2 . ASP B 1 14  ? 16.098  5.811   -10.036 1.00 50.61 ? 14  ASP B OD2 1 
ATOM   907  N N   . THR B 1 15  ? 16.309  3.903   -14.951 1.00 28.94 ? 15  THR B N   1 
ATOM   908  C CA  . THR B 1 15  ? 16.077  3.935   -16.392 1.00 33.53 ? 15  THR B CA  1 
ATOM   909  C C   . THR B 1 15  ? 15.193  2.780   -16.873 1.00 33.50 ? 15  THR B C   1 
ATOM   910  O O   . THR B 1 15  ? 14.371  2.955   -17.780 1.00 34.30 ? 15  THR B O   1 
ATOM   911  C CB  . THR B 1 15  ? 17.395  4.087   -17.218 1.00 37.17 ? 15  THR B CB  1 
ATOM   912  O OG1 . THR B 1 15  ? 18.403  3.206   -16.713 1.00 35.54 ? 15  THR B OG1 1 
ATOM   913  C CG2 . THR B 1 15  ? 17.910  5.523   -17.127 1.00 38.48 ? 15  THR B CG2 1 
ATOM   914  N N   . ASP B 1 16  ? 15.320  1.622   -16.231 1.00 31.49 ? 16  ASP B N   1 
ATOM   915  C CA  . ASP B 1 16  ? 14.443  0.489   -16.525 1.00 29.36 ? 16  ASP B CA  1 
ATOM   916  C C   . ASP B 1 16  ? 12.992  0.717   -16.080 1.00 30.38 ? 16  ASP B C   1 
ATOM   917  O O   . ASP B 1 16  ? 12.072  0.092   -16.608 1.00 31.10 ? 16  ASP B O   1 
ATOM   918  C CB  . ASP B 1 16  ? 14.981  -0.797  -15.886 1.00 32.81 ? 16  ASP B CB  1 
ATOM   919  C CG  . ASP B 1 16  ? 16.184  -1.357  -16.619 1.00 34.39 ? 16  ASP B CG  1 
ATOM   920  O OD1 . ASP B 1 16  ? 16.258  -1.177  -17.847 1.00 32.40 ? 16  ASP B OD1 1 
ATOM   921  O OD2 . ASP B 1 16  ? 17.053  -1.979  -15.973 1.00 33.19 ? 16  ASP B OD2 1 
ATOM   922  N N   . VAL B 1 17  ? 12.779  1.606   -15.112 1.00 27.03 ? 17  VAL B N   1 
ATOM   923  C CA  . VAL B 1 17  ? 11.443  1.753   -14.548 1.00 32.74 ? 17  VAL B CA  1 
ATOM   924  C C   . VAL B 1 17  ? 10.892  3.178   -14.519 1.00 28.40 ? 17  VAL B C   1 
ATOM   925  O O   . VAL B 1 17  ? 9.762   3.413   -14.924 1.00 36.65 ? 17  VAL B O   1 
ATOM   926  C CB  . VAL B 1 17  ? 11.373  1.154   -13.130 1.00 32.59 ? 17  VAL B CB  1 
ATOM   927  C CG1 . VAL B 1 17  ? 9.938   1.184   -12.612 1.00 31.22 ? 17  VAL B CG1 1 
ATOM   928  C CG2 . VAL B 1 17  ? 11.933  -0.261  -13.134 1.00 29.47 ? 17  VAL B CG2 1 
ATOM   929  N N   . LEU B 1 18  ? 11.674  4.124   -14.025 1.00 31.00 ? 18  LEU B N   1 
ATOM   930  C CA  . LEU B 1 18  ? 11.201  5.501   -13.954 1.00 36.38 ? 18  LEU B CA  1 
ATOM   931  C C   . LEU B 1 18  ? 11.163  6.158   -15.335 1.00 36.13 ? 18  LEU B C   1 
ATOM   932  O O   . LEU B 1 18  ? 10.270  6.950   -15.631 1.00 36.56 ? 18  LEU B O   1 
ATOM   933  C CB  . LEU B 1 18  ? 12.063  6.311   -12.984 1.00 37.72 ? 18  LEU B CB  1 
ATOM   934  C CG  . LEU B 1 18  ? 12.170  5.683   -11.588 1.00 39.60 ? 18  LEU B CG  1 
ATOM   935  C CD1 . LEU B 1 18  ? 12.870  6.617   -10.608 1.00 36.51 ? 18  LEU B CD1 1 
ATOM   936  C CD2 . LEU B 1 18  ? 10.791  5.314   -11.079 1.00 26.36 ? 18  LEU B CD2 1 
ATOM   937  N N   . LYS B 1 19  ? 12.132  5.817   -16.177 1.00 30.30 ? 19  LYS B N   1 
ATOM   938  C CA  . LYS B 1 19  ? 12.222  6.402   -17.513 1.00 35.99 ? 19  LYS B CA  1 
ATOM   939  C C   . LYS B 1 19  ? 11.524  5.535   -18.556 1.00 36.20 ? 19  LYS B C   1 
ATOM   940  O O   . LYS B 1 19  ? 11.676  5.753   -19.757 1.00 46.60 ? 19  LYS B O   1 
ATOM   941  C CB  . LYS B 1 19  ? 13.682  6.612   -17.899 1.00 34.12 ? 19  LYS B CB  1 
ATOM   942  N N   . ALA B 1 20  ? 10.766  4.548   -18.097 1.00 32.93 ? 20  ALA B N   1 
ATOM   943  C CA  . ALA B 1 20  ? 10.156  3.589   -19.008 1.00 33.48 ? 20  ALA B CA  1 
ATOM   944  C C   . ALA B 1 20  ? 8.717   3.951   -19.304 1.00 31.78 ? 20  ALA B C   1 
ATOM   945  O O   . ALA B 1 20  ? 8.074   4.660   -18.527 1.00 32.84 ? 20  ALA B O   1 
ATOM   946  C CB  . ALA B 1 20  ? 10.247  2.182   -18.445 1.00 30.34 ? 20  ALA B CB  1 
ATOM   947  N N   . ASP B 1 21  ? 8.215   3.451   -20.429 1.00 38.47 ? 21  ASP B N   1 
ATOM   948  C CA  . ASP B 1 21  ? 6.851   3.735   -20.863 1.00 36.93 ? 21  ASP B CA  1 
ATOM   949  C C   . ASP B 1 21  ? 5.916   2.582   -20.522 1.00 35.84 ? 21  ASP B C   1 
ATOM   950  O O   . ASP B 1 21  ? 6.360   1.453   -20.332 1.00 35.94 ? 21  ASP B O   1 
ATOM   951  C CB  . ASP B 1 21  ? 6.827   3.989   -22.350 1.00 31.50 ? 21  ASP B CB  1 
ATOM   952  N N   . GLY B 1 22  ? 4.618   2.860   -20.470 1.00 42.85 ? 22  GLY B N   1 
ATOM   953  C CA  . GLY B 1 22  ? 3.641   1.820   -20.200 1.00 31.50 ? 22  GLY B CA  1 
ATOM   954  C C   . GLY B 1 22  ? 3.644   1.427   -18.736 1.00 35.74 ? 22  GLY B C   1 
ATOM   955  O O   . GLY B 1 22  ? 3.939   2.253   -17.865 1.00 37.89 ? 22  GLY B O   1 
ATOM   956  N N   . ALA B 1 23  ? 3.317   0.165   -18.466 1.00 30.37 ? 23  ALA B N   1 
ATOM   957  C CA  . ALA B 1 23  ? 3.213   -0.326  -17.097 1.00 33.07 ? 23  ALA B CA  1 
ATOM   958  C C   . ALA B 1 23  ? 4.320   -1.323  -16.778 1.00 31.73 ? 23  ALA B C   1 
ATOM   959  O O   . ALA B 1 23  ? 4.639   -2.179  -17.591 1.00 34.19 ? 23  ALA B O   1 
ATOM   960  C CB  . ALA B 1 23  ? 1.838   -0.965  -16.868 1.00 29.28 ? 23  ALA B CB  1 
ATOM   961  N N   . ILE B 1 24  ? 4.903   -1.204  -15.591 1.00 31.45 ? 24  ILE B N   1 
ATOM   962  C CA  . ILE B 1 24  ? 5.885   -2.174  -15.119 1.00 30.85 ? 24  ILE B CA  1 
ATOM   963  C C   . ILE B 1 24  ? 5.462   -2.718  -13.753 1.00 25.59 ? 24  ILE B C   1 
ATOM   964  O O   . ILE B 1 24  ? 5.199   -1.943  -12.843 1.00 23.25 ? 24  ILE B O   1 
ATOM   965  C CB  . ILE B 1 24  ? 7.292   -1.547  -14.971 1.00 30.64 ? 24  ILE B CB  1 
ATOM   966  C CG1 . ILE B 1 24  ? 7.815   -1.027  -16.312 1.00 32.76 ? 24  ILE B CG1 1 
ATOM   967  C CG2 . ILE B 1 24  ? 8.267   -2.557  -14.377 1.00 26.91 ? 24  ILE B CG2 1 
ATOM   968  C CD1 . ILE B 1 24  ? 7.652   0.467   -16.509 1.00 36.49 ? 24  ILE B CD1 1 
ATOM   969  N N   . LEU B 1 25  ? 5.376   -4.037  -13.604 1.00 24.08 ? 25  LEU B N   1 
ATOM   970  C CA  . LEU B 1 25  ? 5.126   -4.597  -12.280 1.00 21.47 ? 25  LEU B CA  1 
ATOM   971  C C   . LEU B 1 25  ? 6.442   -5.047  -11.643 1.00 23.51 ? 25  LEU B C   1 
ATOM   972  O O   . LEU B 1 25  ? 7.036   -6.030  -12.080 1.00 23.57 ? 25  LEU B O   1 
ATOM   973  C CB  . LEU B 1 25  ? 4.143   -5.768  -12.351 1.00 26.68 ? 25  LEU B CB  1 
ATOM   974  C CG  . LEU B 1 25  ? 3.729   -6.339  -10.991 1.00 21.02 ? 25  LEU B CG  1 
ATOM   975  C CD1 . LEU B 1 25  ? 2.646   -5.490  -10.344 1.00 21.19 ? 25  LEU B CD1 1 
ATOM   976  C CD2 . LEU B 1 25  ? 3.274   -7.783  -11.112 1.00 23.41 ? 25  LEU B CD2 1 
ATOM   977  N N   . VAL B 1 26  ? 6.891   -4.337  -10.612 1.00 24.58 ? 26  VAL B N   1 
ATOM   978  C CA  . VAL B 1 26  ? 8.149   -4.681  -9.946  1.00 25.11 ? 26  VAL B CA  1 
ATOM   979  C C   . VAL B 1 26  ? 7.952   -5.522  -8.700  1.00 21.42 ? 26  VAL B C   1 
ATOM   980  O O   . VAL B 1 26  ? 7.285   -5.107  -7.754  1.00 23.35 ? 26  VAL B O   1 
ATOM   981  C CB  . VAL B 1 26  ? 8.967   -3.434  -9.554  1.00 25.58 ? 26  VAL B CB  1 
ATOM   982  C CG1 . VAL B 1 26  ? 10.244  -3.853  -8.824  1.00 21.88 ? 26  VAL B CG1 1 
ATOM   983  C CG2 . VAL B 1 26  ? 9.294   -2.615  -10.777 1.00 21.36 ? 26  VAL B CG2 1 
ATOM   984  N N   . ASP B 1 27  ? 8.567   -6.696  -8.707  1.00 21.92 ? 27  ASP B N   1 
ATOM   985  C CA  . ASP B 1 27  ? 8.501   -7.633  -7.598  1.00 25.98 ? 27  ASP B CA  1 
ATOM   986  C C   . ASP B 1 27  ? 9.788   -7.559  -6.775  1.00 23.14 ? 27  ASP B C   1 
ATOM   987  O O   . ASP B 1 27  ? 10.853  -7.988  -7.230  1.00 22.77 ? 27  ASP B O   1 
ATOM   988  C CB  . ASP B 1 27  ? 8.263   -9.051  -8.141  1.00 18.53 ? 27  ASP B CB  1 
ATOM   989  C CG  . ASP B 1 27  ? 8.697   -10.140 -7.178  1.00 22.39 ? 27  ASP B CG  1 
ATOM   990  O OD1 . ASP B 1 27  ? 9.333   -11.112 -7.639  1.00 18.34 ? 27  ASP B OD1 1 
ATOM   991  O OD2 . ASP B 1 27  ? 8.411   -10.028 -5.971  1.00 24.10 ? 27  ASP B OD2 1 
ATOM   992  N N   . PHE B 1 28  ? 9.684   -6.999  -5.571  1.00 21.11 ? 28  PHE B N   1 
ATOM   993  C CA  . PHE B 1 28  ? 10.801  -6.951  -4.632  1.00 18.42 ? 28  PHE B CA  1 
ATOM   994  C C   . PHE B 1 28  ? 10.868  -8.264  -3.865  1.00 19.03 ? 28  PHE B C   1 
ATOM   995  O O   . PHE B 1 28  ? 9.943   -8.602  -3.140  1.00 19.74 ? 28  PHE B O   1 
ATOM   996  C CB  . PHE B 1 28  ? 10.618  -5.805  -3.636  1.00 20.12 ? 28  PHE B CB  1 
ATOM   997  C CG  . PHE B 1 28  ? 10.675  -4.455  -4.252  1.00 19.66 ? 28  PHE B CG  1 
ATOM   998  C CD1 . PHE B 1 28  ? 11.833  -3.702  -4.184  1.00 24.30 ? 28  PHE B CD1 1 
ATOM   999  C CD2 . PHE B 1 28  ? 9.566   -3.922  -4.896  1.00 21.10 ? 28  PHE B CD2 1 
ATOM   1000 C CE1 . PHE B 1 28  ? 11.888  -2.446  -4.751  1.00 23.52 ? 28  PHE B CE1 1 
ATOM   1001 C CE2 . PHE B 1 28  ? 9.609   -2.677  -5.464  1.00 22.66 ? 28  PHE B CE2 1 
ATOM   1002 C CZ  . PHE B 1 28  ? 10.778  -1.931  -5.396  1.00 28.72 ? 28  PHE B CZ  1 
ATOM   1003 N N   . TRP B 1 29  ? 11.964  -9.002  -4.010  1.00 18.63 ? 29  TRP B N   1 
ATOM   1004 C CA  . TRP B 1 29  ? 12.007  -10.359 -3.496  1.00 17.11 ? 29  TRP B CA  1 
ATOM   1005 C C   . TRP B 1 29  ? 13.311  -10.734 -2.785  1.00 21.78 ? 29  TRP B C   1 
ATOM   1006 O O   . TRP B 1 29  ? 14.249  -9.942  -2.709  1.00 25.80 ? 29  TRP B O   1 
ATOM   1007 C CB  . TRP B 1 29  ? 11.717  -11.345 -4.633  1.00 19.79 ? 29  TRP B CB  1 
ATOM   1008 C CG  . TRP B 1 29  ? 12.861  -11.511 -5.585  1.00 21.72 ? 29  TRP B CG  1 
ATOM   1009 C CD1 . TRP B 1 29  ? 13.225  -10.662 -6.586  1.00 25.14 ? 29  TRP B CD1 1 
ATOM   1010 C CD2 . TRP B 1 29  ? 13.791  -12.595 -5.624  1.00 22.53 ? 29  TRP B CD2 1 
ATOM   1011 N NE1 . TRP B 1 29  ? 14.326  -11.147 -7.245  1.00 21.25 ? 29  TRP B NE1 1 
ATOM   1012 C CE2 . TRP B 1 29  ? 14.690  -12.338 -6.675  1.00 24.15 ? 29  TRP B CE2 1 
ATOM   1013 C CE3 . TRP B 1 29  ? 13.948  -13.765 -4.875  1.00 23.22 ? 29  TRP B CE3 1 
ATOM   1014 C CZ2 . TRP B 1 29  ? 15.732  -13.201 -6.995  1.00 21.07 ? 29  TRP B CZ2 1 
ATOM   1015 C CZ3 . TRP B 1 29  ? 14.982  -14.620 -5.195  1.00 23.58 ? 29  TRP B CZ3 1 
ATOM   1016 C CH2 . TRP B 1 29  ? 15.863  -14.329 -6.246  1.00 23.93 ? 29  TRP B CH2 1 
ATOM   1017 N N   . ALA B 1 30  ? 13.351  -11.957 -2.268  1.00 19.26 ? 30  ALA B N   1 
ATOM   1018 C CA  . ALA B 1 30  ? 14.512  -12.498 -1.576  1.00 22.50 ? 30  ALA B CA  1 
ATOM   1019 C C   . ALA B 1 30  ? 14.360  -14.019 -1.618  1.00 23.80 ? 30  ALA B C   1 
ATOM   1020 O O   . ALA B 1 30  ? 13.238  -14.517 -1.652  1.00 20.53 ? 30  ALA B O   1 
ATOM   1021 C CB  . ALA B 1 30  ? 14.561  -12.003 -0.145  1.00 24.21 ? 30  ALA B CB  1 
ATOM   1022 N N   . GLU B 1 31  ? 15.480  -14.740 -1.638  1.00 24.29 ? 31  GLU B N   1 
ATOM   1023 C CA  . GLU B 1 31  ? 15.458  -16.195 -1.800  1.00 27.12 ? 31  GLU B CA  1 
ATOM   1024 C C   . GLU B 1 31  ? 14.930  -16.926 -0.569  1.00 28.59 ? 31  GLU B C   1 
ATOM   1025 O O   . GLU B 1 31  ? 14.307  -17.986 -0.677  1.00 33.12 ? 31  GLU B O   1 
ATOM   1026 C CB  . GLU B 1 31  ? 16.857  -16.721 -2.133  1.00 30.71 ? 31  GLU B CB  1 
ATOM   1027 C CG  . GLU B 1 31  ? 16.863  -18.161 -2.633  1.00 25.15 ? 31  GLU B CG  1 
ATOM   1028 C CD  . GLU B 1 31  ? 16.114  -18.318 -3.939  1.00 30.89 ? 31  GLU B CD  1 
ATOM   1029 O OE1 . GLU B 1 31  ? 15.126  -19.092 -3.976  1.00 34.86 ? 31  GLU B OE1 1 
ATOM   1030 O OE2 . GLU B 1 31  ? 16.502  -17.655 -4.928  1.00 33.01 ? 31  GLU B OE2 1 
ATOM   1031 N N   . TRP B 1 32  ? 15.201  -16.374 0.605   1.00 25.17 ? 32  TRP B N   1 
ATOM   1032 C CA  . TRP B 1 32  ? 14.706  -16.967 1.832   1.00 24.34 ? 32  TRP B CA  1 
ATOM   1033 C C   . TRP B 1 32  ? 13.237  -16.619 2.057   1.00 22.17 ? 32  TRP B C   1 
ATOM   1034 O O   . TRP B 1 32  ? 12.654  -17.029 3.056   1.00 24.47 ? 32  TRP B O   1 
ATOM   1035 C CB  . TRP B 1 32  ? 15.554  -16.501 3.017   1.00 28.01 ? 32  TRP B CB  1 
ATOM   1036 C CG  . TRP B 1 32  ? 15.759  -15.022 3.054   1.00 27.27 ? 32  TRP B CG  1 
ATOM   1037 C CD1 . TRP B 1 32  ? 16.750  -14.304 2.427   1.00 25.31 ? 32  TRP B CD1 1 
ATOM   1038 C CD2 . TRP B 1 32  ? 14.954  -14.067 3.750   1.00 28.05 ? 32  TRP B CD2 1 
ATOM   1039 N NE1 . TRP B 1 32  ? 16.604  -12.969 2.700   1.00 23.32 ? 32  TRP B NE1 1 
ATOM   1040 C CE2 . TRP B 1 32  ? 15.509  -12.795 3.510   1.00 25.20 ? 32  TRP B CE2 1 
ATOM   1041 C CE3 . TRP B 1 32  ? 13.810  -14.164 4.553   1.00 29.15 ? 32  TRP B CE3 1 
ATOM   1042 C CZ2 . TRP B 1 32  ? 14.964  -11.631 4.042   1.00 24.63 ? 32  TRP B CZ2 1 
ATOM   1043 C CZ3 . TRP B 1 32  ? 13.276  -13.011 5.088   1.00 29.46 ? 32  TRP B CZ3 1 
ATOM   1044 C CH2 . TRP B 1 32  ? 13.851  -11.757 4.827   1.00 28.21 ? 32  TRP B CH2 1 
ATOM   1045 N N   . CYS B 1 33  ? 12.642  -15.876 1.123   1.00 19.18 ? 33  CYS B N   1 
ATOM   1046 C CA  . CYS B 1 33  ? 11.245  -15.437 1.252   1.00 24.42 ? 33  CYS B CA  1 
ATOM   1047 C C   . CYS B 1 33  ? 10.262  -16.452 0.642   1.00 21.28 ? 33  CYS B C   1 
ATOM   1048 O O   . CYS B 1 33  ? 10.168  -16.579 -0.576  1.00 22.21 ? 33  CYS B O   1 
ATOM   1049 C CB  . CYS B 1 33  ? 11.064  -14.028 0.648   1.00 16.18 ? 33  CYS B CB  1 
ATOM   1050 S SG  . CYS B 1 33  ? 9.398   -13.610 -0.018  1.00 23.34 ? 33  CYS B SG  1 
ATOM   1051 N N   . GLY B 1 34  ? 9.538   -17.168 1.506   1.00 20.46 ? 34  GLY B N   1 
ATOM   1052 C CA  . GLY B 1 34  ? 8.633   -18.230 1.085   1.00 18.28 ? 34  GLY B CA  1 
ATOM   1053 C C   . GLY B 1 34  ? 7.617   -17.873 0.005   1.00 19.91 ? 34  GLY B C   1 
ATOM   1054 O O   . GLY B 1 34  ? 7.599   -18.494 -1.060  1.00 23.00 ? 34  GLY B O   1 
ATOM   1055 N N   . PRO B 1 35  ? 6.738   -16.899 0.285   1.00 16.98 ? 35  PRO B N   1 
ATOM   1056 C CA  . PRO B 1 35  ? 5.731   -16.487 -0.701  1.00 23.37 ? 35  PRO B CA  1 
ATOM   1057 C C   . PRO B 1 35  ? 6.353   -15.999 -2.011  1.00 24.03 ? 35  PRO B C   1 
ATOM   1058 O O   . PRO B 1 35  ? 5.698   -16.083 -3.051  1.00 24.23 ? 35  PRO B O   1 
ATOM   1059 C CB  . PRO B 1 35  ? 4.988   -15.352 0.004   1.00 17.35 ? 35  PRO B CB  1 
ATOM   1060 C CG  . PRO B 1 35  ? 5.171   -15.642 1.467   1.00 20.82 ? 35  PRO B CG  1 
ATOM   1061 C CD  . PRO B 1 35  ? 6.531   -16.259 1.594   1.00 17.15 ? 35  PRO B CD  1 
ATOM   1062 N N   . CYS B 1 36  ? 7.594   -15.525 -1.954  1.00 18.25 ? 36  CYS B N   1 
ATOM   1063 C CA  . CYS B 1 36  ? 8.294   -15.082 -3.158  1.00 25.30 ? 36  CYS B CA  1 
ATOM   1064 C C   . CYS B 1 36  ? 8.482   -16.244 -4.123  1.00 29.03 ? 36  CYS B C   1 
ATOM   1065 O O   . CYS B 1 36  ? 8.244   -16.111 -5.331  1.00 25.44 ? 36  CYS B O   1 
ATOM   1066 C CB  . CYS B 1 36  ? 9.657   -14.456 -2.818  1.00 20.19 ? 36  CYS B CB  1 
ATOM   1067 S SG  . CYS B 1 36  ? 9.611   -12.896 -1.913  1.00 21.90 ? 36  CYS B SG  1 
ATOM   1068 N N   . LYS B 1 37  ? 8.904   -17.388 -3.584  1.00 27.27 ? 37  LYS B N   1 
ATOM   1069 C CA  . LYS B 1 37  ? 9.088   -18.574 -4.408  1.00 25.66 ? 37  LYS B CA  1 
ATOM   1070 C C   . LYS B 1 37  ? 7.756   -18.971 -5.049  1.00 26.03 ? 37  LYS B C   1 
ATOM   1071 O O   . LYS B 1 37  ? 7.667   -19.174 -6.268  1.00 19.73 ? 37  LYS B O   1 
ATOM   1072 C CB  . LYS B 1 37  ? 9.675   -19.719 -3.579  1.00 28.24 ? 37  LYS B CB  1 
ATOM   1073 C CG  . LYS B 1 37  ? 10.145  -20.904 -4.424  1.00 27.47 ? 37  LYS B CG  1 
ATOM   1074 C CD  . LYS B 1 37  ? 10.704  -22.014 -3.558  1.00 18.82 ? 37  LYS B CD  1 
ATOM   1075 C CE  . LYS B 1 37  ? 11.123  -23.235 -4.382  1.00 21.43 ? 37  LYS B CE  1 
ATOM   1076 N NZ  . LYS B 1 37  ? 11.799  -24.262 -3.512  1.00 19.35 ? 37  LYS B NZ  1 
ATOM   1077 N N   . MET B 1 38  ? 6.715   -19.039 -4.223  1.00 24.97 ? 38  MET B N   1 
ATOM   1078 C CA  . MET B 1 38  ? 5.370   -19.349 -4.685  1.00 24.06 ? 38  MET B CA  1 
ATOM   1079 C C   . MET B 1 38  ? 4.882   -18.422 -5.795  1.00 29.83 ? 38  MET B C   1 
ATOM   1080 O O   . MET B 1 38  ? 4.151   -18.846 -6.690  1.00 25.84 ? 38  MET B O   1 
ATOM   1081 C CB  . MET B 1 38  ? 4.386   -19.269 -3.515  1.00 24.89 ? 38  MET B CB  1 
ATOM   1082 C CG  . MET B 1 38  ? 4.651   -20.247 -2.397  1.00 25.58 ? 38  MET B CG  1 
ATOM   1083 S SD  . MET B 1 38  ? 3.964   -21.874 -2.754  1.00 30.83 ? 38  MET B SD  1 
ATOM   1084 C CE  . MET B 1 38  ? 4.699   -22.836 -1.437  1.00 23.72 ? 38  MET B CE  1 
ATOM   1085 N N   . ILE B 1 39  ? 5.263   -17.150 -5.733  1.00 22.78 ? 39  ILE B N   1 
ATOM   1086 C CA  . ILE B 1 39  ? 4.697   -16.180 -6.655  1.00 25.70 ? 39  ILE B CA  1 
ATOM   1087 C C   . ILE B 1 39  ? 5.470   -16.161 -7.978  1.00 27.07 ? 39  ILE B C   1 
ATOM   1088 O O   . ILE B 1 39  ? 4.959   -15.702 -9.003  1.00 29.63 ? 39  ILE B O   1 
ATOM   1089 C CB  . ILE B 1 39  ? 4.625   -14.767 -6.016  1.00 27.09 ? 39  ILE B CB  1 
ATOM   1090 C CG1 . ILE B 1 39  ? 3.311   -14.064 -6.385  1.00 35.03 ? 39  ILE B CG1 1 
ATOM   1091 C CG2 . ILE B 1 39  ? 5.869   -13.942 -6.349  1.00 22.46 ? 39  ILE B CG2 1 
ATOM   1092 C CD1 . ILE B 1 39  ? 2.760   -14.428 -7.751  1.00 27.37 ? 39  ILE B CD1 1 
ATOM   1093 N N   . ALA B 1 40  ? 6.691   -16.685 -7.958  1.00 25.61 ? 40  ALA B N   1 
ATOM   1094 C CA  . ALA B 1 40  ? 7.555   -16.663 -9.134  1.00 24.30 ? 40  ALA B CA  1 
ATOM   1095 C C   . ALA B 1 40  ? 6.942   -17.352 -10.355 1.00 26.35 ? 40  ALA B C   1 
ATOM   1096 O O   . ALA B 1 40  ? 6.884   -16.767 -11.427 1.00 25.05 ? 40  ALA B O   1 
ATOM   1097 C CB  . ALA B 1 40  ? 8.925   -17.248 -8.806  1.00 27.33 ? 40  ALA B CB  1 
ATOM   1098 N N   . PRO B 1 41  ? 6.484   -18.601 -10.197 1.00 29.70 ? 41  PRO B N   1 
ATOM   1099 C CA  . PRO B 1 41  ? 5.900   -19.328 -11.334 1.00 30.14 ? 41  PRO B CA  1 
ATOM   1100 C C   . PRO B 1 41  ? 4.631   -18.664 -11.819 1.00 30.29 ? 41  PRO B C   1 
ATOM   1101 O O   . PRO B 1 41  ? 4.289   -18.798 -12.990 1.00 32.88 ? 41  PRO B O   1 
ATOM   1102 C CB  . PRO B 1 41  ? 5.567   -20.699 -10.740 1.00 30.78 ? 41  PRO B CB  1 
ATOM   1103 C CG  . PRO B 1 41  ? 6.497   -20.846 -9.574  1.00 37.84 ? 41  PRO B CG  1 
ATOM   1104 C CD  . PRO B 1 41  ? 6.649   -19.464 -9.014  1.00 28.12 ? 41  PRO B CD  1 
ATOM   1105 N N   . ILE B 1 42  ? 3.933   -17.971 -10.920 1.00 26.77 ? 42  ILE B N   1 
ATOM   1106 C CA  . ILE B 1 42  ? 2.742   -17.218 -11.294 1.00 29.73 ? 42  ILE B CA  1 
ATOM   1107 C C   . ILE B 1 42  ? 3.116   -15.919 -12.016 1.00 29.88 ? 42  ILE B C   1 
ATOM   1108 O O   . ILE B 1 42  ? 2.453   -15.526 -12.976 1.00 29.53 ? 42  ILE B O   1 
ATOM   1109 C CB  . ILE B 1 42  ? 1.840   -16.910 -10.070 1.00 29.98 ? 42  ILE B CB  1 
ATOM   1110 C CG1 . ILE B 1 42  ? 1.159   -18.189 -9.573  1.00 32.68 ? 42  ILE B CG1 1 
ATOM   1111 C CG2 . ILE B 1 42  ? 0.800   -15.842 -10.422 1.00 31.47 ? 42  ILE B CG2 1 
ATOM   1112 C CD1 . ILE B 1 42  ? 0.804   -18.177 -8.093  1.00 25.40 ? 42  ILE B CD1 1 
ATOM   1113 N N   . LEU B 1 43  ? 4.177   -15.252 -11.569 1.00 26.31 ? 43  LEU B N   1 
ATOM   1114 C CA  . LEU B 1 43  ? 4.671   -14.088 -12.313 1.00 25.98 ? 43  LEU B CA  1 
ATOM   1115 C C   . LEU B 1 43  ? 5.159   -14.535 -13.689 1.00 27.34 ? 43  LEU B C   1 
ATOM   1116 O O   . LEU B 1 43  ? 5.070   -13.790 -14.663 1.00 33.43 ? 43  LEU B O   1 
ATOM   1117 C CB  . LEU B 1 43  ? 5.794   -13.362 -11.563 1.00 27.12 ? 43  LEU B CB  1 
ATOM   1118 C CG  . LEU B 1 43  ? 5.424   -12.719 -10.222 1.00 29.37 ? 43  LEU B CG  1 
ATOM   1119 C CD1 . LEU B 1 43  ? 6.654   -12.425 -9.360  1.00 24.91 ? 43  LEU B CD1 1 
ATOM   1120 C CD2 . LEU B 1 43  ? 4.601   -11.467 -10.456 1.00 25.06 ? 43  LEU B CD2 1 
ATOM   1121 N N   . ASP B 1 44  ? 5.687   -15.753 -13.754 1.00 29.58 ? 44  ASP B N   1 
ATOM   1122 C CA  . ASP B 1 44  ? 6.101   -16.343 -15.020 1.00 36.01 ? 44  ASP B CA  1 
ATOM   1123 C C   . ASP B 1 44  ? 4.930   -16.386 -15.998 1.00 39.12 ? 44  ASP B C   1 
ATOM   1124 O O   . ASP B 1 44  ? 5.101   -16.120 -17.193 1.00 39.37 ? 44  ASP B O   1 
ATOM   1125 C CB  . ASP B 1 44  ? 6.669   -17.753 -14.805 1.00 31.66 ? 44  ASP B CB  1 
ATOM   1126 C CG  . ASP B 1 44  ? 8.174   -17.754 -14.539 1.00 35.25 ? 44  ASP B CG  1 
ATOM   1127 O OD1 . ASP B 1 44  ? 8.741   -18.862 -14.404 1.00 43.09 ? 44  ASP B OD1 1 
ATOM   1128 O OD2 . ASP B 1 44  ? 8.797   -16.663 -14.477 1.00 30.06 ? 44  ASP B OD2 1 
ATOM   1129 N N   . GLU B 1 45  ? 3.744   -16.722 -15.489 1.00 31.45 ? 45  GLU B N   1 
ATOM   1130 C CA  . GLU B 1 45  ? 2.541   -16.788 -16.311 1.00 31.58 ? 45  GLU B CA  1 
ATOM   1131 C C   . GLU B 1 45  ? 1.976   -15.392 -16.634 1.00 45.31 ? 45  GLU B C   1 
ATOM   1132 O O   . GLU B 1 45  ? 1.599   -15.105 -17.783 1.00 41.38 ? 45  GLU B O   1 
ATOM   1133 C CB  . GLU B 1 45  ? 1.489   -17.679 -15.639 1.00 38.85 ? 45  GLU B CB  1 
ATOM   1134 C CG  . GLU B 1 45  ? 1.848   -19.179 -15.672 1.00 40.11 ? 45  GLU B CG  1 
ATOM   1135 C CD  . GLU B 1 45  ? 1.194   -19.992 -14.554 1.00 38.06 ? 45  GLU B CD  1 
ATOM   1136 O OE1 . GLU B 1 45  ? 0.157   -19.562 -14.011 1.00 40.25 ? 45  GLU B OE1 1 
ATOM   1137 O OE2 . GLU B 1 45  ? 1.722   -21.070 -14.212 1.00 41.43 ? 45  GLU B OE2 1 
ATOM   1138 N N   . ILE B 1 46  ? 1.924   -14.523 -15.627 1.00 33.34 ? 46  ILE B N   1 
ATOM   1139 C CA  . ILE B 1 46  ? 1.439   -13.169 -15.838 1.00 34.40 ? 46  ILE B CA  1 
ATOM   1140 C C   . ILE B 1 46  ? 2.252   -12.481 -16.924 1.00 34.70 ? 46  ILE B C   1 
ATOM   1141 O O   . ILE B 1 46  ? 1.710   -11.754 -17.758 1.00 32.50 ? 46  ILE B O   1 
ATOM   1142 C CB  . ILE B 1 46  ? 1.528   -12.323 -14.555 1.00 34.83 ? 46  ILE B CB  1 
ATOM   1143 C CG1 . ILE B 1 46  ? 0.518   -12.810 -13.505 1.00 39.40 ? 46  ILE B CG1 1 
ATOM   1144 C CG2 . ILE B 1 46  ? 1.317   -10.846 -14.877 1.00 29.14 ? 46  ILE B CG2 1 
ATOM   1145 C CD1 . ILE B 1 46  ? -0.890  -12.905 -14.002 1.00 29.61 ? 46  ILE B CD1 1 
ATOM   1146 N N   . ALA B 1 47  ? 3.558   -12.715 -16.910 1.00 32.72 ? 47  ALA B N   1 
ATOM   1147 C CA  . ALA B 1 47  ? 4.447   -12.024 -17.835 1.00 36.01 ? 47  ALA B CA  1 
ATOM   1148 C C   . ALA B 1 47  ? 4.166   -12.460 -19.266 1.00 35.85 ? 47  ALA B C   1 
ATOM   1149 O O   . ALA B 1 47  ? 4.422   -11.724 -20.222 1.00 37.43 ? 47  ALA B O   1 
ATOM   1150 C CB  . ALA B 1 47  ? 5.909   -12.269 -17.468 1.00 36.91 ? 47  ALA B CB  1 
ATOM   1151 N N   . ASP B 1 48  ? 3.636   -13.665 -19.406 1.00 37.57 ? 48  ASP B N   1 
ATOM   1152 C CA  . ASP B 1 48  ? 3.326   -14.196 -20.718 1.00 38.45 ? 48  ASP B CA  1 
ATOM   1153 C C   . ASP B 1 48  ? 1.916   -13.783 -21.089 1.00 42.37 ? 48  ASP B C   1 
ATOM   1154 O O   . ASP B 1 48  ? 1.653   -13.420 -22.231 1.00 43.15 ? 48  ASP B O   1 
ATOM   1155 C CB  . ASP B 1 48  ? 3.479   -15.718 -20.729 1.00 40.17 ? 48  ASP B CB  1 
ATOM   1156 C CG  . ASP B 1 48  ? 4.924   -16.159 -20.586 1.00 40.99 ? 48  ASP B CG  1 
ATOM   1157 O OD1 . ASP B 1 48  ? 5.828   -15.368 -20.934 1.00 44.06 ? 48  ASP B OD1 1 
ATOM   1158 O OD2 . ASP B 1 48  ? 5.158   -17.301 -20.131 1.00 39.13 ? 48  ASP B OD2 1 
ATOM   1159 N N   . GLU B 1 49  ? 1.021   -13.806 -20.106 1.00 43.30 ? 49  GLU B N   1 
ATOM   1160 C CA  . GLU B 1 49  ? -0.390  -13.505 -20.339 1.00 41.27 ? 49  GLU B CA  1 
ATOM   1161 C C   . GLU B 1 49  ? -0.659  -12.032 -20.626 1.00 45.99 ? 49  GLU B C   1 
ATOM   1162 O O   . GLU B 1 49  ? -1.599  -11.701 -21.351 1.00 53.70 ? 49  GLU B O   1 
ATOM   1163 C CB  . GLU B 1 49  ? -1.249  -13.965 -19.156 1.00 43.24 ? 49  GLU B CB  1 
ATOM   1164 C CG  . GLU B 1 49  ? -1.517  -15.460 -19.113 1.00 48.18 ? 49  GLU B CG  1 
ATOM   1165 C CD  . GLU B 1 49  ? -2.588  -15.845 -18.098 1.00 50.42 ? 49  GLU B CD  1 
ATOM   1166 O OE1 . GLU B 1 49  ? -2.558  -15.338 -16.953 1.00 42.65 ? 49  GLU B OE1 1 
ATOM   1167 O OE2 . GLU B 1 49  ? -3.466  -16.671 -18.441 1.00 56.66 ? 49  GLU B OE2 1 
ATOM   1168 N N   . TYR B 1 50  ? 0.156   -11.148 -20.058 1.00 41.00 ? 50  TYR B N   1 
ATOM   1169 C CA  . TYR B 1 50  ? -0.085  -9.716  -20.186 1.00 37.04 ? 50  TYR B CA  1 
ATOM   1170 C C   . TYR B 1 50  ? 0.923   -9.048  -21.113 1.00 35.43 ? 50  TYR B C   1 
ATOM   1171 O O   . TYR B 1 50  ? 1.120   -7.839  -21.047 1.00 34.20 ? 50  TYR B O   1 
ATOM   1172 C CB  . TYR B 1 50  ? -0.047  -9.043  -18.808 1.00 39.50 ? 50  TYR B CB  1 
ATOM   1173 C CG  . TYR B 1 50  ? -1.272  -9.272  -17.941 1.00 39.34 ? 50  TYR B CG  1 
ATOM   1174 C CD1 . TYR B 1 50  ? -1.526  -10.516 -17.374 1.00 37.04 ? 50  TYR B CD1 1 
ATOM   1175 C CD2 . TYR B 1 50  ? -2.159  -8.234  -17.671 1.00 36.39 ? 50  TYR B CD2 1 
ATOM   1176 C CE1 . TYR B 1 50  ? -2.638  -10.725 -16.576 1.00 38.11 ? 50  TYR B CE1 1 
ATOM   1177 C CE2 . TYR B 1 50  ? -3.274  -8.430  -16.868 1.00 40.86 ? 50  TYR B CE2 1 
ATOM   1178 C CZ  . TYR B 1 50  ? -3.507  -9.679  -16.327 1.00 39.69 ? 50  TYR B CZ  1 
ATOM   1179 O OH  . TYR B 1 50  ? -4.611  -9.884  -15.534 1.00 37.61 ? 50  TYR B OH  1 
ATOM   1180 N N   . GLN B 1 51  ? 1.555   -9.832  -21.980 1.00 40.58 ? 51  GLN B N   1 
ATOM   1181 C CA  . GLN B 1 51  ? 2.587   -9.304  -22.878 1.00 40.92 ? 51  GLN B CA  1 
ATOM   1182 C C   . GLN B 1 51  ? 2.074   -8.165  -23.764 1.00 38.06 ? 51  GLN B C   1 
ATOM   1183 O O   . GLN B 1 51  ? 1.021   -8.271  -24.388 1.00 44.01 ? 51  GLN B O   1 
ATOM   1184 C CB  . GLN B 1 51  ? 3.182   -10.420 -23.735 1.00 41.70 ? 51  GLN B CB  1 
ATOM   1185 N N   . GLY B 1 52  ? 2.821   -7.071  -23.816 1.00 43.03 ? 52  GLY B N   1 
ATOM   1186 C CA  . GLY B 1 52  ? 2.415   -5.944  -24.631 1.00 46.15 ? 52  GLY B CA  1 
ATOM   1187 C C   . GLY B 1 52  ? 1.511   -4.984  -23.885 1.00 42.84 ? 52  GLY B C   1 
ATOM   1188 O O   . GLY B 1 52  ? 1.125   -3.946  -24.422 1.00 39.89 ? 52  GLY B O   1 
ATOM   1189 N N   . LYS B 1 53  ? 1.181   -5.333  -22.645 1.00 34.38 ? 53  LYS B N   1 
ATOM   1190 C CA  . LYS B 1 53  ? 0.407   -4.461  -21.771 1.00 36.44 ? 53  LYS B CA  1 
ATOM   1191 C C   . LYS B 1 53  ? 1.185   -4.173  -20.485 1.00 33.40 ? 53  LYS B C   1 
ATOM   1192 O O   . LYS B 1 53  ? 1.273   -3.029  -20.039 1.00 43.09 ? 53  LYS B O   1 
ATOM   1193 C CB  . LYS B 1 53  ? -0.941  -5.093  -21.458 1.00 32.08 ? 53  LYS B CB  1 
ATOM   1194 N N   . LEU B 1 54  ? 1.756   -5.217  -19.897 1.00 34.31 ? 54  LEU B N   1 
ATOM   1195 C CA  . LEU B 1 54  ? 2.536   -5.064  -18.673 1.00 38.89 ? 54  LEU B CA  1 
ATOM   1196 C C   . LEU B 1 54  ? 3.848   -5.836  -18.741 1.00 36.24 ? 54  LEU B C   1 
ATOM   1197 O O   . LEU B 1 54  ? 3.874   -6.986  -19.172 1.00 38.36 ? 54  LEU B O   1 
ATOM   1198 C CB  . LEU B 1 54  ? 1.733   -5.548  -17.468 1.00 37.18 ? 54  LEU B CB  1 
ATOM   1199 C CG  . LEU B 1 54  ? 2.499   -5.626  -16.146 1.00 32.65 ? 54  LEU B CG  1 
ATOM   1200 C CD1 . LEU B 1 54  ? 2.428   -4.301  -15.413 1.00 22.64 ? 54  LEU B CD1 1 
ATOM   1201 C CD2 . LEU B 1 54  ? 1.943   -6.755  -15.300 1.00 32.82 ? 54  LEU B CD2 1 
ATOM   1202 N N   . THR B 1 55  ? 4.933   -5.205  -18.303 1.00 37.67 ? 55  THR B N   1 
ATOM   1203 C CA  . THR B 1 55  ? 6.213   -5.898  -18.216 1.00 37.65 ? 55  THR B CA  1 
ATOM   1204 C C   . THR B 1 55  ? 6.593   -6.202  -16.762 1.00 34.00 ? 55  THR B C   1 
ATOM   1205 O O   . THR B 1 55  ? 6.458   -5.360  -15.873 1.00 31.04 ? 55  THR B O   1 
ATOM   1206 C CB  . THR B 1 55  ? 7.342   -5.136  -18.943 1.00 38.60 ? 55  THR B CB  1 
ATOM   1207 O OG1 . THR B 1 55  ? 8.594   -5.788  -18.690 1.00 43.61 ? 55  THR B OG1 1 
ATOM   1208 C CG2 . THR B 1 55  ? 7.415   -3.706  -18.459 1.00 39.31 ? 55  THR B CG2 1 
ATOM   1209 N N   . VAL B 1 56  ? 7.054   -7.425  -16.526 1.00 31.23 ? 56  VAL B N   1 
ATOM   1210 C CA  . VAL B 1 56  ? 7.358   -7.871  -15.174 1.00 28.00 ? 56  VAL B CA  1 
ATOM   1211 C C   . VAL B 1 56  ? 8.837   -7.672  -14.870 1.00 25.51 ? 56  VAL B C   1 
ATOM   1212 O O   . VAL B 1 56  ? 9.693   -7.944  -15.710 1.00 26.92 ? 56  VAL B O   1 
ATOM   1213 C CB  . VAL B 1 56  ? 6.921   -9.333  -14.962 1.00 29.83 ? 56  VAL B CB  1 
ATOM   1214 C CG1 . VAL B 1 56  ? 7.274   -9.802  -13.565 1.00 29.92 ? 56  VAL B CG1 1 
ATOM   1215 C CG2 . VAL B 1 56  ? 5.421   -9.464  -15.208 1.00 37.49 ? 56  VAL B CG2 1 
ATOM   1216 N N   . ALA B 1 57  ? 9.122   -7.174  -13.673 1.00 23.17 ? 57  ALA B N   1 
ATOM   1217 C CA  . ALA B 1 57  ? 10.472  -6.798  -13.295 1.00 24.21 ? 57  ALA B CA  1 
ATOM   1218 C C   . ALA B 1 57  ? 10.743  -7.276  -11.878 1.00 27.84 ? 57  ALA B C   1 
ATOM   1219 O O   . ALA B 1 57  ? 9.870   -7.177  -11.020 1.00 27.90 ? 57  ALA B O   1 
ATOM   1220 C CB  . ALA B 1 57  ? 10.637  -5.300  -13.392 1.00 25.36 ? 57  ALA B CB  1 
ATOM   1221 N N   . LYS B 1 58  ? 11.947  -7.799  -11.643 1.00 22.08 ? 58  LYS B N   1 
ATOM   1222 C CA  . LYS B 1 58  ? 12.353  -8.273  -10.324 1.00 23.58 ? 58  LYS B CA  1 
ATOM   1223 C C   . LYS B 1 58  ? 13.599  -7.539  -9.803  1.00 22.52 ? 58  LYS B C   1 
ATOM   1224 O O   . LYS B 1 58  ? 14.515  -7.233  -10.568 1.00 22.15 ? 58  LYS B O   1 
ATOM   1225 C CB  . LYS B 1 58  ? 12.625  -9.782  -10.349 1.00 20.89 ? 58  LYS B CB  1 
ATOM   1226 C CG  . LYS B 1 58  ? 11.457  -10.642 -10.840 1.00 19.36 ? 58  LYS B CG  1 
ATOM   1227 C CD  . LYS B 1 58  ? 11.733  -12.138 -10.629 1.00 26.79 ? 58  LYS B CD  1 
ATOM   1228 C CE  . LYS B 1 58  ? 10.475  -12.979 -10.832 1.00 27.49 ? 58  LYS B CE  1 
ATOM   1229 N NZ  . LYS B 1 58  ? 10.683  -14.431 -10.536 1.00 35.62 ? 58  LYS B NZ  1 
ATOM   1230 N N   . LEU B 1 59  ? 13.611  -7.263  -8.500  1.00 20.47 ? 59  LEU B N   1 
ATOM   1231 C CA  . LEU B 1 59  ? 14.760  -6.700  -7.804  1.00 20.38 ? 59  LEU B CA  1 
ATOM   1232 C C   . LEU B 1 59  ? 14.979  -7.516  -6.521  1.00 24.90 ? 59  LEU B C   1 
ATOM   1233 O O   . LEU B 1 59  ? 14.096  -7.595  -5.671  1.00 19.86 ? 59  LEU B O   1 
ATOM   1234 C CB  . LEU B 1 59  ? 14.512  -5.224  -7.455  1.00 22.09 ? 59  LEU B CB  1 
ATOM   1235 C CG  . LEU B 1 59  ? 15.715  -4.446  -6.905  1.00 25.34 ? 59  LEU B CG  1 
ATOM   1236 C CD1 . LEU B 1 59  ? 16.520  -3.801  -8.032  1.00 23.56 ? 59  LEU B CD1 1 
ATOM   1237 C CD2 . LEU B 1 59  ? 15.312  -3.397  -5.884  1.00 23.22 ? 59  LEU B CD2 1 
ATOM   1238 N N   . ASN B 1 60  ? 16.141  -8.153  -6.402  1.00 23.92 ? 60  ASN B N   1 
ATOM   1239 C CA  . ASN B 1 60  ? 16.482  -8.901  -5.201  1.00 22.08 ? 60  ASN B CA  1 
ATOM   1240 C C   . ASN B 1 60  ? 16.985  -7.965  -4.103  1.00 22.75 ? 60  ASN B C   1 
ATOM   1241 O O   . ASN B 1 60  ? 18.038  -7.353  -4.234  1.00 21.10 ? 60  ASN B O   1 
ATOM   1242 C CB  . ASN B 1 60  ? 17.546  -9.954  -5.519  1.00 20.74 ? 60  ASN B CB  1 
ATOM   1243 C CG  . ASN B 1 60  ? 17.709  -10.975 -4.401  1.00 27.42 ? 60  ASN B CG  1 
ATOM   1244 O OD1 . ASN B 1 60  ? 18.682  -10.932 -3.651  1.00 27.05 ? 60  ASN B OD1 1 
ATOM   1245 N ND2 . ASN B 1 60  ? 16.744  -11.896 -4.283  1.00 20.80 ? 60  ASN B ND2 1 
ATOM   1246 N N   . ILE B 1 61  ? 16.247  -7.846  -3.015  1.00 18.86 ? 61  ILE B N   1 
ATOM   1247 C CA  . ILE B 1 61  ? 16.602  -6.836  -2.034  1.00 25.75 ? 61  ILE B CA  1 
ATOM   1248 C C   . ILE B 1 61  ? 17.846  -7.172  -1.217  1.00 26.05 ? 61  ILE B C   1 
ATOM   1249 O O   . ILE B 1 61  ? 18.472  -6.275  -0.644  1.00 30.28 ? 61  ILE B O   1 
ATOM   1250 C CB  . ILE B 1 61  ? 15.435  -6.506  -1.087  1.00 29.89 ? 61  ILE B CB  1 
ATOM   1251 C CG1 . ILE B 1 61  ? 14.857  -7.779  -0.456  1.00 15.65 ? 61  ILE B CG1 1 
ATOM   1252 C CG2 . ILE B 1 61  ? 14.364  -5.716  -1.829  1.00 27.06 ? 61  ILE B CG2 1 
ATOM   1253 C CD1 . ILE B 1 61  ? 13.837  -7.517  0.633   0.00 22.16 ? 61  ILE B CD1 1 
ATOM   1254 N N   . ASP B 1 62  ? 18.200  -8.454  -1.168  1.00 22.55 ? 62  ASP B N   1 
ATOM   1255 C CA  . ASP B 1 62  ? 19.421  -8.886  -0.501  1.00 24.64 ? 62  ASP B CA  1 
ATOM   1256 C C   . ASP B 1 62  ? 20.636  -8.315  -1.231  1.00 27.88 ? 62  ASP B C   1 
ATOM   1257 O O   . ASP B 1 62  ? 21.659  -8.021  -0.614  1.00 25.41 ? 62  ASP B O   1 
ATOM   1258 C CB  . ASP B 1 62  ? 19.523  -10.409 -0.459  1.00 20.32 ? 62  ASP B CB  1 
ATOM   1259 C CG  . ASP B 1 62  ? 18.634  -11.048 0.625   1.00 25.40 ? 62  ASP B CG  1 
ATOM   1260 O OD1 . ASP B 1 62  ? 17.771  -10.359 1.206   1.00 22.61 ? 62  ASP B OD1 1 
ATOM   1261 O OD2 . ASP B 1 62  ? 18.811  -12.258 0.887   1.00 20.46 ? 62  ASP B OD2 1 
ATOM   1262 N N   . GLN B 1 63  ? 20.522  -8.164  -2.548  1.00 23.43 ? 63  GLN B N   1 
ATOM   1263 C CA  . GLN B 1 63  ? 21.620  -7.639  -3.352  1.00 24.18 ? 63  GLN B CA  1 
ATOM   1264 C C   . GLN B 1 63  ? 21.514  -6.130  -3.589  1.00 27.04 ? 63  GLN B C   1 
ATOM   1265 O O   . GLN B 1 63  ? 22.514  -5.451  -3.828  1.00 25.00 ? 63  GLN B O   1 
ATOM   1266 C CB  . GLN B 1 63  ? 21.699  -8.375  -4.697  1.00 29.32 ? 63  GLN B CB  1 
ATOM   1267 C CG  . GLN B 1 63  ? 21.851  -9.880  -4.583  1.00 30.29 ? 63  GLN B CG  1 
ATOM   1268 C CD  . GLN B 1 63  ? 22.236  -10.528 -5.907  1.00 48.67 ? 63  GLN B CD  1 
ATOM   1269 O OE1 . GLN B 1 63  ? 22.027  -9.953  -6.986  1.00 40.02 ? 63  GLN B OE1 1 
ATOM   1270 N NE2 . GLN B 1 63  ? 22.804  -11.734 -5.831  1.00 39.60 ? 63  GLN B NE2 1 
ATOM   1271 N N   . ASN B 1 64  ? 20.299  -5.604  -3.519  1.00 23.39 ? 64  ASN B N   1 
ATOM   1272 C CA  . ASN B 1 64  ? 20.059  -4.221  -3.895  1.00 20.40 ? 64  ASN B CA  1 
ATOM   1273 C C   . ASN B 1 64  ? 19.410  -3.468  -2.760  1.00 24.13 ? 64  ASN B C   1 
ATOM   1274 O O   . ASN B 1 64  ? 18.192  -3.428  -2.655  1.00 29.09 ? 64  ASN B O   1 
ATOM   1275 C CB  . ASN B 1 64  ? 19.194  -4.174  -5.152  1.00 25.03 ? 64  ASN B CB  1 
ATOM   1276 C CG  . ASN B 1 64  ? 19.845  -4.888  -6.324  1.00 22.11 ? 64  ASN B CG  1 
ATOM   1277 O OD1 . ASN B 1 64  ? 20.718  -4.339  -6.986  1.00 21.35 ? 64  ASN B OD1 1 
ATOM   1278 N ND2 . ASN B 1 64  ? 19.433  -6.128  -6.573  1.00 25.16 ? 64  ASN B ND2 1 
ATOM   1279 N N   . PRO B 1 65  ? 20.229  -2.881  -1.879  1.00 23.24 ? 65  PRO B N   1 
ATOM   1280 C CA  . PRO B 1 65  ? 19.679  -2.278  -0.661  1.00 28.31 ? 65  PRO B CA  1 
ATOM   1281 C C   . PRO B 1 65  ? 19.045  -0.912  -0.909  1.00 26.31 ? 65  PRO B C   1 
ATOM   1282 O O   . PRO B 1 65  ? 18.278  -0.451  -0.072  1.00 25.72 ? 65  PRO B O   1 
ATOM   1283 C CB  . PRO B 1 65  ? 20.906  -2.138  0.241   1.00 26.88 ? 65  PRO B CB  1 
ATOM   1284 C CG  . PRO B 1 65  ? 22.063  -2.043  -0.688  1.00 29.17 ? 65  PRO B CG  1 
ATOM   1285 C CD  . PRO B 1 65  ? 21.698  -2.800  -1.942  1.00 26.10 ? 65  PRO B CD  1 
ATOM   1286 N N   . GLY B 1 66  ? 19.340  -0.295  -2.047  1.00 26.48 ? 66  GLY B N   1 
ATOM   1287 C CA  . GLY B 1 66  ? 19.008  1.104   -2.251  1.00 23.49 ? 66  GLY B CA  1 
ATOM   1288 C C   . GLY B 1 66  ? 17.578  1.460   -2.609  1.00 23.83 ? 66  GLY B C   1 
ATOM   1289 O O   . GLY B 1 66  ? 17.054  2.485   -2.178  1.00 24.39 ? 66  GLY B O   1 
ATOM   1290 N N   . THR B 1 67  ? 16.934  0.629   -3.412  1.00 24.87 ? 67  THR B N   1 
ATOM   1291 C CA  . THR B 1 67  ? 15.628  0.996   -3.944  1.00 23.64 ? 67  THR B CA  1 
ATOM   1292 C C   . THR B 1 67  ? 14.477  0.887   -2.940  1.00 26.19 ? 67  THR B C   1 
ATOM   1293 O O   . THR B 1 67  ? 13.712  1.841   -2.761  1.00 25.67 ? 67  THR B O   1 
ATOM   1294 C CB  . THR B 1 67  ? 15.301  0.212   -5.214  1.00 24.70 ? 67  THR B CB  1 
ATOM   1295 O OG1 . THR B 1 67  ? 16.435  0.231   -6.094  1.00 21.23 ? 67  THR B OG1 1 
ATOM   1296 C CG2 . THR B 1 67  ? 14.109  0.829   -5.916  1.00 20.63 ? 67  THR B CG2 1 
ATOM   1297 N N   . ALA B 1 68  ? 14.343  -0.262  -2.286  1.00 24.82 ? 68  ALA B N   1 
ATOM   1298 C CA  . ALA B 1 68  ? 13.212  -0.482  -1.382  1.00 22.29 ? 68  ALA B CA  1 
ATOM   1299 C C   . ALA B 1 68  ? 12.982  0.622   -0.324  1.00 21.90 ? 68  ALA B C   1 
ATOM   1300 O O   . ALA B 1 68  ? 11.844  1.027   -0.104  1.00 21.79 ? 68  ALA B O   1 
ATOM   1301 C CB  . ALA B 1 68  ? 13.301  -1.866  -0.728  1.00 25.56 ? 68  ALA B CB  1 
ATOM   1302 N N   . PRO B 1 69  ? 14.058  1.129   0.319   1.00 23.40 ? 69  PRO B N   1 
ATOM   1303 C CA  . PRO B 1 69  ? 13.855  2.179   1.329   1.00 28.91 ? 69  PRO B CA  1 
ATOM   1304 C C   . PRO B 1 69  ? 13.104  3.385   0.768   1.00 27.17 ? 69  PRO B C   1 
ATOM   1305 O O   . PRO B 1 69  ? 12.435  4.108   1.509   1.00 33.12 ? 69  PRO B O   1 
ATOM   1306 C CB  . PRO B 1 69  ? 15.283  2.586   1.713   1.00 24.67 ? 69  PRO B CB  1 
ATOM   1307 C CG  . PRO B 1 69  ? 16.130  1.447   1.325   1.00 26.21 ? 69  PRO B CG  1 
ATOM   1308 C CD  . PRO B 1 69  ? 15.484  0.808   0.141   1.00 25.82 ? 69  PRO B CD  1 
ATOM   1309 N N   . LYS B 1 70  ? 13.203  3.591   -0.540  1.00 27.47 ? 70  LYS B N   1 
ATOM   1310 C CA  . LYS B 1 70  ? 12.519  4.708   -1.176  1.00 24.78 ? 70  LYS B CA  1 
ATOM   1311 C C   . LYS B 1 70  ? 10.999  4.582   -1.093  1.00 30.06 ? 70  LYS B C   1 
ATOM   1312 O O   . LYS B 1 70  ? 10.288  5.584   -0.986  1.00 34.84 ? 70  LYS B O   1 
ATOM   1313 C CB  . LYS B 1 70  ? 12.956  4.836   -2.619  1.00 26.17 ? 70  LYS B CB  1 
ATOM   1314 N N   . TYR B 1 71  ? 10.491  3.353   -1.136  1.00 31.33 ? 71  TYR B N   1 
ATOM   1315 C CA  . TYR B 1 71  ? 9.048   3.163   -1.234  1.00 30.07 ? 71  TYR B CA  1 
ATOM   1316 C C   . TYR B 1 71  ? 8.452   2.577   0.045   1.00 26.08 ? 71  TYR B C   1 
ATOM   1317 O O   . TYR B 1 71  ? 7.320   2.097   0.048   1.00 22.32 ? 71  TYR B O   1 
ATOM   1318 C CB  . TYR B 1 71  ? 8.691   2.307   -2.460  1.00 34.33 ? 71  TYR B CB  1 
ATOM   1319 C CG  . TYR B 1 71  ? 9.282   2.842   -3.740  1.00 25.85 ? 71  TYR B CG  1 
ATOM   1320 C CD1 . TYR B 1 71  ? 10.496  2.354   -4.233  1.00 26.03 ? 71  TYR B CD1 1 
ATOM   1321 C CD2 . TYR B 1 71  ? 8.639   3.841   -4.453  1.00 26.82 ? 71  TYR B CD2 1 
ATOM   1322 C CE1 . TYR B 1 71  ? 11.040  2.845   -5.408  1.00 28.71 ? 71  TYR B CE1 1 
ATOM   1323 C CE2 . TYR B 1 71  ? 9.173   4.345   -5.626  1.00 25.48 ? 71  TYR B CE2 1 
ATOM   1324 C CZ  . TYR B 1 71  ? 10.378  3.845   -6.101  1.00 32.54 ? 71  TYR B CZ  1 
ATOM   1325 O OH  . TYR B 1 71  ? 10.921  4.351   -7.264  1.00 29.56 ? 71  TYR B OH  1 
ATOM   1326 N N   . GLY B 1 72  ? 9.216   2.639   1.130   1.00 27.04 ? 72  GLY B N   1 
ATOM   1327 C CA  . GLY B 1 72  ? 8.772   2.103   2.406   1.00 27.08 ? 72  GLY B CA  1 
ATOM   1328 C C   . GLY B 1 72  ? 8.453   0.614   2.349   1.00 22.72 ? 72  GLY B C   1 
ATOM   1329 O O   . GLY B 1 72  ? 7.622   0.115   3.096   1.00 19.26 ? 72  GLY B O   1 
ATOM   1330 N N   . ILE B 1 73  ? 9.125   -0.091  1.447   1.00 28.00 ? 73  ILE B N   1 
ATOM   1331 C CA  . ILE B 1 73  ? 8.963   -1.528  1.259   1.00 22.87 ? 73  ILE B CA  1 
ATOM   1332 C C   . ILE B 1 73  ? 9.636   -2.308  2.370   1.00 22.06 ? 73  ILE B C   1 
ATOM   1333 O O   . ILE B 1 73  ? 10.855  -2.256  2.489   1.00 24.21 ? 73  ILE B O   1 
ATOM   1334 C CB  . ILE B 1 73  ? 9.548   -1.968  -0.090  1.00 20.51 ? 73  ILE B CB  1 
ATOM   1335 C CG1 . ILE B 1 73  ? 8.691   -1.387  -1.205  1.00 24.28 ? 73  ILE B CG1 1 
ATOM   1336 C CG2 . ILE B 1 73  ? 9.536   -3.465  -0.185  1.00 16.57 ? 73  ILE B CG2 1 
ATOM   1337 C CD1 . ILE B 1 73  ? 9.297   -1.466  -2.586  0.00 23.30 ? 73  ILE B CD1 1 
ATOM   1338 N N   . ARG B 1 74  ? 8.859   -3.068  3.136   1.00 22.48 ? 74  ARG B N   1 
ATOM   1339 C CA  . ARG B 1 74  ? 9.426   -3.886  4.205   1.00 22.15 ? 74  ARG B CA  1 
ATOM   1340 C C   . ARG B 1 74  ? 8.987   -5.333  4.049   1.00 19.83 ? 74  ARG B C   1 
ATOM   1341 O O   . ARG B 1 74  ? 9.808   -6.253  4.117   1.00 22.13 ? 74  ARG B O   1 
ATOM   1342 C CB  . ARG B 1 74  ? 9.029   -3.329  5.580   1.00 20.05 ? 74  ARG B CB  1 
ATOM   1343 C CG  . ARG B 1 74  ? 9.207   -4.297  6.744   1.00 25.18 ? 74  ARG B CG  1 
ATOM   1344 C CD  . ARG B 1 74  ? 10.643  -4.345  7.238   1.00 27.10 ? 74  ARG B CD  1 
ATOM   1345 N NE  . ARG B 1 74  ? 10.742  -5.068  8.496   1.00 29.83 ? 74  ARG B NE  1 
ATOM   1346 C CZ  . ARG B 1 74  ? 10.907  -6.378  8.550   1.00 30.62 ? 74  ARG B CZ  1 
ATOM   1347 N NH1 . ARG B 1 74  ? 10.987  -7.052  7.410   1.00 29.89 ? 74  ARG B NH1 1 
ATOM   1348 N NH2 . ARG B 1 74  ? 10.987  -7.014  9.718   1.00 30.09 ? 74  ARG B NH2 1 
ATOM   1349 N N   . GLY B 1 75  ? 7.692   -5.539  3.831   1.00 21.26 ? 75  GLY B N   1 
ATOM   1350 C CA  . GLY B 1 75  ? 7.179   -6.866  3.565   1.00 19.77 ? 75  GLY B CA  1 
ATOM   1351 C C   . GLY B 1 75  ? 7.659   -7.409  2.224   1.00 20.06 ? 75  GLY B C   1 
ATOM   1352 O O   . GLY B 1 75  ? 7.808   -6.668  1.260   1.00 17.93 ? 75  GLY B O   1 
ATOM   1353 N N   . THR B 1 76  ? 7.899   -8.714  2.166   1.00 21.33 ? 76  THR B N   1 
ATOM   1354 C CA  . THR B 1 76  ? 8.262   -9.383  0.925   1.00 22.17 ? 76  THR B CA  1 
ATOM   1355 C C   . THR B 1 76  ? 7.339   -10.588 0.692   1.00 19.93 ? 76  THR B C   1 
ATOM   1356 O O   . THR B 1 76  ? 6.919   -11.238 1.635   1.00 16.57 ? 76  THR B O   1 
ATOM   1357 C CB  . THR B 1 76  ? 9.717   -9.862  0.970   1.00 23.03 ? 76  THR B CB  1 
ATOM   1358 O OG1 . THR B 1 76  ? 9.900   -10.665 2.140   1.00 17.86 ? 76  THR B OG1 1 
ATOM   1359 C CG2 . THR B 1 76  ? 10.663  -8.675  1.034   1.00 25.62 ? 76  THR B CG2 1 
ATOM   1360 N N   . PRO B 1 77  ? 6.990   -10.858 -0.572  1.00 18.97 ? 77  PRO B N   1 
ATOM   1361 C CA  . PRO B 1 77  ? 7.394   -9.979  -1.653  1.00 17.56 ? 77  PRO B CA  1 
ATOM   1362 C C   . PRO B 1 77  ? 6.518   -8.738  -1.681  1.00 23.20 ? 77  PRO B C   1 
ATOM   1363 O O   . PRO B 1 77  ? 5.391   -8.737  -1.156  1.00 20.21 ? 77  PRO B O   1 
ATOM   1364 C CB  . PRO B 1 77  ? 7.110   -10.813 -2.895  1.00 19.02 ? 77  PRO B CB  1 
ATOM   1365 C CG  . PRO B 1 77  ? 6.041   -11.715 -2.506  1.00 22.09 ? 77  PRO B CG  1 
ATOM   1366 C CD  . PRO B 1 77  ? 6.188   -11.999 -1.056  1.00 18.99 ? 77  PRO B CD  1 
ATOM   1367 N N   . THR B 1 78  ? 7.038   -7.689  -2.298  1.00 17.59 ? 78  THR B N   1 
ATOM   1368 C CA  . THR B 1 78  ? 6.224   -6.527  -2.572  1.00 18.57 ? 78  THR B CA  1 
ATOM   1369 C C   . THR B 1 78  ? 6.144   -6.350  -4.073  1.00 16.53 ? 78  THR B C   1 
ATOM   1370 O O   . THR B 1 78  ? 7.161   -6.283  -4.750  1.00 18.92 ? 78  THR B O   1 
ATOM   1371 C CB  . THR B 1 78  ? 6.784   -5.271  -1.900  1.00 19.35 ? 78  THR B CB  1 
ATOM   1372 O OG1 . THR B 1 78  ? 6.713   -5.426  -0.476  1.00 21.45 ? 78  THR B OG1 1 
ATOM   1373 C CG2 . THR B 1 78  ? 5.978   -4.045  -2.292  1.00 18.28 ? 78  THR B CG2 1 
ATOM   1374 N N   . LEU B 1 79  ? 4.929   -6.325  -4.598  1.00 20.33 ? 79  LEU B N   1 
ATOM   1375 C CA  . LEU B 1 79  ? 4.714   -5.962  -5.991  1.00 19.69 ? 79  LEU B CA  1 
ATOM   1376 C C   . LEU B 1 79  ? 4.426   -4.476  -6.001  1.00 21.88 ? 79  LEU B C   1 
ATOM   1377 O O   . LEU B 1 79  ? 3.551   -4.013  -5.280  1.00 20.04 ? 79  LEU B O   1 
ATOM   1378 C CB  . LEU B 1 79  ? 3.531   -6.723  -6.593  1.00 20.42 ? 79  LEU B CB  1 
ATOM   1379 C CG  . LEU B 1 79  ? 3.618   -8.251  -6.717  1.00 24.27 ? 79  LEU B CG  1 
ATOM   1380 C CD1 . LEU B 1 79  ? 3.928   -8.895  -5.392  1.00 25.38 ? 79  LEU B CD1 1 
ATOM   1381 C CD2 . LEU B 1 79  ? 2.321   -8.825  -7.287  1.00 27.22 ? 79  LEU B CD2 1 
ATOM   1382 N N   . LEU B 1 80  ? 5.187   -3.730  -6.797  1.00 23.25 ? 80  LEU B N   1 
ATOM   1383 C CA  . LEU B 1 80  ? 4.983   -2.295  -6.912  1.00 24.12 ? 80  LEU B CA  1 
ATOM   1384 C C   . LEU B 1 80  ? 4.634   -1.948  -8.359  1.00 21.08 ? 80  LEU B C   1 
ATOM   1385 O O   . LEU B 1 80  ? 5.463   -2.084  -9.254  1.00 22.11 ? 80  LEU B O   1 
ATOM   1386 C CB  . LEU B 1 80  ? 6.230   -1.538  -6.440  1.00 23.62 ? 80  LEU B CB  1 
ATOM   1387 C CG  . LEU B 1 80  ? 6.048   -0.050  -6.152  1.00 22.92 ? 80  LEU B CG  1 
ATOM   1388 C CD1 . LEU B 1 80  ? 5.048   0.148   -5.011  1.00 27.81 ? 80  LEU B CD1 1 
ATOM   1389 C CD2 . LEU B 1 80  ? 7.374   0.615   -5.813  1.00 25.05 ? 80  LEU B CD2 1 
ATOM   1390 N N   . LEU B 1 81  ? 3.395   -1.528  -8.582  1.00 23.93 ? 81  LEU B N   1 
ATOM   1391 C CA  . LEU B 1 81  ? 2.935   -1.223  -9.922  1.00 25.71 ? 81  LEU B CA  1 
ATOM   1392 C C   . LEU B 1 81  ? 3.352   0.179   -10.322 1.00 21.48 ? 81  LEU B C   1 
ATOM   1393 O O   . LEU B 1 81  ? 3.137   1.135   -9.574  1.00 28.21 ? 81  LEU B O   1 
ATOM   1394 C CB  . LEU B 1 81  ? 1.413   -1.372  -10.027 1.00 22.97 ? 81  LEU B CB  1 
ATOM   1395 C CG  . LEU B 1 81  ? 0.863   -0.964  -11.396 1.00 22.31 ? 81  LEU B CG  1 
ATOM   1396 C CD1 . LEU B 1 81  ? 1.295   -1.977  -12.434 1.00 23.70 ? 81  LEU B CD1 1 
ATOM   1397 C CD2 . LEU B 1 81  ? -0.647  -0.819  -11.375 1.00 34.36 ? 81  LEU B CD2 1 
ATOM   1398 N N   . PHE B 1 82  ? 3.962   0.304   -11.494 1.00 26.02 ? 82  PHE B N   1 
ATOM   1399 C CA  . PHE B 1 82  ? 4.321   1.627   -12.022 1.00 30.50 ? 82  PHE B CA  1 
ATOM   1400 C C   . PHE B 1 82  ? 3.514   1.947   -13.272 1.00 30.05 ? 82  PHE B C   1 
ATOM   1401 O O   . PHE B 1 82  ? 3.251   1.066   -14.088 1.00 23.94 ? 82  PHE B O   1 
ATOM   1402 C CB  . PHE B 1 82  ? 5.808   1.721   -12.347 1.00 28.24 ? 82  PHE B CB  1 
ATOM   1403 C CG  . PHE B 1 82  ? 6.691   1.804   -11.141 1.00 32.52 ? 82  PHE B CG  1 
ATOM   1404 C CD1 . PHE B 1 82  ? 7.164   3.029   -10.690 1.00 24.51 ? 82  PHE B CD1 1 
ATOM   1405 C CD2 . PHE B 1 82  ? 7.059   0.654   -10.465 1.00 26.22 ? 82  PHE B CD2 1 
ATOM   1406 C CE1 . PHE B 1 82  ? 7.987   3.099   -9.585  1.00 29.01 ? 82  PHE B CE1 1 
ATOM   1407 C CE2 . PHE B 1 82  ? 7.877   0.718   -9.362  1.00 31.62 ? 82  PHE B CE2 1 
ATOM   1408 C CZ  . PHE B 1 82  ? 8.344   1.945   -8.921  1.00 27.50 ? 82  PHE B CZ  1 
ATOM   1409 N N   . LYS B 1 83  ? 3.133   3.211   -13.415 1.00 34.89 ? 83  LYS B N   1 
ATOM   1410 C CA  . LYS B 1 83  ? 2.396   3.672   -14.586 1.00 38.10 ? 83  LYS B CA  1 
ATOM   1411 C C   . LYS B 1 83  ? 2.991   4.971   -15.119 1.00 35.03 ? 83  LYS B C   1 
ATOM   1412 O O   . LYS B 1 83  ? 2.846   6.034   -14.504 1.00 39.17 ? 83  LYS B O   1 
ATOM   1413 C CB  . LYS B 1 83  ? 0.932   3.860   -14.248 1.00 34.74 ? 83  LYS B CB  1 
ATOM   1414 N N   . ASN B 1 84  ? 3.664   4.877   -16.262 1.00 34.57 ? 84  ASN B N   1 
ATOM   1415 C CA  . ASN B 1 84  ? 4.349   6.024   -16.853 1.00 36.26 ? 84  ASN B CA  1 
ATOM   1416 C C   . ASN B 1 84  ? 5.437   6.578   -15.936 1.00 38.97 ? 84  ASN B C   1 
ATOM   1417 O O   . ASN B 1 84  ? 5.594   7.795   -15.810 1.00 38.68 ? 84  ASN B O   1 
ATOM   1418 C CB  . ASN B 1 84  ? 3.357   7.143   -17.204 1.00 36.64 ? 84  ASN B CB  1 
ATOM   1419 C CG  . ASN B 1 84  ? 2.466   6.793   -18.374 1.00 36.82 ? 84  ASN B CG  1 
ATOM   1420 O OD1 . ASN B 1 84  ? 2.818   5.968   -19.217 1.00 35.65 ? 84  ASN B OD1 1 
ATOM   1421 N ND2 . ASN B 1 84  ? 1.296   7.418   -18.429 1.00 45.27 ? 84  ASN B ND2 1 
ATOM   1422 N N   . GLY B 1 85  ? 6.180   5.679   -15.294 1.00 36.83 ? 85  GLY B N   1 
ATOM   1423 C CA  . GLY B 1 85  ? 7.293   6.062   -14.448 1.00 35.18 ? 85  GLY B CA  1 
ATOM   1424 C C   . GLY B 1 85  ? 6.871   6.369   -13.026 1.00 35.27 ? 85  GLY B C   1 
ATOM   1425 O O   . GLY B 1 85  ? 7.711   6.614   -12.155 1.00 31.21 ? 85  GLY B O   1 
ATOM   1426 N N   . GLU B 1 86  ? 5.567   6.352   -12.783 1.00 35.32 ? 86  GLU B N   1 
ATOM   1427 C CA  . GLU B 1 86  ? 5.038   6.740   -11.482 1.00 34.10 ? 86  GLU B CA  1 
ATOM   1428 C C   . GLU B 1 86  ? 4.354   5.580   -10.750 1.00 33.96 ? 86  GLU B C   1 
ATOM   1429 O O   . GLU B 1 86  ? 3.632   4.780   -11.350 1.00 32.28 ? 86  GLU B O   1 
ATOM   1430 C CB  . GLU B 1 86  ? 4.096   7.940   -11.645 1.00 33.54 ? 86  GLU B CB  1 
ATOM   1431 C CG  . GLU B 1 86  ? 4.800   9.163   -12.240 1.00 39.93 ? 86  GLU B CG  1 
ATOM   1432 C CD  . GLU B 1 86  ? 3.854   10.121  -12.937 1.00 47.15 ? 86  GLU B CD  1 
ATOM   1433 O OE1 . GLU B 1 86  ? 2.749   10.374  -12.394 1.00 40.02 ? 86  GLU B OE1 1 
ATOM   1434 O OE2 . GLU B 1 86  ? 4.228   10.628  -14.024 1.00 42.17 ? 86  GLU B OE2 1 
ATOM   1435 N N   . VAL B 1 87  ? 4.607   5.488   -9.451  1.00 30.35 ? 87  VAL B N   1 
ATOM   1436 C CA  . VAL B 1 87  ? 3.956   4.501   -8.602  1.00 26.93 ? 87  VAL B CA  1 
ATOM   1437 C C   . VAL B 1 87  ? 2.440   4.662   -8.620  1.00 31.80 ? 87  VAL B C   1 
ATOM   1438 O O   . VAL B 1 87  ? 1.914   5.777   -8.496  1.00 33.86 ? 87  VAL B O   1 
ATOM   1439 C CB  . VAL B 1 87  ? 4.414   4.634   -7.140  1.00 30.41 ? 87  VAL B CB  1 
ATOM   1440 C CG1 . VAL B 1 87  ? 5.334   3.493   -6.750  1.00 27.40 ? 87  VAL B CG1 1 
ATOM   1441 C CG2 . VAL B 1 87  ? 5.065   5.998   -6.916  1.00 33.24 ? 87  VAL B CG2 1 
ATOM   1442 N N   . ALA B 1 88  ? 1.742   3.542   -8.752  1.00 28.05 ? 88  ALA B N   1 
ATOM   1443 C CA  . ALA B 1 88  ? 0.293   3.560   -8.839  1.00 29.37 ? 88  ALA B CA  1 
ATOM   1444 C C   . ALA B 1 88  ? -0.352  2.707   -7.762  1.00 27.85 ? 88  ALA B C   1 
ATOM   1445 O O   . ALA B 1 88  ? -1.320  3.131   -7.143  1.00 25.32 ? 88  ALA B O   1 
ATOM   1446 C CB  . ALA B 1 88  ? -0.163  3.093   -10.215 1.00 33.60 ? 88  ALA B CB  1 
ATOM   1447 N N   . ALA B 1 89  ? 0.172   1.503   -7.550  1.00 24.89 ? 89  ALA B N   1 
ATOM   1448 C CA  . ALA B 1 89  ? -0.478  0.554   -6.637  1.00 23.80 ? 89  ALA B CA  1 
ATOM   1449 C C   . ALA B 1 89  ? 0.513   -0.479  -6.116  1.00 26.08 ? 89  ALA B C   1 
ATOM   1450 O O   . ALA B 1 89  ? 1.600   -0.622  -6.665  1.00 22.12 ? 89  ALA B O   1 
ATOM   1451 C CB  . ALA B 1 89  ? -1.646  -0.140  -7.332  1.00 27.24 ? 89  ALA B CB  1 
ATOM   1452 N N   . THR B 1 90  ? 0.124   -1.201  -5.062  1.00 24.11 ? 90  THR B N   1 
ATOM   1453 C CA  . THR B 1 90  ? 1.021   -2.152  -4.407  1.00 22.46 ? 90  THR B CA  1 
ATOM   1454 C C   . THR B 1 90  ? 0.289   -3.354  -3.806  1.00 22.21 ? 90  THR B C   1 
ATOM   1455 O O   . THR B 1 90  ? -0.882  -3.262  -3.430  1.00 19.94 ? 90  THR B O   1 
ATOM   1456 C CB  . THR B 1 90  ? 1.846   -1.469  -3.302  1.00 22.61 ? 90  THR B CB  1 
ATOM   1457 O OG1 . THR B 1 90  ? 2.740   -2.419  -2.709  1.00 22.58 ? 90  THR B OG1 1 
ATOM   1458 C CG2 . THR B 1 90  ? 0.938   -0.907  -2.228  1.00 21.07 ? 90  THR B CG2 1 
ATOM   1459 N N   . LYS B 1 91  ? 0.991   -4.480  -3.739  1.00 18.37 ? 91  LYS B N   1 
ATOM   1460 C CA  . LYS B 1 91  ? 0.518   -5.659  -3.036  1.00 20.78 ? 91  LYS B CA  1 
ATOM   1461 C C   . LYS B 1 91  ? 1.690   -6.226  -2.244  1.00 25.23 ? 91  LYS B C   1 
ATOM   1462 O O   . LYS B 1 91  ? 2.822   -6.247  -2.737  1.00 22.94 ? 91  LYS B O   1 
ATOM   1463 C CB  . LYS B 1 91  ? 0.013   -6.716  -4.017  1.00 20.10 ? 91  LYS B CB  1 
ATOM   1464 C CG  . LYS B 1 91  ? -1.231  -6.337  -4.798  1.00 27.73 ? 91  LYS B CG  1 
ATOM   1465 C CD  . LYS B 1 91  ? -2.500  -6.894  -4.156  1.00 28.52 ? 91  LYS B CD  1 
ATOM   1466 C CE  . LYS B 1 91  ? -3.195  -5.848  -3.298  1.00 29.81 ? 91  LYS B CE  1 
ATOM   1467 N NZ  . LYS B 1 91  ? -4.631  -6.193  -3.114  1.00 31.38 ? 91  LYS B NZ  1 
ATOM   1468 N N   . VAL B 1 92  ? 1.414   -6.688  -1.027  1.00 22.52 ? 92  VAL B N   1 
ATOM   1469 C CA  . VAL B 1 92  ? 2.455   -7.168  -0.124  1.00 19.61 ? 92  VAL B CA  1 
ATOM   1470 C C   . VAL B 1 92  ? 2.122   -8.544  0.454   1.00 22.47 ? 92  VAL B C   1 
ATOM   1471 O O   . VAL B 1 92  ? 0.994   -8.798  0.896   1.00 16.62 ? 92  VAL B O   1 
ATOM   1472 C CB  . VAL B 1 92  ? 2.666   -6.188  1.033   1.00 19.98 ? 92  VAL B CB  1 
ATOM   1473 C CG1 . VAL B 1 92  ? 3.762   -6.691  1.970   1.00 17.10 ? 92  VAL B CG1 1 
ATOM   1474 C CG2 . VAL B 1 92  ? 3.026   -4.802  0.495   1.00 17.01 ? 92  VAL B CG2 1 
ATOM   1475 N N   . GLY B 1 93  ? 3.110   -9.432  0.449   1.00 18.87 ? 93  GLY B N   1 
ATOM   1476 C CA  . GLY B 1 93  ? 2.936   -10.754 1.014   1.00 19.45 ? 93  GLY B CA  1 
ATOM   1477 C C   . GLY B 1 93  ? 2.406   -11.786 0.041   1.00 22.61 ? 93  GLY B C   1 
ATOM   1478 O O   . GLY B 1 93  ? 2.337   -11.553 -1.167  1.00 21.31 ? 93  GLY B O   1 
ATOM   1479 N N   . ALA B 1 94  ? 2.022   -12.937 0.583   1.00 16.81 ? 94  ALA B N   1 
ATOM   1480 C CA  . ALA B 1 94  ? 1.587   -14.058 -0.234  1.00 23.58 ? 94  ALA B CA  1 
ATOM   1481 C C   . ALA B 1 94  ? 0.329   -13.707 -1.005  1.00 22.20 ? 94  ALA B C   1 
ATOM   1482 O O   . ALA B 1 94  ? -0.561  -13.029 -0.490  1.00 21.79 ? 94  ALA B O   1 
ATOM   1483 C CB  . ALA B 1 94  ? 1.344   -15.274 0.633   1.00 18.45 ? 94  ALA B CB  1 
ATOM   1484 N N   . LEU B 1 95  ? 0.254   -14.151 -2.252  1.00 24.12 ? 95  LEU B N   1 
ATOM   1485 C CA  . LEU B 1 95  ? -0.961  -13.924 -3.020  1.00 28.09 ? 95  LEU B CA  1 
ATOM   1486 C C   . LEU B 1 95  ? -1.178  -14.960 -4.103  1.00 25.74 ? 95  LEU B C   1 
ATOM   1487 O O   . LEU B 1 95  ? -0.233  -15.606 -4.558  1.00 19.18 ? 95  LEU B O   1 
ATOM   1488 C CB  . LEU B 1 95  ? -1.021  -12.496 -3.569  1.00 25.58 ? 95  LEU B CB  1 
ATOM   1489 C CG  . LEU B 1 95  ? -0.347  -12.026 -4.849  1.00 27.22 ? 95  LEU B CG  1 
ATOM   1490 C CD1 . LEU B 1 95  ? -0.987  -10.708 -5.255  1.00 28.49 ? 95  LEU B CD1 1 
ATOM   1491 C CD2 . LEU B 1 95  ? 1.154   -11.856 -4.648  1.00 28.05 ? 95  LEU B CD2 1 
ATOM   1492 N N   . SER B 1 96  ? -2.438  -15.121 -4.490  1.00 24.62 ? 96  SER B N   1 
ATOM   1493 C CA  . SER B 1 96  ? -2.808  -16.102 -5.495  1.00 29.56 ? 96  SER B CA  1 
ATOM   1494 C C   . SER B 1 96  ? -2.867  -15.439 -6.852  1.00 23.58 ? 96  SER B C   1 
ATOM   1495 O O   . SER B 1 96  ? -2.910  -14.220 -6.947  1.00 27.35 ? 96  SER B O   1 
ATOM   1496 C CB  . SER B 1 96  ? -4.160  -16.729 -5.158  1.00 23.89 ? 96  SER B CB  1 
ATOM   1497 O OG  . SER B 1 96  ? -5.186  -15.762 -5.252  1.00 24.92 ? 96  SER B OG  1 
ATOM   1498 N N   . LYS B 1 97  ? -2.853  -16.254 -7.901  1.00 26.81 ? 97  LYS B N   1 
ATOM   1499 C CA  . LYS B 1 97  ? -2.880  -15.750 -9.261  1.00 29.75 ? 97  LYS B CA  1 
ATOM   1500 C C   . LYS B 1 97  ? -4.172  -14.969 -9.460  1.00 26.10 ? 97  LYS B C   1 
ATOM   1501 O O   . LYS B 1 97  ? -4.218  -14.004 -10.214 1.00 27.03 ? 97  LYS B O   1 
ATOM   1502 C CB  . LYS B 1 97  ? -2.795  -16.915 -10.250 1.00 32.50 ? 97  LYS B CB  1 
ATOM   1503 C CG  . LYS B 1 97  ? -2.652  -16.511 -11.713 1.00 30.31 ? 97  LYS B CG  1 
ATOM   1504 C CD  . LYS B 1 97  ? -2.375  -17.744 -12.564 1.00 32.08 ? 97  LYS B CD  1 
ATOM   1505 C CE  . LYS B 1 97  ? -2.254  -17.404 -14.039 1.00 32.67 ? 97  LYS B CE  1 
ATOM   1506 N NZ  . LYS B 1 97  ? -2.281  -18.629 -14.890 1.00 39.05 ? 97  LYS B NZ  1 
ATOM   1507 N N   . GLY B 1 98  ? -5.217  -15.390 -8.756  1.00 29.43 ? 98  GLY B N   1 
ATOM   1508 C CA  . GLY B 1 98  ? -6.505  -14.718 -8.822  1.00 26.80 ? 98  GLY B CA  1 
ATOM   1509 C C   . GLY B 1 98  ? -6.491  -13.361 -8.145  1.00 28.28 ? 98  GLY B C   1 
ATOM   1510 O O   . GLY B 1 98  ? -7.081  -12.405 -8.647  1.00 23.74 ? 98  GLY B O   1 
ATOM   1511 N N   . GLN B 1 99  ? -5.833  -13.278 -6.992  1.00 22.24 ? 99  GLN B N   1 
ATOM   1512 C CA  . GLN B 1 99  ? -5.666  -12.005 -6.319  1.00 26.18 ? 99  GLN B CA  1 
ATOM   1513 C C   . GLN B 1 99  ? -4.785  -11.122 -7.195  1.00 26.30 ? 99  GLN B C   1 
ATOM   1514 O O   . GLN B 1 99  ? -5.041  -9.929  -7.348  1.00 30.44 ? 99  GLN B O   1 
ATOM   1515 C CB  . GLN B 1 99  ? -5.023  -12.191 -4.942  1.00 29.57 ? 99  GLN B CB  1 
ATOM   1516 C CG  . GLN B 1 99  ? -5.827  -13.053 -4.005  1.00 28.48 ? 99  GLN B CG  1 
ATOM   1517 C CD  . GLN B 1 99  ? -5.069  -13.458 -2.750  1.00 29.05 ? 99  GLN B CD  1 
ATOM   1518 O OE1 . GLN B 1 99  ? -4.337  -12.665 -2.157  1.00 28.39 ? 99  GLN B OE1 1 
ATOM   1519 N NE2 . GLN B 1 99  ? -5.261  -14.702 -2.331  1.00 31.05 ? 99  GLN B NE2 1 
ATOM   1520 N N   . LEU B 1 100 ? -3.756  -11.721 -7.786  1.00 27.45 ? 100 LEU B N   1 
ATOM   1521 C CA  . LEU B 1 100 ? -2.870  -10.981 -8.671  1.00 27.47 ? 100 LEU B CA  1 
ATOM   1522 C C   . LEU B 1 100 ? -3.647  -10.459 -9.875  1.00 26.57 ? 100 LEU B C   1 
ATOM   1523 O O   . LEU B 1 100 ? -3.611  -9.269  -10.176 1.00 25.90 ? 100 LEU B O   1 
ATOM   1524 C CB  . LEU B 1 100 ? -1.694  -11.854 -9.130  1.00 25.22 ? 100 LEU B CB  1 
ATOM   1525 C CG  . LEU B 1 100 ? -0.659  -11.213 -10.062 1.00 31.86 ? 100 LEU B CG  1 
ATOM   1526 C CD1 . LEU B 1 100 ? -0.310  -9.805  -9.595  1.00 29.26 ? 100 LEU B CD1 1 
ATOM   1527 C CD2 . LEU B 1 100 ? 0.598   -12.074 -10.175 1.00 33.41 ? 100 LEU B CD2 1 
ATOM   1528 N N   . LYS B 1 101 ? -4.353  -11.353 -10.558 1.00 26.89 ? 101 LYS B N   1 
ATOM   1529 C CA  . LYS B 1 101 ? -5.069  -10.976 -11.781 1.00 31.21 ? 101 LYS B CA  1 
ATOM   1530 C C   . LYS B 1 101 ? -6.089  -9.847  -11.601 1.00 29.67 ? 101 LYS B C   1 
ATOM   1531 O O   . LYS B 1 101 ? -6.248  -9.006  -12.490 1.00 30.24 ? 101 LYS B O   1 
ATOM   1532 C CB  . LYS B 1 101 ? -5.754  -12.190 -12.412 1.00 34.34 ? 101 LYS B CB  1 
ATOM   1533 C CG  . LYS B 1 101 ? -4.940  -12.850 -13.513 1.00 37.51 ? 101 LYS B CG  1 
ATOM   1534 C CD  . LYS B 1 101 ? -5.841  -13.416 -14.617 1.00 41.76 ? 101 LYS B CD  1 
ATOM   1535 C CE  . LYS B 1 101 ? -5.080  -14.391 -15.505 1.00 45.19 ? 101 LYS B CE  1 
ATOM   1536 N NZ  . LYS B 1 101 ? -5.734  -14.589 -16.833 1.00 46.31 ? 101 LYS B NZ  1 
ATOM   1537 N N   . GLU B 1 102 ? -6.784  -9.836  -10.464 1.00 27.17 ? 102 GLU B N   1 
ATOM   1538 C CA  . GLU B 1 102 ? -7.768  -8.792  -10.187 1.00 28.73 ? 102 GLU B CA  1 
ATOM   1539 C C   . GLU B 1 102 ? -7.111  -7.481  -9.714  1.00 31.45 ? 102 GLU B C   1 
ATOM   1540 O O   . GLU B 1 102 ? -7.677  -6.405  -9.883  1.00 23.81 ? 102 GLU B O   1 
ATOM   1541 C CB  . GLU B 1 102 ? -8.808  -9.283  -9.173  1.00 33.09 ? 102 GLU B CB  1 
ATOM   1542 C CG  . GLU B 1 102 ? -8.228  -9.623  -7.823  1.00 39.15 ? 102 GLU B CG  1 
ATOM   1543 C CD  . GLU B 1 102 ? -9.218  -10.303 -6.897  1.00 41.89 ? 102 GLU B CD  1 
ATOM   1544 O OE1 . GLU B 1 102 ? -10.436 -10.275 -7.187  1.00 41.94 ? 102 GLU B OE1 1 
ATOM   1545 O OE2 . GLU B 1 102 ? -8.767  -10.864 -5.875  1.00 37.04 ? 102 GLU B OE2 1 
ATOM   1546 N N   . PHE B 1 103 ? -5.922  -7.575  -9.124  1.00 29.98 ? 103 PHE B N   1 
ATOM   1547 C CA  . PHE B 1 103 ? -5.157  -6.385  -8.743  1.00 31.96 ? 103 PHE B CA  1 
ATOM   1548 C C   . PHE B 1 103 ? -4.696  -5.627  -9.994  1.00 27.51 ? 103 PHE B C   1 
ATOM   1549 O O   . PHE B 1 103 ? -4.808  -4.409  -10.053 1.00 32.56 ? 103 PHE B O   1 
ATOM   1550 C CB  . PHE B 1 103 ? -3.970  -6.764  -7.828  1.00 28.37 ? 103 PHE B CB  1 
ATOM   1551 C CG  . PHE B 1 103 ? -2.894  -5.696  -7.702  1.00 24.71 ? 103 PHE B CG  1 
ATOM   1552 C CD1 . PHE B 1 103 ? -1.749  -5.759  -8.484  1.00 24.92 ? 103 PHE B CD1 1 
ATOM   1553 C CD2 . PHE B 1 103 ? -3.005  -4.667  -6.766  1.00 22.05 ? 103 PHE B CD2 1 
ATOM   1554 C CE1 . PHE B 1 103 ? -0.750  -4.801  -8.362  1.00 29.93 ? 103 PHE B CE1 1 
ATOM   1555 C CE2 . PHE B 1 103 ? -2.009  -3.709  -6.631  1.00 21.95 ? 103 PHE B CE2 1 
ATOM   1556 C CZ  . PHE B 1 103 ? -0.876  -3.771  -7.431  1.00 22.77 ? 103 PHE B CZ  1 
ATOM   1557 N N   . LEU B 1 104 ? -4.199  -6.345  -10.998 1.00 25.35 ? 104 LEU B N   1 
ATOM   1558 C CA  . LEU B 1 104 ? -3.733  -5.690  -12.221 1.00 30.37 ? 104 LEU B CA  1 
ATOM   1559 C C   . LEU B 1 104 ? -4.892  -5.144  -13.050 1.00 33.30 ? 104 LEU B C   1 
ATOM   1560 O O   . LEU B 1 104 ? -4.809  -4.045  -13.595 1.00 30.70 ? 104 LEU B O   1 
ATOM   1561 C CB  . LEU B 1 104 ? -2.904  -6.650  -13.081 1.00 27.11 ? 104 LEU B CB  1 
ATOM   1562 C CG  . LEU B 1 104 ? -1.806  -7.475  -12.416 1.00 26.25 ? 104 LEU B CG  1 
ATOM   1563 C CD1 . LEU B 1 104 ? -1.347  -8.599  -13.328 1.00 32.44 ? 104 LEU B CD1 1 
ATOM   1564 C CD2 . LEU B 1 104 ? -0.643  -6.587  -12.039 1.00 29.97 ? 104 LEU B CD2 1 
ATOM   1565 N N   . ASP B 1 105 ? -5.965  -5.926  -13.152 1.00 32.96 ? 105 ASP B N   1 
ATOM   1566 C CA  . ASP B 1 105 ? -7.141  -5.536  -13.935 1.00 31.27 ? 105 ASP B CA  1 
ATOM   1567 C C   . ASP B 1 105 ? -7.752  -4.234  -13.431 1.00 33.91 ? 105 ASP B C   1 
ATOM   1568 O O   . ASP B 1 105 ? -8.116  -3.364  -14.221 1.00 35.54 ? 105 ASP B O   1 
ATOM   1569 C CB  . ASP B 1 105 ? -8.203  -6.646  -13.913 1.00 31.49 ? 105 ASP B CB  1 
ATOM   1570 C CG  . ASP B 1 105 ? -7.816  -7.844  -14.746 1.00 29.29 ? 105 ASP B CG  1 
ATOM   1571 O OD1 . ASP B 1 105 ? -6.862  -7.729  -15.547 1.00 33.44 ? 105 ASP B OD1 1 
ATOM   1572 O OD2 . ASP B 1 105 ? -8.467  -8.900  -14.605 1.00 31.40 ? 105 ASP B OD2 1 
ATOM   1573 N N   . ALA B 1 106 ? -7.856  -4.104  -12.113 1.00 27.96 ? 106 ALA B N   1 
ATOM   1574 C CA  . ALA B 1 106 ? -8.419  -2.911  -11.502 1.00 33.20 ? 106 ALA B CA  1 
ATOM   1575 C C   . ALA B 1 106 ? -7.423  -1.761  -11.540 1.00 36.88 ? 106 ALA B C   1 
ATOM   1576 O O   . ALA B 1 106 ? -7.726  -0.661  -11.081 1.00 44.70 ? 106 ALA B O   1 
ATOM   1577 C CB  . ALA B 1 106 ? -8.819  -3.195  -10.068 1.00 38.24 ? 106 ALA B CB  1 
ATOM   1578 N N   . ASN B 1 107 ? -6.234  -2.018  -12.073 1.00 33.21 ? 107 ASN B N   1 
ATOM   1579 C CA  . ASN B 1 107 ? -5.193  -0.992  -12.122 1.00 36.74 ? 107 ASN B CA  1 
ATOM   1580 C C   . ASN B 1 107 ? -4.680  -0.681  -13.525 1.00 35.57 ? 107 ASN B C   1 
ATOM   1581 O O   . ASN B 1 107 ? -3.990  0.312   -13.734 1.00 41.02 ? 107 ASN B O   1 
ATOM   1582 C CB  . ASN B 1 107 ? -4.023  -1.369  -11.211 1.00 33.56 ? 107 ASN B CB  1 
ATOM   1583 C CG  . ASN B 1 107 ? -4.242  -0.943  -9.772  1.00 29.08 ? 107 ASN B CG  1 
ATOM   1584 O OD1 . ASN B 1 107 ? -4.089  0.232   -9.424  1.00 30.98 ? 107 ASN B OD1 1 
ATOM   1585 N ND2 . ASN B 1 107 ? -4.576  -1.897  -8.926  1.00 29.65 ? 107 ASN B ND2 1 
ATOM   1586 N N   . LEU B 1 108 ? -5.016  -1.532  -14.486 1.00 39.24 ? 108 LEU B N   1 
ATOM   1587 C CA  . LEU B 1 108 ? -4.560  -1.342  -15.859 1.00 39.88 ? 108 LEU B CA  1 
ATOM   1588 C C   . LEU B 1 108 ? -5.735  -1.020  -16.774 1.00 39.75 ? 108 LEU B C   1 
ATOM   1589 O O   . LEU B 1 108 ? -5.590  -0.282  -17.749 1.00 41.05 ? 108 LEU B O   1 
ATOM   1590 C CB  . LEU B 1 108 ? -3.841  -2.598  -16.353 1.00 41.92 ? 108 LEU B CB  1 
ATOM   1591 C CG  . LEU B 1 108 ? -2.541  -2.991  -15.645 1.00 32.92 ? 108 LEU B CG  1 
ATOM   1592 C CD1 . LEU B 1 108 ? -2.000  -4.301  -16.210 1.00 34.39 ? 108 LEU B CD1 1 
ATOM   1593 C CD2 . LEU B 1 108 ? -1.516  -1.870  -15.774 1.00 32.80 ? 108 LEU B CD2 1 
ATOM   1594 N N   . ALA B 1 109 ? -6.893  -1.585  -16.443 1.00 39.81 ? 109 ALA B N   1 
ATOM   1595 C CA  . ALA B 1 109 ? -8.110  -1.413  -17.224 1.00 44.78 ? 109 ALA B CA  1 
ATOM   1596 C C   . ALA B 1 109 ? -9.252  -0.956  -16.323 1.00 48.04 ? 109 ALA B C   1 
ATOM   1597 O O   . ALA B 1 109 ? -9.042  -0.176  -15.391 1.00 48.69 ? 109 ALA B O   1 
ATOM   1598 C CB  . ALA B 1 109 ? -8.478  -2.716  -17.935 1.00 38.21 ? 109 ALA B CB  1 
HETATM 1599 O O   . HOH C 2 .   ? 1.257   10.925  12.596  1.00 14.36 ? 112 HOH A O   1 
HETATM 1600 O O   . HOH C 2 .   ? 1.949   20.473  5.282   1.00 16.70 ? 113 HOH A O   1 
HETATM 1601 O O   . HOH C 2 .   ? -15.569 -3.071  2.747   1.00 20.98 ? 114 HOH A O   1 
HETATM 1602 O O   . HOH C 2 .   ? 3.549   11.328  -0.206  1.00 18.28 ? 115 HOH A O   1 
HETATM 1603 O O   . HOH C 2 .   ? 3.680   17.662  9.701   1.00 21.62 ? 116 HOH A O   1 
HETATM 1604 O O   . HOH C 2 .   ? 5.768   10.419  11.775  1.00 16.88 ? 117 HOH A O   1 
HETATM 1605 O O   . HOH C 2 .   ? -6.945  10.075  -1.977  1.00 21.95 ? 118 HOH A O   1 
HETATM 1606 O O   . HOH C 2 .   ? -10.774 -5.696  14.489  1.00 26.25 ? 119 HOH A O   1 
HETATM 1607 O O   . HOH C 2 .   ? 10.151  5.970   7.530   1.00 22.50 ? 120 HOH A O   1 
HETATM 1608 O O   . HOH C 2 .   ? -5.039  17.238  -0.823  1.00 22.48 ? 121 HOH A O   1 
HETATM 1609 O O   . HOH C 2 .   ? 4.634   13.725  0.917   1.00 20.76 ? 122 HOH A O   1 
HETATM 1610 O O   . HOH C 2 .   ? -18.914 -1.029  14.881  1.00 24.63 ? 123 HOH A O   1 
HETATM 1611 O O   . HOH C 2 .   ? -15.250 17.435  9.696   1.00 19.90 ? 124 HOH A O   1 
HETATM 1612 O O   . HOH C 2 .   ? -18.356 -5.404  13.260  1.00 33.18 ? 125 HOH A O   1 
HETATM 1613 O O   . HOH C 2 .   ? -4.268  15.214  12.537  1.00 26.35 ? 126 HOH A O   1 
HETATM 1614 O O   . HOH C 2 .   ? 9.705   14.517  2.692   1.00 27.20 ? 127 HOH A O   1 
HETATM 1615 O O   . HOH C 2 .   ? 0.597   6.285   22.589  1.00 23.98 ? 128 HOH A O   1 
HETATM 1616 O O   . HOH C 2 .   ? -11.405 1.190   -1.253  1.00 33.38 ? 129 HOH A O   1 
HETATM 1617 O O   . HOH C 2 .   ? 10.486  7.263   2.671   1.00 40.07 ? 130 HOH A O   1 
HETATM 1618 O O   . HOH C 2 .   ? 3.143   9.624   11.153  1.00 21.36 ? 131 HOH A O   1 
HETATM 1619 O O   . HOH C 2 .   ? -0.050  7.403   -6.118  1.00 24.62 ? 133 HOH A O   1 
HETATM 1620 O O   . HOH C 2 .   ? 13.609  4.813   5.842   1.00 38.82 ? 134 HOH A O   1 
HETATM 1621 O O   . HOH C 2 .   ? -8.663  2.124   19.320  1.00 18.38 ? 135 HOH A O   1 
HETATM 1622 O O   . HOH C 2 .   ? -5.975  -12.401 12.037  1.00 36.91 ? 136 HOH A O   1 
HETATM 1623 O O   . HOH C 2 .   ? -4.975  -11.903 9.750   1.00 25.76 ? 137 HOH A O   1 
HETATM 1624 O O   . HOH C 2 .   ? -23.005 11.210  3.253   1.00 17.06 ? 138 HOH A O   1 
HETATM 1625 O O   . HOH C 2 .   ? -6.321  23.367  3.682   1.00 22.09 ? 139 HOH A O   1 
HETATM 1626 O O   . HOH C 2 .   ? -0.270  -2.625  14.577  1.00 26.99 ? 140 HOH A O   1 
HETATM 1627 O O   . HOH C 2 .   ? 3.270   23.169  14.461  1.00 29.88 ? 141 HOH A O   1 
HETATM 1628 O O   . HOH C 2 .   ? 2.467   -1.294  2.148   1.00 21.66 ? 142 HOH A O   1 
HETATM 1629 O O   . HOH C 2 .   ? 6.445   17.425  10.781  1.00 20.12 ? 143 HOH A O   1 
HETATM 1630 O O   . HOH C 2 .   ? -7.908  9.166   23.949  1.00 26.94 ? 144 HOH A O   1 
HETATM 1631 O O   . HOH C 2 .   ? -2.277  10.903  19.063  1.00 20.54 ? 145 HOH A O   1 
HETATM 1632 O O   . HOH C 2 .   ? -5.781  -6.015  9.872   1.00 27.80 ? 146 HOH A O   1 
HETATM 1633 O O   . HOH C 2 .   ? 3.212   8.990   2.116   1.00 20.59 ? 147 HOH A O   1 
HETATM 1634 O O   . HOH C 2 .   ? -23.762 7.573   12.084  1.00 22.08 ? 148 HOH A O   1 
HETATM 1635 O O   . HOH C 2 .   ? -21.483 8.322   6.073   1.00 29.41 ? 149 HOH A O   1 
HETATM 1636 O O   . HOH C 2 .   ? -17.777 15.352  4.064   1.00 25.94 ? 150 HOH A O   1 
HETATM 1637 O O   . HOH C 2 .   ? -6.748  -3.624  15.390  1.00 28.93 ? 151 HOH A O   1 
HETATM 1638 O O   . HOH C 2 .   ? -22.381 14.067  13.607  1.00 26.53 ? 152 HOH A O   1 
HETATM 1639 O O   . HOH C 2 .   ? -3.901  15.944  16.229  1.00 26.32 ? 153 HOH A O   1 
HETATM 1640 O O   . HOH C 2 .   ? -12.135 15.142  20.628  1.00 28.10 ? 154 HOH A O   1 
HETATM 1641 O O   . HOH C 2 .   ? -12.718 -9.268  1.086   1.00 33.89 ? 155 HOH A O   1 
HETATM 1642 O O   . HOH C 2 .   ? 7.975   -5.534  8.601   1.00 30.24 ? 156 HOH A O   1 
HETATM 1643 O O   . HOH C 2 .   ? -4.789  -12.677 1.462   1.00 26.80 ? 157 HOH A O   1 
HETATM 1644 O O   . HOH C 2 .   ? -8.897  -0.562  -2.513  1.00 24.87 ? 158 HOH A O   1 
HETATM 1645 O O   . HOH C 2 .   ? -7.052  3.820   18.194  1.00 23.62 ? 159 HOH A O   1 
HETATM 1646 O O   . HOH C 2 .   ? -12.032 -8.397  18.554  1.00 36.32 ? 160 HOH A O   1 
HETATM 1647 O O   . HOH C 2 .   ? -12.861 18.279  2.494   1.00 29.46 ? 161 HOH A O   1 
HETATM 1648 O O   . HOH C 2 .   ? -3.925  10.182  -13.094 1.00 32.80 ? 162 HOH A O   1 
HETATM 1649 O O   . HOH C 2 .   ? -2.509  12.828  16.610  1.00 27.73 ? 163 HOH A O   1 
HETATM 1650 O O   . HOH C 2 .   ? -15.631 -12.157 2.458   1.00 27.51 ? 164 HOH A O   1 
HETATM 1651 O O   . HOH C 2 .   ? 16.415  5.719   9.552   1.00 25.99 ? 165 HOH A O   1 
HETATM 1652 O O   . HOH C 2 .   ? -0.580  8.666   20.131  1.00 33.15 ? 166 HOH A O   1 
HETATM 1653 O O   . HOH C 2 .   ? -3.263  21.981  10.790  1.00 31.79 ? 167 HOH A O   1 
HETATM 1654 O O   . HOH C 2 .   ? -3.096  -10.143 10.563  1.00 28.41 ? 168 HOH A O   1 
HETATM 1655 O O   . HOH C 2 .   ? -6.244  -11.359 3.763   1.00 33.72 ? 169 HOH A O   1 
HETATM 1656 O O   . HOH C 2 .   ? -7.480  3.528   -2.358  1.00 28.73 ? 170 HOH A O   1 
HETATM 1657 O O   . HOH C 2 .   ? -6.610  15.865  18.124  1.00 26.53 ? 171 HOH A O   1 
HETATM 1658 O O   . HOH C 2 .   ? 10.070  8.484   7.108   1.00 32.28 ? 172 HOH A O   1 
HETATM 1659 O O   . HOH C 2 .   ? -12.419 -6.667  21.349  1.00 29.83 ? 173 HOH A O   1 
HETATM 1660 O O   . HOH C 2 .   ? -22.568 15.985  6.210   1.00 30.12 ? 174 HOH A O   1 
HETATM 1661 O O   . HOH C 2 .   ? -18.886 10.708  19.048  1.00 37.72 ? 175 HOH A O   1 
HETATM 1662 O O   . HOH C 2 .   ? -15.095 -6.510  18.442  1.00 29.95 ? 176 HOH A O   1 
HETATM 1663 O O   . HOH C 2 .   ? 11.418  10.501  0.508   1.00 37.18 ? 177 HOH A O   1 
HETATM 1664 O O   . HOH C 2 .   ? -3.182  19.224  10.020  1.00 29.14 ? 178 HOH A O   1 
HETATM 1665 O O   . HOH C 2 .   ? 7.181   -2.217  8.320   1.00 24.36 ? 179 HOH A O   1 
HETATM 1666 O O   . HOH C 2 .   ? -9.605  16.863  1.089   1.00 27.97 ? 180 HOH A O   1 
HETATM 1667 O O   . HOH C 2 .   ? -18.105 -11.429 4.804   1.00 34.48 ? 181 HOH A O   1 
HETATM 1668 O O   . HOH C 2 .   ? -7.347  9.073   7.015   1.00 26.52 ? 182 HOH A O   1 
HETATM 1669 O O   . HOH C 2 .   ? 11.203  -1.961  6.754   1.00 30.63 ? 183 HOH A O   1 
HETATM 1670 O O   . HOH C 2 .   ? -6.711  12.786  15.885  1.00 25.96 ? 184 HOH A O   1 
HETATM 1671 O O   . HOH C 2 .   ? -11.345 -1.850  -0.883  1.00 26.41 ? 185 HOH A O   1 
HETATM 1672 O O   . HOH C 2 .   ? -5.000  18.346  14.982  1.00 27.57 ? 186 HOH A O   1 
HETATM 1673 O O   . HOH C 2 .   ? -18.767 15.811  16.609  1.00 31.89 ? 187 HOH A O   1 
HETATM 1674 O O   . HOH C 2 .   ? 14.990  3.835   9.091   1.00 28.10 ? 188 HOH A O   1 
HETATM 1675 O O   . HOH C 2 .   ? 5.823   -3.346  1.167   1.00 29.31 ? 189 HOH A O   1 
HETATM 1676 O O   . HOH C 2 .   ? -8.617  1.908   27.197  1.00 26.46 ? 190 HOH A O   1 
HETATM 1677 O O   . HOH C 2 .   ? -6.044  11.369  -12.279 1.00 41.26 ? 191 HOH A O   1 
HETATM 1678 O O   . HOH C 2 .   ? -20.352 15.046  2.958   1.00 33.05 ? 192 HOH A O   1 
HETATM 1679 O O   . HOH C 2 .   ? 14.141  1.599   6.441   1.00 34.04 ? 193 HOH A O   1 
HETATM 1680 O O   . HOH D 2 .   ? 10.760  -10.153 6.890   1.00 24.25 ? 132 HOH B O   1 
HETATM 1681 O O   . HOH D 2 .   ? 17.812  -13.362 -1.699  1.00 19.52 ? 133 HOH B O   1 
HETATM 1682 O O   . HOH D 2 .   ? -1.361  -6.218  0.015   1.00 16.85 ? 134 HOH B O   1 
HETATM 1683 O O   . HOH D 2 .   ? 24.291  -2.114  -3.503  1.00 31.94 ? 135 HOH B O   1 
HETATM 1684 O O   . HOH D 2 .   ? 6.712   -0.425  5.520   1.00 16.34 ? 136 HOH B O   1 
HETATM 1685 O O   . HOH D 2 .   ? 17.197  2.981   -6.927  1.00 25.33 ? 137 HOH B O   1 
HETATM 1686 O O   . HOH D 2 .   ? 12.343  -20.182 -0.601  1.00 22.19 ? 138 HOH B O   1 
HETATM 1687 O O   . HOH D 2 .   ? 0.176   -11.962 -23.525 1.00 42.90 ? 139 HOH B O   1 
HETATM 1688 O O   . HOH D 2 .   ? 5.095   -9.215  -19.939 1.00 38.56 ? 140 HOH B O   1 
HETATM 1689 O O   . HOH D 2 .   ? -1.087  -9.651  -23.989 1.00 36.76 ? 141 HOH B O   1 
HETATM 1690 O O   . HOH D 2 .   ? -3.002  -19.166 -7.329  1.00 26.47 ? 142 HOH B O   1 
HETATM 1691 O O   . HOH D 2 .   ? 11.506  -16.584 -13.556 1.00 27.42 ? 143 HOH B O   1 
HETATM 1692 O O   . HOH D 2 .   ? 2.808   -9.144  -2.838  1.00 27.87 ? 144 HOH B O   1 
HETATM 1693 O O   . HOH D 2 .   ? 23.701  -1.461  -8.538  1.00 24.45 ? 145 HOH B O   1 
HETATM 1694 O O   . HOH D 2 .   ? 10.550  -9.322  4.279   1.00 20.40 ? 146 HOH B O   1 
HETATM 1695 O O   . HOH D 2 .   ? 10.048  2.491   -22.426 1.00 28.40 ? 147 HOH B O   1 
HETATM 1696 O O   . HOH D 2 .   ? 1.095   -17.660 -4.408  1.00 24.69 ? 148 HOH B O   1 
HETATM 1697 O O   . HOH D 2 .   ? -8.295  -14.138 -2.470  1.00 31.22 ? 149 HOH B O   1 
HETATM 1698 O O   . HOH D 2 .   ? -8.963  -8.792  -4.436  1.00 26.66 ? 150 HOH B O   1 
HETATM 1699 O O   . HOH D 2 .   ? 23.297  -4.138  -7.357  1.00 25.58 ? 151 HOH B O   1 
HETATM 1700 O O   . HOH D 2 .   ? 3.062   -17.963 -0.571  1.00 15.37 ? 152 HOH B O   1 
HETATM 1701 O O   . HOH D 2 .   ? 19.613  -8.332  -11.826 1.00 31.27 ? 153 HOH B O   1 
HETATM 1702 O O   . HOH D 2 .   ? 9.557   -13.488 -6.486  1.00 24.49 ? 154 HOH B O   1 
HETATM 1703 O O   . HOH D 2 .   ? 3.300   -21.293 -7.115  1.00 26.56 ? 155 HOH B O   1 
HETATM 1704 O O   . HOH D 2 .   ? -7.677  -16.067 -4.240  1.00 30.51 ? 156 HOH B O   1 
HETATM 1705 O O   . HOH D 2 .   ? 9.130   -15.418 -18.516 1.00 31.97 ? 157 HOH B O   1 
HETATM 1706 O O   . HOH D 2 .   ? 20.311  -14.454 0.957   1.00 25.26 ? 158 HOH B O   1 
HETATM 1707 O O   . HOH D 2 .   ? 6.234   3.001   -15.899 1.00 30.51 ? 159 HOH B O   1 
HETATM 1708 O O   . HOH D 2 .   ? 9.480   -21.669 -10.815 1.00 32.85 ? 160 HOH B O   1 
HETATM 1709 O O   . HOH D 2 .   ? 18.413  4.451   -2.053  1.00 31.28 ? 161 HOH B O   1 
HETATM 1710 O O   . HOH D 2 .   ? -8.409  -6.860  -17.525 1.00 31.00 ? 162 HOH B O   1 
HETATM 1711 O O   . HOH D 2 .   ? 2.722   8.686   -7.883  1.00 31.58 ? 163 HOH B O   1 
HETATM 1712 O O   . HOH D 2 .   ? 15.538  -10.210 -9.448  1.00 29.10 ? 164 HOH B O   1 
HETATM 1713 O O   . HOH D 2 .   ? 7.450   -9.021  -18.400 1.00 33.57 ? 165 HOH B O   1 
HETATM 1714 O O   . HOH D 2 .   ? 11.495  4.978   3.948   1.00 27.88 ? 166 HOH B O   1 
HETATM 1715 O O   . HOH D 2 .   ? -0.837  -8.221  2.818   1.00 26.49 ? 167 HOH B O   1 
HETATM 1716 O O   . HOH D 2 .   ? 2.509   -16.286 -2.478  1.00 30.22 ? 168 HOH B O   1 
HETATM 1717 O O   . HOH D 2 .   ? 1.309   8.074   -14.706 1.00 34.05 ? 169 HOH B O   1 
HETATM 1718 O O   . HOH D 2 .   ? 1.353   5.591   -11.519 1.00 33.25 ? 170 HOH B O   1 
HETATM 1719 O O   . HOH D 2 .   ? 16.486  -9.067  -18.330 1.00 40.99 ? 171 HOH B O   1 
HETATM 1720 O O   . HOH D 2 .   ? 3.870   -3.012  -22.663 1.00 31.92 ? 172 HOH B O   1 
HETATM 1721 O O   . HOH D 2 .   ? 5.252   -18.994 -17.379 1.00 39.60 ? 173 HOH B O   1 
HETATM 1722 O O   . HOH D 2 .   ? -10.784 -7.151  -16.834 1.00 30.84 ? 174 HOH B O   1 
HETATM 1723 O O   . HOH D 2 .   ? 19.764  5.709   -19.316 1.00 31.65 ? 175 HOH B O   1 
HETATM 1724 O O   . HOH D 2 .   ? -10.760 -5.310  -13.713 1.00 35.73 ? 176 HOH B O   1 
HETATM 1725 O O   . HOH D 2 .   ? -8.896  -13.102 -10.599 1.00 37.25 ? 177 HOH B O   1 
HETATM 1726 O O   . HOH D 2 .   ? 17.762  -7.976  -9.147  1.00 30.45 ? 178 HOH B O   1 
HETATM 1727 O O   . HOH D 2 .   ? 15.296  -10.353 -11.929 1.00 32.98 ? 179 HOH B O   1 
HETATM 1728 O O   . HOH D 2 .   ? 10.618  -17.310 -17.977 1.00 36.05 ? 180 HOH B O   1 
HETATM 1729 O O   . HOH D 2 .   ? -5.975  -18.217 -7.888  1.00 36.55 ? 181 HOH B O   1 
HETATM 1730 O O   . HOH D 2 .   ? 5.833   2.090   3.421   1.00 32.32 ? 182 HOH B O   1 
HETATM 1731 O O   . HOH D 2 .   ? -2.947  -20.654 -9.997  1.00 34.43 ? 183 HOH B O   1 
HETATM 1732 O O   . HOH D 2 .   ? -2.553  -0.575  -3.350  1.00 29.96 ? 184 HOH B O   1 
HETATM 1733 O O   . HOH D 2 .   ? -9.489  1.972   -12.476 1.00 35.24 ? 185 HOH B O   1 
# 
